data_4CAK
#
_entry.id   4CAK
#
_cell.length_a   1.000
_cell.length_b   1.000
_cell.length_c   1.000
_cell.angle_alpha   90.00
_cell.angle_beta   90.00
_cell.angle_gamma   90.00
#
_symmetry.space_group_name_H-M   'P 1'
#
loop_
_entity.id
_entity.type
_entity.pdbx_description
1 polymer 'Integrin alpha-IIb'
2 polymer 'Integrin beta-3'
3 branched 2-acetamido-2-deoxy-beta-D-glucopyranose-(1-4)-2-acetamido-2-deoxy-beta-D-glucopyranose
4 branched alpha-D-mannopyranose-(1-3)-beta-D-mannopyranose-(1-4)-2-acetamido-2-deoxy-beta-D-glucopyranose-(1-4)-2-acetamido-2-deoxy-beta-D-glucopyranose
5 branched beta-D-mannopyranose-(1-4)-2-acetamido-2-deoxy-beta-D-glucopyranose-(1-4)-2-acetamido-2-deoxy-beta-D-glucopyranose
6 branched alpha-D-mannopyranose-(1-2)-alpha-D-mannopyranose-(1-3)-beta-D-mannopyranose-(1-4)-2-acetamido-2-deoxy-beta-D-glucopyranose-(1-4)-2-acetamido-2-deoxy-beta-D-glucopyranose
7 non-polymer 2-acetamido-2-deoxy-beta-D-glucopyranose
#
loop_
_entity_poly.entity_id
_entity_poly.type
_entity_poly.pdbx_seq_one_letter_code
_entity_poly.pdbx_strand_id
1 'polypeptide(L)'
;LNLDPVQLTFYAGPNGSQFGFSLDFHKDSHGRVAIVVGAPRTLGPSQEETGGVFLCPWRAEGGQCPSLLFDLRDETRNVG
SQTLQTFKARQGLGASVVSWSDVIVACAPWQHWNVLEKTEEAEKTPVGSCFLAQPESGRRAEYSPCRGNTLSRIYVENDF
SWDKRYCEAGFSSVVTQAGELVLGAPGGYYFLGLLAQAPVADIFSSYRPGILLWHVSSQSLSFDSSNPEYFDGYWGYSVA
VGEFDGDLNTTEYVVGAPTWSWTLGAVEILDSYYQRLHRLRGEQMASYFGHSVAVTDVNGDGRHDLLVGAPLYMESRADR
KLAEVGRVYLFLQPRGPHALGAPSLLLTGTQLYGRFGSAIAPLGDLDRDGYNDIAVAAPYGGPSGRGQVLVFLGQSEGLR
SRPSQVLDSPFPTGSAFGFSLRGAVDIDDNGYPDLIVGAYGANQVAVYRAQPVVKASVQLLVQDSLNPAVKSCVLPQTKT
PVSCFNIQMCVGATGHNIPQKLSLNAELQLDRQKPRQGRRVLLLGSQQAGTTLNLDLGGKHSPICHTTMAFLRDEADFRD
KLSPIVLSLNVSLPPTEAGMAPAVVLHGDTHVQEQTRIVLDCGEDDVCVPQLQLTASVTGSPLLVGADNVLELQMDAANE
GEGAYEAELAVHLPQGAHYMRALSNVEGFERLICNQKKENETRVVLCELGNPMKKNAQIGIAMLVSVGNLEEAGESVSFQ
LQIRSKNSQNPNSKIVLLDVPVRAEAQVELRGNSFPASLVVAAEEGEREQNSLDSWGPKVEHTYELHNNGPGTVNGLHLS
IHLPGQSQPSDLLYILDIQPQGGLQCFPQPPVNPLKVDWGLPIPSPSPIHPAHHKRDRRQIFLPEPEQPSRLQDPVLVSC
DSAPCTVVQCDLQEMARGQRAMVTVLAFLWLPSLYQRPLDQFVLQSHAWFNVSSLPYAVPPLSLPRGEAQVWTQLLRAC
;
A
2 'polypeptide(L)'
;GPNICTTRGVSSCQQCLAVSPMCAWCSDEALPLGSPRCDLKENLLKDNCAPESIEFPVSEARVLEDRPLSDKGSGDSSQV
TQVSPQRIALRLRPDDSKNFSIQVRQVEDYPVDIYYLMDLSYSMKDDLWSIQNLGTKLATQMRKLTSNLRIGFGAFVDKP
VSPYMYISPPEALENPCYDMKTTCLPMFGYKHVLTLTDQVTRFNEEVKKQSVSRNRDAPEGGFDAIMQATVCDEKIGWRN
DASHLLVFTTDAKTHIALDGRLAGIVQPNDGQCHVGSDNHYSASTTMDYPSLGLMTEKLSQKNINLIFAVTENVVNLYQN
YSELIPGTTVGVLSMDSSNVLQLIVDAYGKIRSKVELEVRDLPEELSLSFNATCLNNEVIPGLKSCMGLKIGDTVSFSIE
AKVRGCPQEKEKSFTIKPVGFKDSLIVQVTFDCDCACQAQAEPNSHRCNNGNGTFECGVCRCGPGWLGSQCECSEEDYRP
SQQDECSPREGQPVCSQRGECLCGQCVCHSSDFGKITGKYCECDDFSCVRYKGEMCSGHGQCSCGDCLCDSDWTGYYCNC
TTRTDTCMSSNGLLCSGRGKCECGSCVCIQPGSYGDTCEKCPTCPDACTFKKECVECKKFDRGALHDENTCNRYCRDEIE
SVKELKDTGKDAVNCTYKNEDDCVVRFQYYEDSSGKSILYVVEEPECCKG
;
B
#
loop_
_chem_comp.id
_chem_comp.type
_chem_comp.name
_chem_comp.formula
BMA D-saccharide, beta linking beta-D-mannopyranose 'C6 H12 O6'
MAN D-saccharide, alpha linking alpha-D-mannopyranose 'C6 H12 O6'
NAG D-saccharide, beta linking 2-acetamido-2-deoxy-beta-D-glucopyranose 'C8 H15 N O6'
#
# COMPACT_ATOMS: atom_id res chain seq x y z
N ASN A 2 -1.45 23.37 -6.66
CA ASN A 2 -1.10 24.79 -6.63
C ASN A 2 0.39 24.96 -6.92
N LEU A 3 0.93 24.13 -7.81
CA LEU A 3 2.33 24.06 -8.21
C LEU A 3 2.35 23.62 -9.66
N ASP A 4 1.93 24.51 -10.54
CA ASP A 4 1.75 24.25 -11.97
C ASP A 4 2.86 24.98 -12.75
N PRO A 5 3.23 24.52 -13.97
CA PRO A 5 4.27 25.15 -14.81
C PRO A 5 3.88 26.53 -15.42
N VAL A 6 2.94 27.24 -14.78
CA VAL A 6 2.52 28.61 -15.12
C VAL A 6 3.58 29.63 -14.70
N GLN A 7 4.41 29.30 -13.71
CA GLN A 7 5.42 30.14 -13.07
C GLN A 7 6.71 29.32 -12.93
N LEU A 8 7.21 28.87 -14.07
CA LEU A 8 8.48 28.18 -14.23
C LEU A 8 9.55 29.25 -14.53
N THR A 9 10.56 29.33 -13.67
CA THR A 9 11.73 30.17 -13.82
C THR A 9 12.91 29.21 -14.15
N PHE A 10 13.68 29.49 -15.22
CA PHE A 10 14.80 28.69 -15.65
C PHE A 10 16.11 29.40 -15.29
N TYR A 11 16.98 28.73 -14.53
CA TYR A 11 18.31 29.19 -14.20
C TYR A 11 19.31 28.30 -14.93
N ALA A 12 20.26 28.93 -15.64
CA ALA A 12 21.26 28.28 -16.49
C ALA A 12 22.65 28.44 -15.90
N GLY A 13 23.53 27.49 -16.25
CA GLY A 13 24.98 27.54 -16.07
C GLY A 13 25.65 27.55 -17.44
N PRO A 14 26.99 27.48 -17.52
CA PRO A 14 27.68 27.29 -18.80
C PRO A 14 27.40 25.89 -19.37
N ASN A 15 27.52 27.74 -18.68
N ASN A 15 27.15 25.80 -20.67
CA ASN A 15 27.05 26.65 -19.53
CA ASN A 15 26.80 24.58 -21.40
C ASN A 15 28.04 25.50 -19.53
C ASN A 15 27.99 23.60 -21.38
N GLY A 16 27.55 24.29 -19.32
N GLY A 16 27.80 22.46 -20.72
CA GLY A 16 28.38 23.09 -19.30
CA GLY A 16 28.78 21.37 -20.61
C GLY A 16 29.09 22.84 -17.98
C GLY A 16 29.24 21.14 -19.17
N SER A 17 28.73 23.60 -16.95
N SER A 17 28.99 22.08 -18.25
CA SER A 17 29.36 23.48 -15.63
CA SER A 17 29.52 22.06 -16.89
C SER A 17 28.65 22.49 -14.72
C SER A 17 28.88 20.98 -15.98
N GLN A 18 27.46 22.06 -15.12
N GLN A 18 27.70 20.48 -16.35
CA GLN A 18 26.59 21.22 -14.29
CA GLN A 18 26.87 19.51 -15.65
C GLN A 18 26.30 21.88 -12.95
C GLN A 18 26.03 20.19 -14.57
N PHE A 19 25.56 21.41 -14.87
CA PHE A 19 24.82 22.31 -13.99
C PHE A 19 23.45 21.72 -13.64
N GLY A 20 23.30 21.29 -12.38
CA GLY A 20 22.13 20.57 -11.89
C GLY A 20 22.50 19.15 -11.47
N PHE A 21 23.78 18.84 -11.28
CA PHE A 21 24.27 17.59 -10.69
C PHE A 21 23.89 17.54 -9.20
N SER A 22 23.96 18.69 -8.54
CA SER A 22 23.48 18.95 -7.18
C SER A 22 22.93 20.38 -7.15
N LEU A 23 21.98 20.64 -6.25
CA LEU A 23 21.48 21.98 -5.92
C LEU A 23 20.94 21.98 -4.49
N ASP A 24 20.87 23.17 -3.89
CA ASP A 24 20.18 23.45 -2.64
C ASP A 24 19.78 24.92 -2.60
N PHE A 25 18.93 25.31 -1.66
CA PHE A 25 18.58 26.69 -1.38
C PHE A 25 19.53 27.22 -0.29
N HIS A 26 20.19 28.35 -0.54
CA HIS A 26 20.86 29.16 0.47
C HIS A 26 19.84 30.22 0.92
N LYS A 27 19.69 30.39 2.23
CA LYS A 27 18.94 31.48 2.84
C LYS A 27 19.99 32.47 3.30
N ASP A 28 19.89 33.71 2.81
CA ASP A 28 20.80 34.80 3.08
C ASP A 28 20.13 35.72 4.10
N SER A 29 20.87 36.08 5.16
CA SER A 29 20.41 36.88 6.30
C SER A 29 20.20 38.36 5.93
N HIS A 30 20.62 38.81 4.73
CA HIS A 30 20.32 40.12 4.19
C HIS A 30 18.84 40.25 3.76
N GLY A 31 18.12 39.13 3.69
CA GLY A 31 16.69 39.07 3.43
C GLY A 31 16.41 38.47 2.05
N ARG A 32 17.16 37.44 1.65
CA ARG A 32 17.08 36.84 0.32
C ARG A 32 17.11 35.31 0.45
N VAL A 33 16.61 34.61 -0.56
CA VAL A 33 16.97 33.25 -0.87
C VAL A 33 17.80 33.31 -2.16
N ALA A 34 18.75 32.41 -2.28
CA ALA A 34 19.55 32.13 -3.46
C ALA A 34 19.53 30.60 -3.66
N ILE A 35 19.72 30.13 -4.89
CA ILE A 35 19.85 28.69 -5.16
C ILE A 35 21.35 28.45 -5.41
N VAL A 36 21.93 27.51 -4.65
CA VAL A 36 23.25 26.96 -4.87
C VAL A 36 23.07 25.86 -5.93
N VAL A 37 23.97 25.81 -6.92
CA VAL A 37 23.99 24.78 -7.94
C VAL A 37 25.44 24.26 -8.04
N GLY A 38 25.57 22.94 -8.21
CA GLY A 38 26.82 22.22 -8.34
C GLY A 38 26.95 21.68 -9.77
N ALA A 39 28.18 21.79 -10.30
CA ALA A 39 28.56 21.46 -11.67
C ALA A 39 30.00 20.88 -11.62
N PRO A 40 30.17 19.56 -11.43
CA PRO A 40 31.47 18.96 -11.08
C PRO A 40 32.52 18.94 -12.21
N ARG A 41 32.10 19.08 -13.47
CA ARG A 41 32.96 19.03 -14.65
C ARG A 41 32.95 20.40 -15.34
N THR A 42 32.96 21.48 -14.55
CA THR A 42 33.29 22.82 -15.03
C THR A 42 34.82 22.88 -15.18
N LEU A 43 35.29 23.35 -16.34
CA LEU A 43 36.70 23.60 -16.64
C LEU A 43 37.17 24.81 -15.80
N GLY A 44 38.40 24.78 -15.33
CA GLY A 44 39.00 25.87 -14.56
C GLY A 44 40.07 26.60 -15.37
N PRO A 45 40.76 27.63 -14.80
CA PRO A 45 41.82 28.40 -15.44
C PRO A 45 42.93 27.60 -16.16
N SER A 46 43.20 26.39 -15.68
CA SER A 46 44.13 25.40 -16.23
C SER A 46 43.67 24.80 -17.57
N GLN A 47 42.38 24.91 -17.91
CA GLN A 47 41.70 24.39 -19.11
C GLN A 47 41.34 22.90 -18.99
N GLU A 48 41.47 22.35 -17.77
CA GLU A 48 41.13 21.00 -17.34
C GLU A 48 39.94 21.12 -16.36
N GLU A 49 39.22 20.02 -16.15
CA GLU A 49 38.08 19.89 -15.24
C GLU A 49 38.53 20.17 -13.80
N THR A 50 37.92 21.16 -13.12
CA THR A 50 38.31 21.61 -11.79
C THR A 50 37.07 21.72 -10.85
N GLY A 51 35.88 21.98 -11.44
CA GLY A 51 34.60 21.96 -10.74
C GLY A 51 34.08 23.38 -10.49
N GLY A 52 32.75 23.55 -10.50
CA GLY A 52 32.06 24.81 -10.38
C GLY A 52 30.97 24.71 -9.32
N VAL A 53 30.92 25.70 -8.44
CA VAL A 53 29.80 26.00 -7.56
C VAL A 53 29.28 27.35 -8.06
N PHE A 54 27.96 27.44 -8.27
CA PHE A 54 27.28 28.62 -8.75
C PHE A 54 26.21 28.99 -7.72
N LEU A 55 25.89 30.28 -7.63
CA LEU A 55 24.95 30.84 -6.66
C LEU A 55 24.02 31.76 -7.43
N CYS A 56 22.82 31.27 -7.74
CA CYS A 56 21.82 31.96 -8.54
C CYS A 56 21.05 32.96 -7.64
N PRO A 57 20.94 34.24 -8.02
CA PRO A 57 20.18 35.24 -7.27
C PRO A 57 18.68 35.07 -7.55
N TRP A 58 17.80 35.49 -6.61
CA TRP A 58 16.37 35.54 -6.87
C TRP A 58 16.07 36.59 -7.96
N ARG A 59 15.38 36.15 -9.01
CA ARG A 59 14.84 36.93 -10.11
C ARG A 59 13.92 35.97 -10.89
N ALA A 60 12.67 36.37 -11.16
CA ALA A 60 11.64 35.49 -11.70
C ALA A 60 11.79 35.24 -13.21
N GLU A 61 12.51 36.12 -13.91
CA GLU A 61 12.94 35.96 -15.30
C GLU A 61 13.99 34.84 -15.45
N GLY A 62 14.81 34.60 -14.42
CA GLY A 62 15.76 33.49 -14.36
C GLY A 62 17.14 33.94 -14.83
N GLY A 63 17.79 33.12 -15.66
CA GLY A 63 18.95 33.49 -16.45
C GLY A 63 20.23 32.74 -16.09
N GLN A 64 21.37 33.23 -16.54
CA GLN A 64 22.69 32.65 -16.31
C GLN A 64 23.18 33.03 -14.91
N CYS A 65 23.45 32.03 -14.07
CA CYS A 65 23.87 32.26 -12.67
C CYS A 65 25.38 32.54 -12.57
N PRO A 66 25.80 33.45 -11.69
CA PRO A 66 27.23 33.70 -11.42
C PRO A 66 27.85 32.57 -10.55
N SER A 67 29.16 32.43 -10.67
CA SER A 67 29.99 31.47 -9.97
C SER A 67 30.22 31.94 -8.52
N LEU A 68 30.12 31.03 -7.55
CA LEU A 68 30.59 31.25 -6.18
C LEU A 68 32.09 30.92 -6.25
N LEU A 69 32.93 31.96 -6.17
CA LEU A 69 34.33 31.89 -6.56
C LEU A 69 35.16 31.21 -5.46
N PHE A 70 35.60 29.98 -5.73
CA PHE A 70 36.65 29.28 -5.01
C PHE A 70 37.94 29.41 -5.85
N ASP A 71 39.06 29.61 -5.17
CA ASP A 71 40.42 29.53 -5.72
C ASP A 71 40.88 28.10 -5.39
N LEU A 72 41.29 27.35 -6.43
CA LEU A 72 41.37 25.89 -6.46
C LEU A 72 42.71 25.43 -7.04
N ARG A 73 43.81 26.09 -6.65
CA ARG A 73 45.15 25.74 -7.12
C ARG A 73 45.70 24.52 -6.37
N ASP A 74 46.20 25.41 5.55
CA ASP A 74 46.16 24.01 6.01
C ASP A 74 46.08 24.00 7.56
N GLU A 75 45.37 23.05 8.14
CA GLU A 75 45.03 23.03 9.56
C GLU A 75 44.99 21.57 10.05
N THR A 76 45.71 21.28 11.14
CA THR A 76 45.62 20.08 11.95
C THR A 76 45.04 20.52 13.31
N ARG A 77 44.03 19.83 13.86
CA ARG A 77 43.59 19.99 15.25
C ARG A 77 43.36 18.62 15.90
N ASN A 78 43.81 18.49 17.15
CA ASN A 78 43.60 17.33 18.02
C ASN A 78 42.19 17.44 18.62
N VAL A 79 41.47 16.32 18.69
CA VAL A 79 40.10 16.21 19.19
C VAL A 79 39.99 15.08 20.24
N GLY A 80 41.02 14.94 21.08
CA GLY A 80 41.13 13.94 22.13
C GLY A 80 42.44 13.20 21.93
N SER A 81 42.38 12.01 21.31
CA SER A 81 43.52 11.23 20.85
C SER A 81 43.43 10.89 19.36
N GLN A 82 42.29 11.25 18.73
CA GLN A 82 42.08 11.33 17.30
C GLN A 82 42.46 12.76 16.90
N THR A 83 43.13 12.92 15.77
CA THR A 83 43.55 14.21 15.24
C THR A 83 43.01 14.32 13.81
N LEU A 84 42.32 15.41 13.50
CA LEU A 84 41.75 15.72 12.21
C LEU A 84 42.73 16.68 11.51
N GLN A 85 42.98 16.53 10.21
CA GLN A 85 43.81 17.43 9.45
C GLN A 85 43.32 17.57 7.99
N THR A 86 43.36 18.79 7.46
CA THR A 86 42.94 19.12 6.11
C THR A 86 44.03 19.99 5.47
N PHE A 87 44.33 19.75 4.19
CA PHE A 87 45.42 20.35 3.45
C PHE A 87 44.80 21.13 2.28
N LYS A 88 43.92 19.54 -7.44
CA LYS A 88 42.59 20.12 -7.46
C LYS A 88 42.01 20.23 -8.89
N ALA A 89 42.84 19.99 -9.91
CA ALA A 89 42.36 19.58 -11.22
C ALA A 89 41.88 18.11 -11.12
N ARG A 90 40.67 17.84 -11.61
CA ARG A 90 39.94 16.56 -11.70
C ARG A 90 39.12 16.21 -10.47
N GLN A 91 38.98 17.13 -9.50
CA GLN A 91 38.46 16.82 -8.16
C GLN A 91 36.94 16.61 -8.09
N GLY A 92 36.16 17.24 -8.98
CA GLY A 92 34.72 16.99 -9.06
C GLY A 92 33.88 17.96 -8.22
N LEU A 93 34.36 19.17 -7.92
CA LEU A 93 33.70 20.14 -7.05
C LEU A 93 32.31 20.54 -7.56
N GLY A 94 31.28 20.06 -6.85
CA GLY A 94 29.87 20.21 -7.21
C GLY A 94 29.14 18.87 -7.32
N ALA A 95 29.74 17.76 -6.88
CA ALA A 95 29.11 16.42 -6.92
C ALA A 95 28.03 16.25 -5.83
N SER A 96 28.14 17.02 -4.74
CA SER A 96 27.13 17.20 -3.70
C SER A 96 27.27 18.66 -3.23
N VAL A 97 26.16 19.34 -2.94
CA VAL A 97 26.08 20.67 -2.34
C VAL A 97 24.91 20.67 -1.35
N VAL A 98 25.06 21.36 -0.22
CA VAL A 98 24.01 21.72 0.72
C VAL A 98 24.32 23.12 1.27
N SER A 99 23.34 23.80 1.87
CA SER A 99 23.51 25.12 2.45
C SER A 99 22.78 25.21 3.79
N TRP A 100 23.42 25.81 4.79
CA TRP A 100 22.92 25.96 6.15
C TRP A 100 23.52 27.24 6.74
N SER A 101 22.66 28.19 7.11
CA SER A 101 22.97 29.53 7.65
C SER A 101 23.74 30.32 6.58
N ASP A 102 24.92 30.85 6.92
CA ASP A 102 25.84 31.49 5.98
C ASP A 102 26.57 30.45 5.11
N VAL A 103 26.73 29.21 5.60
CA VAL A 103 27.68 28.23 5.08
C VAL A 103 27.03 27.45 3.93
N ILE A 104 27.66 27.55 2.76
CA ILE A 104 27.42 26.71 1.60
C ILE A 104 28.55 25.67 1.63
N VAL A 105 28.17 24.40 1.70
CA VAL A 105 29.03 23.22 1.60
C VAL A 105 28.95 22.77 0.14
N ALA A 106 30.09 22.58 -0.53
CA ALA A 106 30.18 22.04 -1.86
C ALA A 106 31.33 21.03 -1.91
N CYS A 107 31.09 19.86 -2.53
CA CYS A 107 31.92 18.67 -2.36
C CYS A 107 32.48 18.14 -3.67
N ALA A 108 33.69 17.56 -3.57
CA ALA A 108 34.60 17.08 -4.60
C ALA A 108 35.17 15.73 -4.16
N PRO A 109 34.47 14.59 -4.39
CA PRO A 109 34.92 13.28 -3.89
C PRO A 109 36.16 12.71 -4.61
N TRP A 110 36.40 13.10 -5.87
CA TRP A 110 37.46 12.55 -6.74
C TRP A 110 38.80 13.30 -6.54
N GLN A 111 38.96 14.06 -5.45
CA GLN A 111 40.09 14.95 -5.17
C GLN A 111 41.33 14.14 -4.76
N HIS A 112 42.73 17.62 -0.17
CA HIS A 112 43.24 16.50 0.61
C HIS A 112 42.82 16.57 2.08
N TRP A 113 42.40 15.43 2.63
CA TRP A 113 41.89 15.21 3.98
C TRP A 113 42.61 14.00 4.60
N ASN A 114 42.81 14.00 5.92
CA ASN A 114 43.29 12.85 6.70
C ASN A 114 42.68 12.93 8.10
N VAL A 115 42.45 11.77 8.72
CA VAL A 115 42.23 11.59 10.14
C VAL A 115 43.16 10.47 10.58
N LEU A 116 43.71 10.61 11.80
CA LEU A 116 44.62 9.67 12.41
C LEU A 116 44.24 9.50 13.88
N GLU A 117 44.54 8.33 14.42
CA GLU A 117 44.52 8.03 15.84
C GLU A 117 45.81 7.25 16.14
N LYS A 118 46.79 7.95 16.73
CA LYS A 118 48.14 7.47 17.00
C LYS A 118 48.97 7.44 15.72
N THR A 119 49.45 6.26 15.32
CA THR A 119 50.22 5.99 14.10
C THR A 119 49.33 5.37 13.01
N GLU A 120 48.09 5.01 13.31
CA GLU A 120 47.12 4.44 12.37
C GLU A 120 46.30 5.61 11.82
N GLU A 121 46.04 5.62 10.51
CA GLU A 121 45.43 6.72 9.77
C GLU A 121 44.43 6.28 8.70
N ALA A 122 43.67 7.26 8.18
CA ALA A 122 42.74 7.11 7.07
C ALA A 122 43.44 7.27 5.72
N GLU A 123 44.65 7.88 5.70
CA GLU A 123 45.50 8.22 4.56
C GLU A 123 45.13 9.62 4.04
N LYS A 124 46.14 10.44 3.75
CA LYS A 124 46.00 11.72 3.07
C LYS A 124 45.48 11.50 1.64
N THR A 125 44.15 11.63 1.48
CA THR A 125 43.41 11.31 0.27
C THR A 125 42.45 12.47 -0.09
N PRO A 126 42.64 9.22 -4.96
CA PRO A 126 41.55 10.08 -4.54
C PRO A 126 41.12 9.80 -3.09
N VAL A 127 40.84 10.86 -2.34
CA VAL A 127 40.38 10.83 -0.95
C VAL A 127 39.05 11.58 -0.83
N GLY A 128 38.99 12.77 -1.43
CA GLY A 128 37.82 13.63 -1.47
C GLY A 128 38.03 14.91 -0.66
N SER A 129 37.25 15.94 -0.96
CA SER A 129 37.27 17.23 -0.30
C SER A 129 35.86 17.84 -0.31
N CYS A 130 35.53 18.58 0.74
CA CYS A 130 34.35 19.42 0.81
C CYS A 130 34.86 20.83 1.15
N PHE A 131 34.50 21.80 0.31
CA PHE A 131 34.88 23.19 0.45
C PHE A 131 33.68 23.93 1.02
N LEU A 132 33.95 24.73 2.05
CA LEU A 132 32.99 25.55 2.77
C LEU A 132 33.17 26.98 2.25
N ALA A 133 32.07 27.66 1.93
CA ALA A 133 32.02 29.06 1.54
C ALA A 133 30.93 29.78 2.32
N GLN A 134 31.16 31.03 2.71
CA GLN A 134 30.11 32.01 3.00
C GLN A 134 30.18 33.06 1.88
N PRO A 135 29.06 33.45 1.24
CA PRO A 135 29.10 34.35 0.09
C PRO A 135 29.43 35.82 0.46
N GLU A 136 28.76 36.38 1.48
CA GLU A 136 28.83 37.79 1.85
C GLU A 136 30.25 38.20 2.31
N SER A 137 30.79 37.53 3.33
CA SER A 137 32.12 37.83 3.86
C SER A 137 33.27 37.29 2.97
N GLY A 138 32.98 36.39 2.03
CA GLY A 138 33.94 35.85 1.08
C GLY A 138 34.79 34.71 1.66
N ARG A 139 34.42 34.25 2.86
CA ARG A 139 35.17 33.34 3.71
C ARG A 139 35.15 31.93 3.10
N ARG A 140 36.32 31.34 2.86
CA ARG A 140 36.50 30.03 2.27
C ARG A 140 37.31 29.14 3.22
N ALA A 141 36.97 27.86 3.27
CA ALA A 141 37.76 26.79 3.87
C ALA A 141 37.65 25.51 3.02
N GLU A 142 38.68 24.66 3.12
CA GLU A 142 38.73 23.31 2.56
C GLU A 142 38.62 22.35 3.75
N TYR A 143 38.14 21.13 3.52
CA TYR A 143 37.96 20.05 4.48
C TYR A 143 38.09 18.73 3.75
N SER A 144 38.89 17.81 4.26
CA SER A 144 39.21 16.52 3.67
C SER A 144 39.59 15.63 4.86
N PRO A 145 38.64 14.88 5.46
CA PRO A 145 38.81 14.24 6.78
C PRO A 145 39.64 12.94 6.78
N CYS A 146 40.08 12.46 5.61
CA CYS A 146 40.64 11.13 5.40
C CYS A 146 41.85 11.18 4.46
N ARG A 147 33.72 14.19 3.93
CA ARG A 147 34.88 13.89 4.77
C ARG A 147 34.46 12.77 5.72
N GLY A 148 35.22 11.67 5.76
CA GLY A 148 35.03 10.53 6.66
C GLY A 148 36.21 10.41 7.61
N ASN A 149 36.14 9.48 8.58
CA ASN A 149 37.14 9.34 9.64
C ASN A 149 37.48 7.89 10.01
N THR A 150 36.98 6.90 9.26
CA THR A 150 37.29 5.49 9.41
C THR A 150 38.72 5.25 8.88
N LEU A 151 39.57 4.61 9.69
CA LEU A 151 40.98 4.34 9.41
C LEU A 151 41.11 3.24 8.32
N SER A 152 42.22 3.30 7.58
CA SER A 152 42.39 2.76 6.23
C SER A 152 42.11 1.25 6.06
N ARG A 153 42.51 0.43 7.02
CA ARG A 153 42.45 -1.04 6.93
C ARG A 153 41.01 -1.58 7.00
N ILE A 154 40.09 -0.83 7.61
CA ILE A 154 38.72 -1.27 7.93
C ILE A 154 37.87 -1.43 6.67
N TYR A 155 38.20 -0.70 5.58
CA TYR A 155 37.50 -0.81 4.31
C TYR A 155 37.87 -2.13 3.61
N VAL A 156 39.17 -2.40 3.48
CA VAL A 156 39.74 -3.55 2.78
C VAL A 156 39.64 -4.86 3.59
N GLU A 157 39.24 -4.80 4.87
CA GLU A 157 38.86 -5.95 5.71
C GLU A 157 37.46 -6.47 5.28
N ASN A 158 36.66 -5.66 4.56
CA ASN A 158 35.37 -6.04 4.00
C ASN A 158 35.58 -6.43 2.52
N ASP A 159 35.84 -5.45 1.66
CA ASP A 159 36.06 -5.60 0.23
C ASP A 159 36.87 -4.37 -0.26
N PHE A 160 37.54 -4.52 -1.41
CA PHE A 160 38.34 -3.48 -2.03
C PHE A 160 37.51 -2.42 -2.79
N SER A 161 36.23 -2.65 -3.13
CA SER A 161 35.36 -1.63 -3.71
C SER A 161 34.53 -0.91 -2.62
N TRP A 162 34.53 -1.42 -1.37
CA TRP A 162 33.80 -0.84 -0.23
C TRP A 162 34.56 0.34 0.42
N ASP A 163 35.70 0.77 -0.14
CA ASP A 163 36.42 1.98 0.28
C ASP A 163 35.70 3.23 -0.27
N LYS A 164 35.44 4.19 0.63
CA LYS A 164 34.53 5.31 0.42
C LYS A 164 35.21 6.65 0.73
N ARG A 165 36.55 6.71 0.72
CA ARG A 165 37.32 7.94 0.89
C ARG A 165 37.36 8.78 -0.40
N TYR A 166 41.56 4.74 0.18
CA TYR A 166 40.20 4.87 -0.35
C TYR A 166 39.33 5.57 0.69
N CYS A 167 38.51 6.54 0.28
CA CYS A 167 37.59 7.25 1.17
C CYS A 167 36.29 7.63 0.46
N GLU A 168 36.36 8.59 -0.48
CA GLU A 168 35.24 9.13 -1.28
C GLU A 168 34.50 10.26 -0.53
N ALA A 169 35.21 11.03 0.32
CA ALA A 169 34.62 12.01 1.21
C ALA A 169 34.05 13.21 0.42
N GLY A 170 32.73 13.31 0.38
CA GLY A 170 32.01 14.31 -0.38
C GLY A 170 31.04 13.73 -1.41
N PHE A 171 30.76 12.43 -1.35
CA PHE A 171 29.80 11.73 -2.20
C PHE A 171 28.36 12.15 -1.88
N SER A 172 28.05 12.33 -0.59
CA SER A 172 26.79 12.79 -0.06
C SER A 172 27.05 13.66 1.18
N SER A 173 26.14 14.57 1.51
CA SER A 173 26.29 15.54 2.59
C SER A 173 24.93 15.91 3.20
N VAL A 174 24.86 16.00 4.54
CA VAL A 174 23.74 16.53 5.32
C VAL A 174 24.33 17.38 6.46
N VAL A 175 23.60 18.37 6.94
CA VAL A 175 23.94 19.20 8.09
C VAL A 175 22.79 19.07 9.10
N THR A 176 23.11 19.08 10.39
CA THR A 176 22.14 19.09 11.49
C THR A 176 21.56 20.52 11.67
N GLN A 177 20.68 20.69 12.66
CA GLN A 177 20.18 21.99 13.12
C GLN A 177 21.26 22.80 13.86
N ALA A 178 22.21 22.13 14.52
CA ALA A 178 23.22 22.74 15.37
C ALA A 178 24.50 23.11 14.57
N GLY A 179 24.81 22.39 13.50
CA GLY A 179 25.86 22.75 12.54
C GLY A 179 26.90 21.67 12.25
N GLU A 180 26.66 20.41 12.63
CA GLU A 180 27.51 19.27 12.35
C GLU A 180 27.27 18.89 10.88
N LEU A 181 28.31 19.01 10.04
CA LEU A 181 28.31 18.54 8.68
C LEU A 181 28.70 17.06 8.73
N VAL A 182 27.77 16.20 8.31
CA VAL A 182 27.97 14.77 8.13
C VAL A 182 28.25 14.59 6.64
N LEU A 183 29.38 14.01 6.30
CA LEU A 183 29.72 13.56 4.95
C LEU A 183 29.52 12.04 4.90
N GLY A 184 29.11 11.54 3.72
CA GLY A 184 29.06 10.13 3.38
C GLY A 184 30.20 9.86 2.41
N ALA A 185 30.93 8.76 2.65
CA ALA A 185 32.13 8.36 1.95
C ALA A 185 32.09 6.83 1.72
N PRO A 186 31.44 6.34 0.63
CA PRO A 186 31.23 4.90 0.40
C PRO A 186 32.48 4.08 -0.02
N GLY A 187 33.70 4.65 0.01
CA GLY A 187 34.93 3.94 -0.35
C GLY A 187 35.76 3.55 0.87
N GLY A 188 35.45 4.13 2.04
CA GLY A 188 35.94 3.82 3.38
C GLY A 188 36.26 2.34 3.66
N TYR A 189 37.52 2.05 4.04
CA TYR A 189 37.95 0.79 4.66
C TYR A 189 38.03 -0.38 3.67
N TYR A 190 38.15 -0.09 2.37
CA TYR A 190 38.15 -1.03 1.26
C TYR A 190 36.73 -1.24 0.73
N PHE A 191 35.98 -0.13 0.57
CA PHE A 191 34.67 -0.07 -0.12
C PHE A 191 33.47 -0.51 0.73
N LEU A 192 33.69 -0.62 2.06
CA LEU A 192 32.61 -0.86 3.03
C LEU A 192 31.83 0.46 3.22
N GLY A 193 32.55 1.56 3.39
CA GLY A 193 32.03 2.90 3.52
C GLY A 193 32.30 3.44 4.94
N LEU A 194 32.30 4.77 5.08
CA LEU A 194 32.37 5.48 6.34
C LEU A 194 31.53 6.75 6.28
N LEU A 195 31.20 7.27 7.46
CA LEU A 195 30.75 8.65 7.65
C LEU A 195 31.93 9.42 8.27
N ALA A 196 31.98 10.72 8.01
CA ALA A 196 32.88 11.67 8.65
C ALA A 196 32.08 12.90 9.04
N GLN A 197 32.27 13.38 10.26
CA GLN A 197 31.48 14.38 10.94
C GLN A 197 32.41 15.45 11.49
N ALA A 198 32.05 16.74 11.34
CA ALA A 198 32.72 17.88 11.95
C ALA A 198 31.76 19.09 12.01
N PRO A 199 31.80 19.92 13.07
CA PRO A 199 30.97 21.15 13.15
C PRO A 199 31.57 22.27 12.30
N VAL A 200 30.85 22.78 11.29
CA VAL A 200 31.30 23.69 10.23
C VAL A 200 32.09 24.94 10.71
N ALA A 201 31.76 25.42 11.90
CA ALA A 201 32.42 26.54 12.56
C ALA A 201 33.88 26.21 12.91
N ASP A 202 34.16 24.99 13.42
CA ASP A 202 35.50 24.54 13.79
C ASP A 202 36.32 24.19 12.54
N ILE A 203 35.66 23.67 11.49
CA ILE A 203 36.27 23.40 10.18
C ILE A 203 36.88 24.70 9.58
N PHE A 204 36.13 25.82 9.69
CA PHE A 204 36.57 27.13 9.24
C PHE A 204 37.75 27.71 10.05
N SER A 205 37.88 27.42 11.34
CA SER A 205 38.97 27.90 12.19
C SER A 205 40.17 26.94 12.25
N SER A 206 39.95 25.63 12.02
CA SER A 206 41.02 24.63 11.86
C SER A 206 41.77 24.83 10.53
N TYR A 207 41.09 25.31 9.47
CA TYR A 207 41.67 25.65 8.18
C TYR A 207 42.60 26.88 8.32
N ARG A 208 43.81 26.76 7.79
CA ARG A 208 44.84 27.81 7.77
C ARG A 208 45.58 27.74 6.44
N PRO A 209 46.22 28.83 5.95
CA PRO A 209 47.13 28.76 4.81
C PRO A 209 48.43 28.01 5.17
N GLY A 210 48.69 26.90 4.49
CA GLY A 210 49.97 26.19 4.53
C GLY A 210 49.89 24.79 5.13
N ILE A 211 48.75 24.37 5.69
CA ILE A 211 48.50 22.99 6.10
C ILE A 211 47.89 22.24 4.91
N LEU A 212 48.28 20.97 4.75
CA LEU A 212 47.87 20.08 3.64
C LEU A 212 47.30 18.75 4.17
N LEU A 213 47.81 18.30 5.32
CA LEU A 213 47.36 17.18 6.12
C LEU A 213 46.95 17.85 7.46
N TRP A 214 45.73 17.63 7.93
CA TRP A 214 45.22 18.12 9.22
C TRP A 214 44.02 17.27 9.65
N HIS A 215 43.66 17.43 10.92
CA HIS A 215 42.47 16.94 11.60
C HIS A 215 41.77 18.22 12.12
N VAL A 216 40.45 18.35 11.97
CA VAL A 216 39.66 19.40 12.59
C VAL A 216 39.48 19.03 14.07
N SER A 217 39.66 19.98 14.99
CA SER A 217 39.75 19.78 16.44
C SER A 217 38.54 19.13 17.15
N SER A 218 37.37 19.03 16.50
CA SER A 218 36.20 18.28 16.98
C SER A 218 35.59 17.36 15.91
N GLN A 219 36.43 16.82 15.02
CA GLN A 219 36.07 15.87 13.97
C GLN A 219 35.98 14.44 14.53
N SER A 220 35.08 13.62 13.95
CA SER A 220 34.93 12.21 14.23
C SER A 220 34.61 11.43 12.92
N LEU A 221 35.24 10.27 12.73
CA LEU A 221 34.90 9.29 11.71
C LEU A 221 34.28 8.08 12.44
N SER A 222 33.42 7.32 11.75
CA SER A 222 32.99 6.00 12.18
C SER A 222 34.13 4.98 11.97
N PHE A 223 34.20 3.95 12.84
CA PHE A 223 35.19 2.87 12.86
C PHE A 223 34.95 1.87 11.71
N ASP A 224 35.97 1.03 11.42
CA ASP A 224 35.94 0.00 10.39
C ASP A 224 35.24 -1.26 10.93
N SER A 225 34.98 -2.20 10.03
CA SER A 225 34.30 -3.46 10.28
C SER A 225 35.06 -4.54 9.52
N SER A 226 35.21 -5.71 10.13
CA SER A 226 35.83 -6.90 9.56
C SER A 226 34.79 -8.03 9.43
N ASN A 227 33.49 -7.71 9.61
CA ASN A 227 32.37 -8.62 9.37
C ASN A 227 32.06 -8.59 7.86
N PRO A 228 31.96 -9.75 7.17
CA PRO A 228 31.89 -9.81 5.71
C PRO A 228 30.57 -9.29 5.10
N GLU A 229 29.51 -9.12 5.90
CA GLU A 229 28.22 -8.59 5.43
C GLU A 229 28.31 -7.13 4.97
N TYR A 230 29.35 -6.40 5.42
CA TYR A 230 29.59 -5.00 5.09
C TYR A 230 30.41 -4.82 3.80
N PHE A 231 31.08 -5.88 3.31
CA PHE A 231 32.15 -5.75 2.32
C PHE A 231 31.57 -5.46 0.93
N ASP A 232 31.91 -4.28 0.41
CA ASP A 232 31.50 -3.70 -0.88
C ASP A 232 30.07 -3.14 -0.77
N GLY A 233 29.74 -2.59 0.41
CA GLY A 233 28.36 -2.30 0.83
C GLY A 233 27.99 -0.82 0.80
N TYR A 234 28.96 0.06 0.56
CA TYR A 234 28.83 1.47 0.17
C TYR A 234 28.05 2.32 1.21
N TRP A 235 28.35 2.11 2.50
CA TRP A 235 27.74 2.77 3.67
C TRP A 235 28.09 4.28 3.62
N GLY A 236 27.15 5.10 3.11
CA GLY A 236 27.37 6.51 2.81
C GLY A 236 27.02 6.92 1.38
N TYR A 237 26.33 6.09 0.58
CA TYR A 237 25.87 6.42 -0.77
C TYR A 237 24.84 7.59 -0.75
N SER A 238 23.97 7.61 0.27
CA SER A 238 23.14 8.76 0.62
C SER A 238 23.07 8.87 2.14
N VAL A 239 22.81 10.08 2.65
CA VAL A 239 22.75 10.45 4.05
C VAL A 239 21.54 11.38 4.27
N ALA A 240 20.89 11.24 5.43
CA ALA A 240 19.89 12.13 5.97
C ALA A 240 20.07 12.19 7.49
N VAL A 241 19.28 13.04 8.15
CA VAL A 241 19.05 12.99 9.59
C VAL A 241 17.54 12.88 9.76
N GLY A 242 17.13 12.23 10.86
CA GLY A 242 15.78 12.27 11.37
C GLY A 242 15.80 12.50 12.87
N GLU A 243 14.70 12.13 13.52
CA GLU A 243 14.55 12.01 14.95
C GLU A 243 13.82 10.68 15.15
N PHE A 244 14.37 9.78 15.98
CA PHE A 244 14.00 8.38 16.09
C PHE A 244 13.94 7.84 17.53
N ASP A 245 13.97 8.72 18.55
CA ASP A 245 13.84 8.33 19.97
C ASP A 245 12.83 9.24 20.69
N GLY A 246 12.88 10.54 20.41
CA GLY A 246 12.02 11.56 21.00
C GLY A 246 12.79 12.62 21.77
N ASP A 247 14.05 12.35 22.15
CA ASP A 247 14.96 13.40 22.63
C ASP A 247 15.46 14.14 21.38
N LEU A 248 15.21 15.45 21.31
CA LEU A 248 15.65 16.31 20.20
C LEU A 248 17.12 16.74 20.34
N ASN A 249 17.77 16.48 21.48
CA ASN A 249 19.16 16.87 21.72
C ASN A 249 20.11 15.91 20.96
N THR A 250 19.75 14.61 20.87
CA THR A 250 20.28 13.66 19.91
C THR A 250 19.57 13.87 18.55
N THR A 251 20.29 14.31 17.51
CA THR A 251 19.85 14.23 16.12
C THR A 251 20.31 12.85 15.62
N GLU A 252 19.39 11.98 15.20
CA GLU A 252 19.72 10.65 14.69
C GLU A 252 20.00 10.76 13.18
N TYR A 253 21.09 10.18 12.74
CA TYR A 253 21.56 10.15 11.37
C TYR A 253 21.02 8.89 10.71
N VAL A 254 20.62 9.01 9.43
CA VAL A 254 20.17 7.91 8.59
C VAL A 254 21.20 7.83 7.46
N VAL A 255 21.81 6.66 7.27
CA VAL A 255 22.79 6.39 6.22
C VAL A 255 22.25 5.27 5.33
N GLY A 256 22.51 5.37 4.03
CA GLY A 256 22.12 4.39 3.03
C GLY A 256 23.36 3.64 2.55
N ALA A 257 23.23 2.30 2.50
CA ALA A 257 24.23 1.32 2.13
C ALA A 257 23.57 0.36 1.12
N PRO A 258 23.34 0.77 -0.15
CA PRO A 258 22.43 0.08 -1.06
C PRO A 258 22.92 -1.25 -1.66
N THR A 259 24.18 -1.63 -1.43
CA THR A 259 24.79 -2.88 -1.90
C THR A 259 25.16 -3.81 -0.72
N TRP A 260 24.87 -3.38 0.52
CA TRP A 260 25.23 -4.03 1.78
C TRP A 260 24.52 -5.40 1.94
N SER A 261 25.22 -6.42 2.43
CA SER A 261 24.80 -7.82 2.53
C SER A 261 24.72 -8.45 1.13
N TRP A 262 25.83 -8.35 0.37
CA TRP A 262 26.07 -9.08 -0.88
C TRP A 262 25.16 -8.65 -2.05
N THR A 263 24.71 -7.38 -2.04
CA THR A 263 23.85 -6.68 -2.99
C THR A 263 22.37 -6.56 -2.57
N LEU A 264 22.01 -6.98 -1.34
CA LEU A 264 20.66 -6.86 -0.77
C LEU A 264 20.28 -5.37 -0.55
N GLY A 265 21.09 -4.67 0.24
CA GLY A 265 20.90 -3.27 0.59
C GLY A 265 20.52 -3.13 2.07
N ALA A 266 20.92 -2.00 2.66
CA ALA A 266 20.59 -1.61 4.02
C ALA A 266 20.44 -0.09 4.14
N VAL A 267 19.65 0.34 5.12
CA VAL A 267 19.60 1.70 5.64
C VAL A 267 19.74 1.55 7.16
N GLU A 268 20.62 2.33 7.78
CA GLU A 268 20.98 2.24 9.19
C GLU A 268 20.66 3.60 9.85
N ILE A 269 20.02 3.55 11.02
CA ILE A 269 19.64 4.70 11.83
C ILE A 269 20.54 4.66 13.07
N LEU A 270 21.24 5.76 13.35
CA LEU A 270 22.30 5.86 14.34
C LEU A 270 22.37 7.25 14.98
N ASP A 271 22.78 7.29 16.25
CA ASP A 271 23.12 8.48 17.04
C ASP A 271 24.35 9.20 16.46
N SER A 272 24.53 10.49 16.78
CA SER A 272 25.64 11.33 16.37
C SER A 272 27.03 10.84 16.88
N TYR A 273 27.09 10.05 17.95
CA TYR A 273 28.31 9.41 18.46
C TYR A 273 28.57 8.05 17.75
N TYR A 274 27.80 7.73 16.70
CA TYR A 274 27.94 6.62 15.77
C TYR A 274 27.39 5.29 16.32
N GLN A 275 26.39 5.37 17.20
CA GLN A 275 25.78 4.20 17.86
C GLN A 275 24.42 3.94 17.21
N ARG A 276 24.21 2.72 16.72
CA ARG A 276 23.04 2.31 15.97
C ARG A 276 21.82 2.14 16.89
N LEU A 277 20.68 2.69 16.47
CA LEU A 277 19.35 2.34 17.00
C LEU A 277 18.88 1.10 16.25
N HIS A 278 18.88 1.16 14.91
CA HIS A 278 18.21 0.21 14.05
C HIS A 278 18.91 0.05 12.69
N ARG A 279 18.64 -1.06 11.98
CA ARG A 279 19.00 -1.30 10.61
C ARG A 279 17.80 -1.90 9.88
N LEU A 280 17.37 -1.25 8.78
CA LEU A 280 16.46 -1.81 7.80
C LEU A 280 17.29 -2.47 6.70
N ARG A 281 16.74 -3.51 6.07
CA ARG A 281 17.29 -4.24 4.94
C ARG A 281 16.27 -4.19 3.79
N GLY A 282 16.65 -4.64 2.58
CA GLY A 282 15.86 -4.51 1.36
C GLY A 282 15.16 -5.81 0.95
N GLU A 283 14.24 -5.70 -0.01
CA GLU A 283 13.22 -6.69 -0.36
C GLU A 283 13.71 -7.73 -1.40
N GLN A 284 14.82 -7.46 -2.11
CA GLN A 284 15.41 -8.28 -3.16
C GLN A 284 16.85 -7.76 -3.36
N MET A 285 17.73 -8.59 -3.92
CA MET A 285 19.09 -8.18 -4.31
C MET A 285 19.03 -7.29 -5.55
N ALA A 286 19.88 -6.25 -5.57
CA ALA A 286 20.19 -5.39 -6.71
C ALA A 286 19.15 -4.29 -7.01
N SER A 287 18.19 -4.08 -6.09
CA SER A 287 17.14 -3.07 -6.22
C SER A 287 17.67 -1.64 -5.97
N TYR A 288 18.79 -1.55 -5.23
CA TYR A 288 19.53 -0.35 -4.84
C TYR A 288 18.82 0.41 -3.70
N PHE A 289 18.23 -0.35 -2.78
CA PHE A 289 17.53 0.07 -1.55
C PHE A 289 18.42 0.98 -0.68
N GLY A 290 18.24 2.30 -0.77
CA GLY A 290 19.04 3.28 -0.06
C GLY A 290 19.83 4.22 -1.00
N HIS A 291 19.50 4.21 -2.30
CA HIS A 291 20.03 5.18 -3.28
C HIS A 291 19.62 6.62 -2.96
N SER A 292 18.43 6.76 -2.37
CA SER A 292 17.81 7.98 -1.91
C SER A 292 17.19 7.63 -0.56
N VAL A 293 17.32 8.54 0.41
CA VAL A 293 16.68 8.54 1.72
C VAL A 293 16.16 9.96 1.94
N ALA A 294 14.95 10.10 2.50
CA ALA A 294 14.36 11.36 2.90
C ALA A 294 13.50 11.11 4.14
N VAL A 295 13.51 12.05 5.08
CA VAL A 295 12.70 12.00 6.30
C VAL A 295 11.86 13.28 6.34
N THR A 296 10.62 13.16 6.81
CA THR A 296 9.66 14.22 7.08
C THR A 296 8.75 13.73 8.21
N ASP A 297 7.54 14.27 8.40
CA ASP A 297 6.44 13.60 9.09
C ASP A 297 5.24 13.75 8.18
N VAL A 298 4.77 12.65 7.54
CA VAL A 298 3.74 12.72 6.52
C VAL A 298 2.34 12.71 7.16
N ASN A 299 2.18 12.05 8.32
CA ASN A 299 0.88 11.76 8.90
C ASN A 299 0.47 12.71 10.03
N GLY A 300 1.33 13.66 10.42
CA GLY A 300 0.94 14.82 11.22
C GLY A 300 1.00 14.54 12.73
N ASP A 301 1.74 13.50 13.13
CA ASP A 301 1.84 13.04 14.51
C ASP A 301 3.15 13.49 15.17
N GLY A 302 4.08 14.09 14.41
CA GLY A 302 5.29 14.74 14.91
C GLY A 302 6.51 13.83 14.80
N ARG A 303 6.28 12.51 14.75
CA ARG A 303 7.30 11.48 14.74
C ARG A 303 7.71 11.26 13.28
N HIS A 304 9.01 11.44 13.03
CA HIS A 304 9.66 11.52 11.73
C HIS A 304 9.52 10.20 10.94
N ASP A 305 8.88 10.28 9.78
CA ASP A 305 8.56 9.16 8.89
C ASP A 305 9.59 9.18 7.77
N LEU A 306 10.21 8.02 7.51
CA LEU A 306 11.29 7.77 6.59
C LEU A 306 10.71 7.30 5.25
N LEU A 307 11.26 7.82 4.15
CA LEU A 307 11.11 7.27 2.82
C LEU A 307 12.50 6.77 2.39
N VAL A 308 12.60 5.50 1.98
CA VAL A 308 13.76 4.91 1.31
C VAL A 308 13.36 4.68 -0.16
N GLY A 309 14.29 4.87 -1.08
CA GLY A 309 14.10 4.60 -2.50
C GLY A 309 14.96 3.44 -2.95
N ALA A 310 14.37 2.49 -3.69
CA ALA A 310 15.05 1.48 -4.49
C ALA A 310 14.68 1.77 -5.96
N PRO A 311 15.52 2.48 -6.73
CA PRO A 311 15.17 2.93 -8.09
C PRO A 311 15.22 1.81 -9.15
N LEU A 312 15.89 0.68 -8.88
CA LEU A 312 16.03 -0.44 -9.78
C LEU A 312 15.16 -1.62 -9.28
N TYR A 313 14.08 -1.35 -8.52
CA TYR A 313 13.15 -2.35 -8.04
C TYR A 313 12.46 -3.05 -9.21
N MET A 314 12.56 -4.38 -9.21
CA MET A 314 12.07 -5.31 -10.20
C MET A 314 10.79 -5.92 -9.66
N GLU A 315 9.68 -5.57 -10.30
CA GLU A 315 8.34 -6.06 -10.06
C GLU A 315 8.25 -7.44 -10.76
N SER A 316 7.99 -8.50 -10.01
CA SER A 316 7.71 -9.82 -10.52
C SER A 316 6.21 -9.85 -10.90
N ARG A 317 5.93 -9.58 -12.17
CA ARG A 317 4.62 -9.69 -12.77
C ARG A 317 4.42 -11.13 -13.27
N ALA A 318 3.18 -11.50 -13.55
CA ALA A 318 2.81 -12.82 -14.07
C ALA A 318 3.42 -13.14 -15.44
N ASP A 319 3.69 -12.11 -16.25
CA ASP A 319 4.23 -12.17 -17.61
C ASP A 319 5.72 -11.74 -17.68
N ARG A 320 6.22 -10.99 -16.69
CA ARG A 320 7.55 -10.38 -16.68
C ARG A 320 8.14 -10.55 -15.29
N LYS A 321 9.07 -11.50 -15.15
CA LYS A 321 9.67 -11.89 -13.88
C LYS A 321 10.53 -10.78 -13.25
N LEU A 322 11.09 -9.88 -14.06
CA LEU A 322 11.89 -8.73 -13.64
C LEU A 322 11.48 -7.49 -14.44
N ALA A 323 10.26 -6.99 -14.23
CA ALA A 323 9.83 -5.69 -14.79
C ALA A 323 10.43 -4.58 -13.91
N GLU A 324 11.55 -4.02 -14.35
CA GLU A 324 12.41 -3.08 -13.65
C GLU A 324 11.81 -1.67 -13.77
N VAL A 325 11.29 -1.11 -12.66
CA VAL A 325 10.44 0.07 -12.64
C VAL A 325 10.87 1.09 -11.55
N GLY A 326 11.08 0.64 -10.31
CA GLY A 326 11.48 1.46 -9.17
C GLY A 326 10.39 1.52 -8.10
N ARG A 327 10.77 1.70 -6.82
CA ARG A 327 9.90 1.68 -5.66
C ARG A 327 10.39 2.65 -4.58
N VAL A 328 9.48 3.38 -3.95
CA VAL A 328 9.67 4.19 -2.74
C VAL A 328 8.95 3.45 -1.62
N TYR A 329 9.70 3.09 -0.58
CA TYR A 329 9.26 2.44 0.63
C TYR A 329 9.06 3.54 1.66
N LEU A 330 7.81 3.81 2.07
CA LEU A 330 7.49 4.68 3.18
C LEU A 330 7.49 3.81 4.43
N PHE A 331 8.40 4.08 5.37
CA PHE A 331 8.42 3.48 6.69
C PHE A 331 7.98 4.60 7.64
N LEU A 332 6.77 4.50 8.19
CA LEU A 332 6.30 5.39 9.25
C LEU A 332 6.98 4.96 10.55
N GLN A 333 7.46 5.94 11.34
CA GLN A 333 7.95 5.68 12.69
C GLN A 333 6.75 5.38 13.61
N PRO A 334 6.83 4.37 14.51
CA PRO A 334 5.71 3.98 15.37
C PRO A 334 5.47 4.98 16.51
N ARG A 335 4.37 4.79 17.22
CA ARG A 335 3.83 5.74 18.21
C ARG A 335 4.36 5.49 19.63
N GLY A 336 5.35 4.60 19.79
CA GLY A 336 6.13 4.39 20.99
C GLY A 336 7.61 4.60 20.66
N PRO A 337 8.48 4.89 21.64
CA PRO A 337 9.92 5.10 21.44
C PRO A 337 10.63 3.73 21.25
N HIS A 338 10.53 3.17 20.04
CA HIS A 338 11.12 1.91 19.62
C HIS A 338 11.39 1.91 18.10
N ALA A 339 11.74 0.74 17.57
CA ALA A 339 12.28 0.55 16.22
C ALA A 339 11.19 0.58 15.13
N LEU A 340 11.60 0.97 13.92
CA LEU A 340 10.82 0.85 12.69
C LEU A 340 10.73 -0.63 12.29
N GLY A 341 9.61 -1.04 11.68
CA GLY A 341 9.34 -2.43 11.31
C GLY A 341 9.28 -2.57 9.80
N ALA A 342 8.22 -3.24 9.30
CA ALA A 342 7.92 -3.42 7.89
C ALA A 342 7.45 -2.09 7.25
N PRO A 343 7.56 -1.93 5.91
CA PRO A 343 7.15 -0.70 5.22
C PRO A 343 5.62 -0.52 5.21
N SER A 344 5.18 0.73 5.37
CA SER A 344 3.79 1.11 5.57
C SER A 344 3.09 1.17 4.20
N LEU A 345 3.69 1.86 3.23
CA LEU A 345 3.24 1.99 1.84
C LEU A 345 4.45 1.77 0.94
N LEU A 346 4.19 1.11 -0.19
CA LEU A 346 5.15 0.74 -1.22
C LEU A 346 4.61 1.39 -2.49
N LEU A 347 5.01 2.63 -2.75
CA LEU A 347 4.66 3.35 -3.97
C LEU A 347 5.66 2.84 -5.02
N THR A 348 5.17 2.15 -6.05
CA THR A 348 5.97 1.57 -7.14
C THR A 348 5.68 2.42 -8.41
N GLY A 349 6.53 2.32 -9.43
CA GLY A 349 6.37 3.02 -10.71
C GLY A 349 5.92 2.02 -11.77
N THR A 350 5.28 2.50 -12.85
CA THR A 350 4.71 1.67 -13.91
C THR A 350 5.54 1.72 -15.20
N GLN A 351 6.32 2.80 -15.41
CA GLN A 351 7.12 3.06 -16.59
C GLN A 351 8.49 2.36 -16.38
N LEU A 352 8.84 1.45 -17.28
CA LEU A 352 10.02 0.60 -17.18
C LEU A 352 11.31 1.40 -17.40
N TYR A 353 12.35 1.10 -16.62
CA TYR A 353 13.73 1.57 -16.75
C TYR A 353 13.86 3.07 -16.36
N GLY A 354 12.84 3.63 -15.71
CA GLY A 354 12.68 5.08 -15.57
C GLY A 354 13.29 5.62 -14.29
N ARG A 355 13.63 4.73 -13.35
CA ARG A 355 14.45 4.92 -12.17
C ARG A 355 13.71 5.73 -11.08
N PHE A 356 12.42 5.38 -10.89
CA PHE A 356 11.49 6.02 -9.96
C PHE A 356 11.97 5.82 -8.51
N GLY A 357 12.28 6.92 -7.82
CA GLY A 357 12.68 6.92 -6.41
C GLY A 357 14.12 7.33 -6.20
N SER A 358 14.89 7.57 -7.28
CA SER A 358 16.31 7.96 -7.23
C SER A 358 16.57 9.38 -6.68
N ALA A 359 15.51 10.19 -6.53
CA ALA A 359 15.50 11.43 -5.76
C ALA A 359 14.09 11.59 -5.19
N ILE A 360 14.01 11.71 -3.87
CA ILE A 360 12.82 12.00 -3.09
C ILE A 360 13.12 13.37 -2.44
N ALA A 361 12.12 14.25 -2.33
CA ALA A 361 12.25 15.53 -1.63
C ALA A 361 10.95 15.90 -0.93
N PRO A 362 10.96 16.27 0.38
CA PRO A 362 9.79 16.91 0.98
C PRO A 362 9.68 18.36 0.48
N LEU A 363 8.46 18.75 0.06
CA LEU A 363 8.17 20.11 -0.40
C LEU A 363 7.81 21.02 0.79
N GLY A 364 7.61 20.42 1.96
CA GLY A 364 7.09 21.03 3.16
C GLY A 364 5.67 20.51 3.26
N ASP A 365 4.71 21.40 3.54
CA ASP A 365 3.30 21.23 3.25
C ASP A 365 3.01 22.33 2.22
N LEU A 366 2.57 21.93 1.02
CA LEU A 366 2.49 22.75 -0.19
C LEU A 366 1.07 23.30 -0.34
N ASP A 367 0.07 22.43 -0.11
CA ASP A 367 -1.35 22.76 -0.27
C ASP A 367 -1.85 23.57 0.95
N ARG A 368 -1.17 23.44 2.10
CA ARG A 368 -1.38 24.15 3.35
C ARG A 368 -2.55 23.50 4.13
N ASP A 369 -2.29 22.36 4.78
CA ASP A 369 -3.24 21.50 5.49
C ASP A 369 -2.67 20.98 6.84
N GLY A 370 -1.35 21.02 7.04
CA GLY A 370 -0.67 20.55 8.22
C GLY A 370 0.09 19.24 7.96
N TYR A 371 -0.26 18.52 6.88
CA TYR A 371 0.30 17.23 6.53
C TYR A 371 1.31 17.47 5.41
N ASN A 372 2.55 17.03 5.63
CA ASN A 372 3.67 17.26 4.73
C ASN A 372 3.50 16.48 3.42
N ASP A 373 3.86 17.15 2.32
CA ASP A 373 3.64 16.76 0.94
C ASP A 373 5.04 16.59 0.31
N ILE A 374 5.25 15.57 -0.52
CA ILE A 374 6.55 15.10 -0.98
C ILE A 374 6.58 14.94 -2.52
N ALA A 375 7.76 15.17 -3.12
CA ALA A 375 8.06 14.96 -4.53
C ALA A 375 8.92 13.69 -4.66
N VAL A 376 8.74 12.94 -5.76
CA VAL A 376 9.51 11.78 -6.17
C VAL A 376 9.85 11.94 -7.66
N ALA A 377 11.12 11.78 -8.04
CA ALA A 377 11.59 11.84 -9.42
C ALA A 377 11.59 10.43 -10.06
N ALA A 378 11.28 10.40 -11.37
CA ALA A 378 11.65 9.35 -12.31
C ALA A 378 12.36 10.07 -13.47
N PRO A 379 13.70 10.32 -13.37
CA PRO A 379 14.40 11.23 -14.28
C PRO A 379 14.60 10.73 -15.72
N TYR A 380 14.34 9.44 -15.99
CA TYR A 380 14.33 8.85 -17.32
C TYR A 380 12.95 8.20 -17.58
N GLY A 381 11.91 8.66 -16.87
CA GLY A 381 10.57 8.07 -16.88
C GLY A 381 9.53 9.02 -17.50
N GLY A 382 8.29 8.58 -17.49
CA GLY A 382 7.16 9.24 -18.15
C GLY A 382 6.78 8.45 -19.41
N PRO A 383 5.76 8.91 -20.18
CA PRO A 383 5.24 8.26 -21.39
C PRO A 383 6.27 7.75 -22.43
N SER A 384 7.42 8.43 -22.57
CA SER A 384 8.48 8.05 -23.49
C SER A 384 9.89 8.20 -22.91
N GLY A 385 10.02 8.57 -21.61
CA GLY A 385 11.30 8.51 -20.92
C GLY A 385 12.01 9.87 -20.82
N ARG A 386 11.31 10.97 -21.14
CA ARG A 386 11.85 12.33 -21.16
C ARG A 386 12.22 12.87 -19.76
N GLY A 387 11.60 12.31 -18.70
CA GLY A 387 11.84 12.63 -17.31
C GLY A 387 10.57 13.26 -16.70
N GLN A 388 10.26 12.92 -15.45
CA GLN A 388 9.14 13.48 -14.71
C GLN A 388 9.46 13.53 -13.22
N VAL A 389 8.78 14.44 -12.50
CA VAL A 389 8.68 14.47 -11.05
C VAL A 389 7.20 14.44 -10.68
N LEU A 390 6.83 13.48 -9.82
CA LEU A 390 5.50 13.20 -9.33
C LEU A 390 5.43 13.78 -7.91
N VAL A 391 4.33 14.47 -7.58
CA VAL A 391 4.11 15.13 -6.29
C VAL A 391 2.93 14.46 -5.58
N PHE A 392 3.14 14.04 -4.33
CA PHE A 392 2.20 13.31 -3.47
C PHE A 392 1.90 14.17 -2.25
N LEU A 393 0.64 14.20 -1.83
CA LEU A 393 0.18 14.85 -0.61
C LEU A 393 0.25 13.87 0.57
N GLY A 394 0.17 14.39 1.79
CA GLY A 394 0.06 13.58 3.01
C GLY A 394 -1.41 13.42 3.41
N GLN A 395 -1.66 12.51 4.37
CA GLN A 395 -2.94 12.28 5.02
C GLN A 395 -2.69 11.62 6.39
N SER A 396 -3.72 11.54 7.25
CA SER A 396 -3.67 11.03 8.62
C SER A 396 -3.39 9.52 8.79
N GLU A 397 -2.99 8.83 7.71
CA GLU A 397 -2.75 7.40 7.62
C GLU A 397 -1.54 7.05 6.74
N GLY A 398 -0.69 8.04 6.37
CA GLY A 398 0.45 7.85 5.47
C GLY A 398 0.44 8.92 4.37
N LEU A 399 1.03 8.61 3.21
CA LEU A 399 0.92 9.45 2.02
C LEU A 399 -0.38 9.11 1.27
N ARG A 400 -0.89 10.05 0.48
CA ARG A 400 -1.87 9.78 -0.55
C ARG A 400 -1.08 9.30 -1.77
N SER A 401 -1.18 8.01 -2.07
CA SER A 401 -0.36 7.28 -3.04
C SER A 401 -0.70 7.61 -4.52
N ARG A 402 -1.75 8.40 -4.80
CA ARG A 402 -2.02 8.95 -6.12
C ARG A 402 -1.39 10.35 -6.14
N PRO A 403 -0.57 10.70 -7.17
CA PRO A 403 0.06 12.01 -7.24
C PRO A 403 -0.97 13.08 -7.63
N SER A 404 -0.86 14.26 -7.01
CA SER A 404 -1.74 15.41 -7.25
C SER A 404 -1.16 16.38 -8.29
N GLN A 405 0.07 16.14 -8.76
CA GLN A 405 0.77 16.80 -9.84
C GLN A 405 1.82 15.83 -10.40
N VAL A 406 2.05 15.89 -11.71
CA VAL A 406 3.16 15.23 -12.40
C VAL A 406 3.75 16.30 -13.31
N LEU A 407 4.94 16.80 -12.98
CA LEU A 407 5.67 17.74 -13.81
C LEU A 407 6.50 16.93 -14.79
N ASP A 408 6.31 17.18 -16.09
CA ASP A 408 7.01 16.57 -17.21
C ASP A 408 8.23 17.46 -17.53
N SER A 409 9.34 16.83 -17.95
CA SER A 409 10.57 17.51 -18.31
C SER A 409 10.44 18.15 -19.72
N PRO A 410 10.84 19.43 -19.89
CA PRO A 410 10.96 20.04 -21.23
C PRO A 410 12.25 19.60 -21.96
N PHE A 411 13.24 19.08 -21.23
CA PHE A 411 14.55 18.69 -21.72
C PHE A 411 14.48 17.22 -22.17
N PRO A 412 15.15 16.81 -23.27
CA PRO A 412 15.11 15.42 -23.77
C PRO A 412 15.85 14.44 -22.85
N THR A 413 15.57 13.13 -23.03
CA THR A 413 16.20 12.01 -22.30
C THR A 413 17.73 12.05 -22.39
N GLY A 414 18.40 11.72 -21.29
CA GLY A 414 19.84 11.85 -21.08
C GLY A 414 20.12 12.95 -20.06
N SER A 415 19.28 14.00 -20.03
CA SER A 415 19.48 15.18 -19.20
C SER A 415 19.20 14.95 -17.69
N ALA A 416 18.26 14.03 -17.38
CA ALA A 416 17.91 13.51 -16.07
C ALA A 416 17.25 14.57 -15.18
N PHE A 417 16.08 15.07 -15.58
CA PHE A 417 15.23 16.01 -14.85
C PHE A 417 14.77 15.39 -13.53
N GLY A 418 15.37 15.80 -12.41
CA GLY A 418 15.11 15.28 -11.08
C GLY A 418 16.33 14.55 -10.50
N PHE A 419 17.50 14.63 -11.15
CA PHE A 419 18.78 14.10 -10.64
C PHE A 419 19.26 14.85 -9.40
N SER A 420 18.81 16.09 -9.22
CA SER A 420 18.82 16.83 -7.98
C SER A 420 17.46 17.53 -7.84
N LEU A 421 16.91 17.57 -6.63
CA LEU A 421 15.51 17.84 -6.34
C LEU A 421 15.43 18.37 -4.91
N ARG A 422 14.82 19.55 -4.69
CA ARG A 422 14.73 20.18 -3.39
C ARG A 422 13.46 21.07 -3.30
N GLY A 423 12.76 21.02 -2.19
CA GLY A 423 11.67 21.94 -1.83
C GLY A 423 11.87 22.48 -0.41
N ALA A 424 10.77 22.91 0.24
CA ALA A 424 10.66 23.31 1.65
C ALA A 424 10.95 24.79 1.92
N VAL A 425 11.54 25.51 0.98
CA VAL A 425 11.86 26.93 1.09
C VAL A 425 10.94 27.69 0.12
N ASP A 426 10.43 28.84 0.57
CA ASP A 426 9.71 29.80 -0.25
C ASP A 426 10.76 30.79 -0.74
N ILE A 427 11.03 30.83 -2.05
CA ILE A 427 12.15 31.60 -2.62
C ILE A 427 11.75 33.07 -2.91
N ASP A 428 10.48 33.31 -3.25
CA ASP A 428 9.98 34.56 -3.80
C ASP A 428 9.11 35.33 -2.79
N ASP A 429 8.90 34.75 -1.60
CA ASP A 429 8.13 35.25 -0.45
C ASP A 429 6.65 35.39 -0.83
N ASN A 430 5.87 34.30 -0.67
CA ASN A 430 4.44 34.33 -0.91
C ASN A 430 3.60 33.53 0.08
N GLY A 431 4.23 32.73 0.95
CA GLY A 431 3.60 31.91 1.98
C GLY A 431 3.58 30.43 1.59
N TYR A 432 4.17 30.12 0.42
CA TYR A 432 4.04 28.88 -0.31
C TYR A 432 5.44 28.42 -0.75
N PRO A 433 5.96 27.29 -0.19
CA PRO A 433 7.29 26.78 -0.50
C PRO A 433 7.34 26.22 -1.92
N ASP A 434 8.47 26.44 -2.59
CA ASP A 434 8.63 26.29 -4.03
C ASP A 434 9.59 25.11 -4.28
N LEU A 435 9.53 24.55 -5.48
CA LEU A 435 10.29 23.36 -5.88
C LEU A 435 11.38 23.78 -6.88
N ILE A 436 12.61 23.34 -6.65
CA ILE A 436 13.73 23.44 -7.57
C ILE A 436 14.10 22.01 -8.03
N VAL A 437 14.22 21.82 -9.34
CA VAL A 437 14.55 20.58 -10.01
C VAL A 437 15.80 20.84 -10.87
N GLY A 438 16.77 19.93 -10.85
CA GLY A 438 17.99 20.01 -11.63
C GLY A 438 17.99 18.89 -12.67
N ALA A 439 18.33 19.24 -13.91
CA ALA A 439 18.60 18.32 -15.01
C ALA A 439 20.07 18.56 -15.39
N TYR A 440 21.00 17.81 -14.80
CA TYR A 440 22.45 17.95 -14.92
C TYR A 440 22.94 18.07 -16.37
N GLY A 441 22.35 17.28 -17.28
CA GLY A 441 22.79 17.18 -18.66
C GLY A 441 21.97 18.04 -19.62
N ALA A 442 20.99 18.80 -19.09
CA ALA A 442 20.38 19.93 -19.81
C ALA A 442 21.21 21.20 -19.54
N ASN A 443 21.94 21.24 -18.43
CA ASN A 443 22.75 22.38 -17.93
C ASN A 443 21.83 23.50 -17.44
N GLN A 444 20.68 23.12 -16.86
CA GLN A 444 19.57 24.00 -16.52
C GLN A 444 18.92 23.49 -15.22
N VAL A 445 18.55 24.43 -14.35
CA VAL A 445 17.75 24.24 -13.16
C VAL A 445 16.37 24.86 -13.45
N ALA A 446 15.33 24.08 -13.23
CA ALA A 446 13.92 24.43 -13.42
C ALA A 446 13.34 24.69 -12.03
N VAL A 447 12.83 25.91 -11.79
CA VAL A 447 12.28 26.36 -10.53
C VAL A 447 10.79 26.59 -10.75
N TYR A 448 9.96 25.76 -10.11
CA TYR A 448 8.51 25.80 -10.18
C TYR A 448 8.07 26.48 -8.87
N ARG A 449 7.48 27.67 -9.00
CA ARG A 449 7.00 28.43 -7.86
C ARG A 449 5.54 28.01 -7.56
N ALA A 450 5.20 27.99 -6.27
CA ALA A 450 3.90 27.54 -5.77
C ALA A 450 2.93 28.73 -5.67
N GLN A 451 1.72 28.54 -6.22
CA GLN A 451 0.65 29.51 -6.33
C GLN A 451 -0.21 29.50 -5.03
N PRO A 452 -0.96 30.60 -4.76
CA PRO A 452 -1.92 30.63 -3.64
C PRO A 452 -3.17 29.78 -3.92
N VAL A 453 6.25 30.28 6.80
N VAL A 453 -3.85 29.41 -2.83
CA VAL A 453 5.51 29.05 6.54
CA VAL A 453 -5.05 28.59 -2.81
C VAL A 453 4.05 29.22 6.95
C VAL A 453 -5.97 29.16 -1.71
N VAL A 454 3.15 29.16 5.97
CA VAL A 454 1.72 29.30 6.22
C VAL A 454 1.06 27.93 6.37
N LYS A 455 0.49 27.68 7.54
CA LYS A 455 -0.19 26.41 7.83
C LYS A 455 -1.69 26.52 7.53
N ALA A 456 -2.11 25.98 6.38
CA ALA A 456 -3.50 26.05 5.96
C ALA A 456 -4.34 24.98 6.64
N SER A 457 -5.55 25.37 7.03
CA SER A 457 -6.54 24.44 7.57
C SER A 457 -7.79 24.47 6.71
N VAL A 458 -8.34 23.29 6.41
CA VAL A 458 -9.53 23.19 5.57
C VAL A 458 -10.53 22.25 6.19
N GLN A 459 -11.81 22.56 6.01
CA GLN A 459 -12.90 21.78 6.57
C GLN A 459 -14.13 21.94 5.68
N LEU A 460 -14.95 20.88 5.62
CA LEU A 460 -16.10 20.85 4.72
C LEU A 460 -17.26 20.18 5.42
N LEU A 461 -18.34 20.92 5.66
CA LEU A 461 -19.46 20.38 6.42
C LEU A 461 -20.74 20.27 5.59
N VAL A 462 -21.29 19.06 5.50
CA VAL A 462 -22.48 18.81 4.71
C VAL A 462 -23.38 17.79 5.42
N GLN A 463 -24.64 17.73 5.01
CA GLN A 463 -25.59 16.77 5.56
C GLN A 463 -25.15 15.35 5.25
N ASP A 464 -25.48 14.43 6.14
CA ASP A 464 -25.11 13.04 5.95
C ASP A 464 -26.02 12.31 4.96
N SER A 465 -27.18 12.89 4.68
CA SER A 465 -28.12 12.30 3.72
C SER A 465 -29.03 13.34 3.10
N LEU A 466 -29.37 13.13 1.82
CA LEU A 466 -30.22 14.04 1.07
C LEU A 466 -31.51 13.35 0.67
N ASN A 467 -32.64 14.03 0.88
CA ASN A 467 -33.96 13.48 0.55
C ASN A 467 -34.55 14.17 -0.67
N PRO A 468 -34.58 13.47 -1.83
CA PRO A 468 -35.15 14.08 -3.02
C PRO A 468 -36.59 14.54 -2.83
N ALA A 469 -37.36 13.74 -2.09
CA ALA A 469 -38.79 13.99 -1.89
C ALA A 469 -39.09 15.26 -1.08
N VAL A 470 -38.05 15.86 -0.49
CA VAL A 470 -38.22 17.13 0.23
C VAL A 470 -37.63 18.27 -0.59
N LYS A 471 -38.51 19.10 -1.14
CA LYS A 471 -38.12 20.25 -1.96
C LYS A 471 -38.54 21.54 -1.29
N SER A 472 -37.59 22.23 -0.67
CA SER A 472 -37.87 23.45 0.10
C SER A 472 -37.38 24.73 -0.59
N CYS A 473 -36.60 24.58 -1.65
CA CYS A 473 -36.11 25.75 -2.39
C CYS A 473 -36.73 25.79 -3.78
N VAL A 474 -36.56 26.92 -4.45
CA VAL A 474 -36.93 27.06 -5.85
C VAL A 474 -35.76 27.68 -6.59
N LEU A 475 -35.55 27.26 -7.84
CA LEU A 475 -34.52 27.85 -8.68
C LEU A 475 -34.81 29.34 -8.83
N PRO A 476 -33.79 30.20 -8.59
CA PRO A 476 -33.97 31.64 -8.69
C PRO A 476 -34.63 32.08 -10.00
N GLN A 477 -35.38 33.17 -9.93
CA GLN A 477 -36.07 33.73 -11.10
C GLN A 477 -37.26 32.88 -11.53
N THR A 478 -37.03 31.59 -11.74
CA THR A 478 -38.11 30.64 -11.98
C THR A 478 -38.76 30.28 -10.64
N LYS A 479 -39.66 29.31 -10.65
CA LYS A 479 -40.24 28.79 -9.42
C LYS A 479 -40.35 27.27 -9.53
N THR A 480 -39.22 26.63 -9.80
CA THR A 480 -39.15 25.18 -9.91
C THR A 480 -38.66 24.58 -8.60
N PRO A 481 -39.54 23.91 -7.84
CA PRO A 481 -39.12 23.33 -6.56
C PRO A 481 -37.90 22.42 -6.69
N VAL A 482 -36.96 22.55 -5.77
CA VAL A 482 -35.75 21.74 -5.79
C VAL A 482 -35.35 21.32 -4.38
N SER A 483 -34.85 20.09 -4.26
CA SER A 483 -34.35 19.60 -2.98
C SER A 483 -32.96 20.20 -2.74
N CYS A 484 -32.90 21.22 -1.89
CA CYS A 484 -31.67 21.98 -1.64
C CYS A 484 -31.04 21.59 -0.31
N PHE A 485 -29.76 21.95 -0.14
CA PHE A 485 -29.04 21.68 1.10
C PHE A 485 -27.81 22.58 1.23
N ASN A 486 -27.50 22.98 2.46
CA ASN A 486 -26.38 23.86 2.71
C ASN A 486 -25.05 23.12 2.65
N ILE A 487 -24.00 23.86 2.29
CA ILE A 487 -22.64 23.36 2.34
C ILE A 487 -21.76 24.42 2.98
N GLN A 488 -21.11 24.07 4.07
CA GLN A 488 -20.20 25.01 4.74
C GLN A 488 -18.76 24.61 4.49
N MET A 489 -17.93 25.61 4.22
CA MET A 489 -16.51 25.40 4.01
C MET A 489 -15.74 26.39 4.84
N CYS A 490 -14.81 25.89 5.64
CA CYS A 490 -14.03 26.72 6.54
C CYS A 490 -12.54 26.59 6.24
N VAL A 491 -11.89 27.73 5.97
CA VAL A 491 -10.46 27.75 5.71
C VAL A 491 -9.77 28.68 6.70
N GLY A 492 -8.70 28.19 7.31
CA GLY A 492 -7.88 29.00 8.21
C GLY A 492 -6.44 28.99 7.76
N ALA A 493 -5.63 29.88 8.32
CA ALA A 493 -4.23 30.01 7.93
C ALA A 493 -3.44 30.58 9.09
N THR A 494 -2.49 29.80 9.59
CA THR A 494 -1.66 30.20 10.72
C THR A 494 -0.18 30.17 10.37
N GLY A 495 0.65 30.70 11.26
CA GLY A 495 2.10 30.75 11.05
C GLY A 495 2.68 32.04 11.59
N HIS A 496 3.99 32.06 11.81
CA HIS A 496 4.64 33.23 12.37
C HIS A 496 5.10 34.20 11.28
N ASN A 497 4.98 35.49 11.56
CA ASN A 497 5.42 36.56 10.66
C ASN A 497 4.87 36.43 9.24
N ILE A 498 3.70 35.81 9.11
CA ILE A 498 3.04 35.70 7.80
C ILE A 498 2.43 37.07 7.48
N PRO A 499 2.38 37.41 6.17
CA PRO A 499 2.02 38.78 5.79
C PRO A 499 0.60 39.17 6.19
N GLN A 500 0.43 40.40 6.68
CA GLN A 500 -0.88 40.90 7.08
C GLN A 500 -1.83 41.02 5.91
N LYS A 501 -1.27 41.12 4.69
CA LYS A 501 -2.07 41.09 3.47
C LYS A 501 -1.91 39.73 2.81
N LEU A 502 -2.65 38.75 3.31
CA LEU A 502 -2.58 37.38 2.81
C LEU A 502 -3.95 36.94 2.31
N SER A 503 -3.97 36.26 1.17
CA SER A 503 -5.22 35.76 0.61
C SER A 503 -5.02 34.37 0.01
N LEU A 504 -6.10 33.60 -0.04
CA LEU A 504 -6.06 32.25 -0.62
C LEU A 504 -7.29 32.02 -1.48
N ASN A 505 -7.11 31.25 -2.56
CA ASN A 505 -8.23 30.82 -3.39
C ASN A 505 -8.77 29.48 -2.90
N ALA A 506 -10.09 29.36 -2.80
CA ALA A 506 -10.72 28.13 -2.32
C ALA A 506 -11.69 27.57 -3.37
N GLU A 507 -11.29 26.51 -4.05
CA GLU A 507 -12.14 25.88 -5.07
C GLU A 507 -13.03 24.80 -4.48
N LEU A 508 -14.33 24.90 -4.73
CA LEU A 508 -15.31 23.93 -4.26
C LEU A 508 -15.89 23.16 -5.45
N GLN A 509 -15.85 21.84 -5.39
CA GLN A 509 -16.40 21.00 -6.46
C GLN A 509 -17.44 20.01 -5.95
N LEU A 510 -18.62 20.04 -6.56
CA LEU A 510 -19.73 19.18 -6.15
C LEU A 510 -19.77 17.95 -7.02
N ASP A 511 -19.88 16.78 -6.39
CA ASP A 511 -19.99 15.52 -7.11
C ASP A 511 -18.75 15.33 -7.99
N ARG A 512 -17.58 15.50 -7.37
CA ARG A 512 -16.30 15.51 -8.07
CA ARG A 512 -16.30 15.51 -8.07
C ARG A 512 -16.06 14.26 -8.92
N GLN A 513 -16.43 13.10 -8.39
CA GLN A 513 -16.11 11.83 -9.05
C GLN A 513 -16.86 11.58 -10.37
N LYS A 514 -18.04 12.19 -10.51
CA LYS A 514 -18.84 12.03 -11.72
C LYS A 514 -18.26 12.88 -12.85
N PRO A 515 -18.60 12.55 -14.11
CA PRO A 515 -18.08 13.32 -15.25
C PRO A 515 -18.69 14.72 -15.33
N ARG A 516 -18.10 15.56 -16.20
CA ARG A 516 -18.51 16.96 -16.32
C ARG A 516 -20.02 17.13 -16.51
N GLN A 517 -20.60 16.32 -17.40
CA GLN A 517 -22.02 16.42 -17.71
C GLN A 517 -22.84 15.34 -17.00
N GLY A 518 -22.33 14.83 -15.89
CA GLY A 518 -23.05 13.83 -15.08
C GLY A 518 -23.22 14.23 -13.63
N ARG A 519 -22.93 15.50 -13.30
CA ARG A 519 -22.94 15.97 -11.92
C ARG A 519 -24.37 16.03 -11.39
N ARG A 520 -24.65 15.27 -10.34
CA ARG A 520 -26.01 15.11 -9.84
C ARG A 520 -26.47 16.27 -8.95
N VAL A 521 -25.51 17.02 -8.40
CA VAL A 521 -25.86 18.20 -7.62
C VAL A 521 -25.16 19.44 -8.18
N LEU A 522 -25.80 20.60 -8.00
CA LEU A 522 -25.28 21.85 -8.50
C LEU A 522 -25.55 22.97 -7.50
N LEU A 523 -24.90 24.11 -7.70
CA LEU A 523 -25.08 25.26 -6.83
C LEU A 523 -26.37 25.99 -7.21
N LEU A 524 -27.14 26.43 -6.22
CA LEU A 524 -28.45 27.03 -6.47
C LEU A 524 -28.34 28.34 -7.25
N GLY A 525 -27.33 29.14 -6.95
CA GLY A 525 -27.12 30.41 -7.64
C GLY A 525 -26.71 30.27 -9.08
N SER A 526 -25.50 29.75 -9.31
CA SER A 526 -24.95 29.64 -10.65
C SER A 526 -25.40 28.40 -11.42
N GLN A 527 -25.90 27.40 -10.69
CA GLN A 527 -26.25 26.10 -11.28
C GLN A 527 -25.05 25.44 -11.98
N GLN A 528 -23.87 25.66 -11.41
CA GLN A 528 -22.64 25.05 -11.87
C GLN A 528 -22.21 24.00 -10.86
N ALA A 529 -21.27 23.15 -11.26
CA ALA A 529 -20.77 22.08 -10.39
C ALA A 529 -19.66 22.55 -9.45
N GLY A 530 -19.19 23.80 -9.62
CA GLY A 530 -18.16 24.34 -8.74
C GLY A 530 -17.94 25.84 -8.86
N THR A 531 -17.24 26.38 -7.88
CA THR A 531 -16.86 27.79 -7.86
C THR A 531 -15.55 27.95 -7.11
N THR A 532 -14.88 29.08 -7.33
CA THR A 532 -13.68 29.43 -6.57
C THR A 532 -13.95 30.68 -5.75
N LEU A 533 -13.50 30.69 -4.50
CA LEU A 533 -13.65 31.84 -3.63
C LEU A 533 -12.30 32.46 -3.32
N ASN A 534 -12.29 33.78 -3.13
CA ASN A 534 -11.09 34.49 -2.72
C ASN A 534 -11.24 34.94 -1.27
N LEU A 535 -10.68 34.16 -0.36
CA LEU A 535 -10.81 34.41 1.06
C LEU A 535 -9.67 35.31 1.56
N ASP A 536 -10.03 36.36 2.28
CA ASP A 536 -9.05 37.29 2.85
C ASP A 536 -8.70 36.87 4.26
N LEU A 537 -7.60 36.13 4.41
CA LEU A 537 -7.14 35.65 5.70
C LEU A 537 -6.10 36.60 6.33
N GLY A 538 -5.93 37.77 5.72
CA GLY A 538 -4.94 38.73 6.18
C GLY A 538 -5.16 39.20 7.61
N GLY A 539 -4.35 38.68 8.52
CA GLY A 539 -4.42 39.06 9.93
C GLY A 539 -5.52 38.36 10.70
N LYS A 540 -6.30 37.52 10.01
CA LYS A 540 -7.41 36.82 10.64
C LYS A 540 -6.88 35.62 11.43
N HIS A 541 -6.84 35.77 12.76
CA HIS A 541 -6.34 34.72 13.64
C HIS A 541 -7.24 33.49 13.58
N SER A 542 -8.52 33.72 13.31
CA SER A 542 -9.50 32.65 13.21
C SER A 542 -9.63 32.17 11.76
N PRO A 543 -10.23 30.99 11.57
CA PRO A 543 -10.54 30.53 10.23
C PRO A 543 -11.84 31.16 9.71
N ILE A 544 -11.96 31.28 8.39
CA ILE A 544 -13.12 31.89 7.76
C ILE A 544 -14.10 30.83 7.27
N CYS A 545 -15.36 30.94 7.70
CA CYS A 545 -16.41 30.02 7.24
C CYS A 545 -17.41 30.73 6.35
N HIS A 546 -17.76 30.09 5.24
CA HIS A 546 -18.80 30.59 4.35
C HIS A 546 -19.68 29.43 3.93
N THR A 547 -20.99 29.64 3.96
CA THR A 547 -21.94 28.61 3.57
C THR A 547 -22.57 28.96 2.23
N THR A 548 -22.76 27.96 1.39
CA THR A 548 -23.46 28.12 0.13
C THR A 548 -24.64 27.16 0.10
N MET A 549 -25.41 27.18 -0.98
CA MET A 549 -26.56 26.29 -1.12
C MET A 549 -26.52 25.55 -2.44
N ALA A 550 -26.56 24.23 -2.36
CA ALA A 550 -26.60 23.38 -3.54
C ALA A 550 -27.98 22.77 -3.66
N PHE A 551 -28.21 22.01 -4.73
CA PHE A 551 -29.48 21.32 -4.91
C PHE A 551 -29.30 20.08 -5.77
N LEU A 552 -30.15 19.08 -5.52
CA LEU A 552 -30.11 17.83 -6.25
C LEU A 552 -30.94 17.98 -7.52
N ARG A 553 -30.41 17.50 -8.64
CA ARG A 553 -31.10 17.62 -9.92
C ARG A 553 -32.38 16.81 -9.93
N ASP A 554 -33.20 17.01 -10.95
CA ASP A 554 -34.48 16.31 -11.07
C ASP A 554 -34.26 14.80 -11.01
N GLU A 555 -35.24 14.10 -10.45
CA GLU A 555 -35.14 12.67 -10.23
C GLU A 555 -34.87 11.90 -11.53
N ALA A 556 -35.61 12.25 -12.58
CA ALA A 556 -35.48 11.58 -13.87
C ALA A 556 -34.24 12.00 -14.65
N ASP A 557 -33.59 13.07 -14.22
CA ASP A 557 -32.41 13.59 -14.92
C ASP A 557 -31.14 12.78 -14.68
N PHE A 558 -31.13 11.91 -13.67
CA PHE A 558 -29.98 11.03 -13.44
C PHE A 558 -30.37 9.68 -12.83
N ARG A 559 -29.60 8.65 -13.17
CA ARG A 559 -29.95 7.27 -12.80
C ARG A 559 -29.30 6.82 -11.50
N ASP A 560 -28.04 7.20 -11.28
CA ASP A 560 -27.29 6.70 -10.13
C ASP A 560 -27.82 7.29 -8.82
N LYS A 561 -28.37 6.44 -7.97
CA LYS A 561 -28.88 6.86 -6.66
C LYS A 561 -28.07 6.26 -5.50
N LEU A 562 -27.26 5.25 -5.80
CA LEU A 562 -26.50 4.55 -4.77
C LEU A 562 -25.17 5.27 -4.49
N SER A 563 -24.42 5.50 -5.57
CA SER A 563 -23.10 6.11 -5.48
C SER A 563 -23.12 7.36 -4.59
N PRO A 564 -22.09 7.53 -3.75
CA PRO A 564 -22.05 8.71 -2.88
C PRO A 564 -21.63 9.96 -3.63
N ILE A 565 -22.14 11.11 -3.20
CA ILE A 565 -21.83 12.39 -3.83
C ILE A 565 -20.63 13.04 -3.12
N VAL A 566 -19.49 13.10 -3.81
CA VAL A 566 -18.24 13.59 -3.20
C VAL A 566 -18.07 15.10 -3.35
N LEU A 567 -17.76 15.76 -2.24
CA LEU A 567 -17.49 17.20 -2.24
C LEU A 567 -16.02 17.45 -1.92
N SER A 568 -15.37 18.32 -2.69
CA SER A 568 -13.95 18.61 -2.49
C SER A 568 -13.68 20.11 -2.32
N LEU A 569 -12.66 20.42 -1.52
CA LEU A 569 -12.27 21.80 -1.27
C LEU A 569 -10.76 21.92 -1.42
N ASN A 570 -10.32 22.68 -2.43
N ASN A 570 -7.19 22.55 -1.21
CA ASN A 570 -8.90 22.83 -2.73
CA ASN A 570 -5.77 22.67 -1.50
C ASN A 570 -8.45 24.26 -2.50
C ASN A 570 -5.28 24.09 -1.26
N VAL A 571 -7.42 24.44 -1.68
N VAL A 571 -4.24 24.22 -0.42
CA VAL A 571 -6.93 25.77 -1.31
CA VAL A 571 -3.71 25.53 -0.03
C VAL A 571 -5.51 26.00 -1.85
C VAL A 571 -2.30 25.73 -0.57
N SER A 572 -5.30 27.18 -2.45
N SER A 572 -2.03 26.90 -1.14
CA SER A 572 -3.99 27.52 -3.00
CA SER A 572 -0.72 27.21 -1.68
C SER A 572 -3.71 29.01 -2.87
C SER A 572 -0.39 28.69 -1.53
N LEU A 573 -2.45 29.39 -3.05
N LEU A 573 0.88 29.03 -1.70
CA LEU A 573 -2.05 30.78 -3.08
CA LEU A 573 1.33 30.42 -1.71
C LEU A 573 -2.29 31.36 -4.47
C LEU A 573 1.11 31.01 -3.10
N PRO A 574 -2.68 32.63 -4.56
CA PRO A 574 -2.79 33.26 -5.87
C PRO A 574 -1.44 33.27 -6.59
N PRO A 575 -1.44 33.51 -7.91
CA PRO A 575 -0.17 33.58 -8.62
C PRO A 575 0.58 34.89 -8.35
N THR A 576 1.90 34.87 -8.54
CA THR A 576 2.71 36.06 -8.37
C THR A 576 2.62 36.95 -9.61
N GLU A 577 2.89 38.24 -9.44
CA GLU A 577 2.71 39.22 -10.51
C GLU A 577 3.92 39.26 -11.45
N ALA A 578 3.84 40.10 -12.48
CA ALA A 578 4.89 40.23 -13.48
C ALA A 578 6.25 40.49 -12.85
N GLY A 579 7.14 39.51 -12.94
CA GLY A 579 8.47 39.59 -12.33
C GLY A 579 8.74 38.43 -11.38
N MET A 580 7.66 37.79 -10.92
CA MET A 580 7.73 36.63 -10.02
C MET A 580 8.33 36.99 -8.66
N ALA A 581 8.73 35.98 -7.90
CA ALA A 581 9.31 36.14 -6.56
C ALA A 581 8.25 35.90 -5.48
N PRO A 582 8.00 34.61 -5.16
CA PRO A 582 6.98 34.24 -4.18
C PRO A 582 7.44 34.48 -2.74
N ALA A 583 6.56 35.04 -1.91
CA ALA A 583 6.91 35.45 -0.56
C ALA A 583 6.94 34.27 0.40
N VAL A 584 5.77 33.64 0.59
CA VAL A 584 5.61 32.59 1.59
C VAL A 584 5.53 31.20 0.98
N VAL A 585 5.50 30.20 1.85
CA VAL A 585 5.34 28.80 1.45
C VAL A 585 4.12 28.21 2.15
N LEU A 586 3.25 27.58 1.37
CA LEU A 586 1.97 27.09 1.87
C LEU A 586 1.97 25.57 2.03
N HIS A 587 1.79 25.12 3.27
N HIS A 587 1.79 25.10 3.26
CA HIS A 587 1.72 23.70 3.60
CA HIS A 587 1.63 23.67 3.50
C HIS A 587 0.58 23.44 4.57
C HIS A 587 0.59 23.43 4.59
N GLY A 588 0.41 22.17 4.97
CA GLY A 588 -0.63 21.78 5.90
C GLY A 588 -1.69 21.04 5.13
N ASP A 589 -2.94 21.19 5.56
CA ASP A 589 -4.06 20.58 4.87
C ASP A 589 -4.67 21.58 3.89
N THR A 590 -4.31 21.46 2.62
CA THR A 590 -4.82 22.35 1.58
C THR A 590 -5.91 21.71 0.72
N HIS A 591 -6.13 20.41 0.91
CA HIS A 591 -7.16 19.69 0.19
C HIS A 591 -7.90 18.75 1.12
N VAL A 592 -9.21 18.62 0.93
CA VAL A 592 -10.04 17.74 1.75
C VAL A 592 -11.31 17.39 1.00
N GLN A 593 -11.76 16.15 1.16
CA GLN A 593 -13.00 15.69 0.55
C GLN A 593 -13.92 15.11 1.59
N GLU A 594 -15.20 15.47 1.51
CA GLU A 594 -16.23 14.83 2.30
C GLU A 594 -17.34 14.39 1.35
N GLN A 595 -18.35 13.70 1.86
CA GLN A 595 -19.42 13.23 0.98
C GLN A 595 -20.79 13.21 1.64
N THR A 596 -21.81 13.09 0.79
CA THR A 596 -23.18 12.90 1.21
C THR A 596 -23.81 11.91 0.25
N ARG A 597 -25.05 11.49 0.53
CA ARG A 597 -25.74 10.59 -0.38
C ARG A 597 -27.26 10.70 -0.28
N ILE A 598 -27.94 10.14 -1.28
CA ILE A 598 -29.38 10.12 -1.30
C ILE A 598 -29.88 9.08 -0.30
N VAL A 599 -30.95 9.41 0.42
CA VAL A 599 -31.49 8.55 1.48
C VAL A 599 -31.81 7.18 0.92
N LEU A 600 -31.50 6.14 1.69
CA LEU A 600 -31.69 4.77 1.23
C LEU A 600 -31.76 3.78 2.40
N ASP A 601 -32.93 3.15 2.56
CA ASP A 601 -33.15 2.11 3.57
C ASP A 601 -32.99 2.62 5.00
N CYS A 602 -19.43 12.98 -3.81
CA CYS A 602 -19.80 13.34 -2.45
C CYS A 602 -21.32 13.31 -2.23
N GLY A 603 -22.06 12.73 -3.19
CA GLY A 603 -23.51 12.64 -3.07
C GLY A 603 -24.20 13.90 -3.56
N GLU A 604 -25.51 13.96 -3.36
CA GLU A 604 -26.32 15.07 -3.87
C GLU A 604 -26.08 16.39 -3.16
N ASP A 605 -25.46 16.34 -1.98
CA ASP A 605 -25.11 17.56 -1.24
C ASP A 605 -23.69 18.03 -1.57
N ASP A 606 -22.98 17.26 -2.39
CA ASP A 606 -21.63 17.61 -2.85
C ASP A 606 -20.64 17.89 -1.70
N VAL A 607 -20.82 17.19 -0.57
CA VAL A 607 -19.93 17.34 0.58
C VAL A 607 -19.56 15.97 1.11
N CYS A 608 -18.29 15.59 0.92
CA CYS A 608 -17.81 14.26 1.27
C CYS A 608 -17.63 14.10 2.78
N VAL A 609 -18.40 13.19 3.36
CA VAL A 609 -18.37 12.91 4.80
C VAL A 609 -17.99 11.45 5.02
N PRO A 610 -16.72 11.19 5.40
CA PRO A 610 -16.27 9.81 5.59
C PRO A 610 -16.79 9.11 6.85
N GLN A 611 -16.68 7.78 6.86
CA GLN A 611 -16.92 6.95 8.04
C GLN A 611 -15.69 6.09 8.27
N LEU A 612 -14.63 6.69 8.81
CA LEU A 612 -13.36 5.98 8.97
C LEU A 612 -13.38 5.01 10.16
N GLN A 613 -13.13 3.73 9.88
CA GLN A 613 -13.11 2.69 10.90
C GLN A 613 -11.68 2.19 11.11
N LEU A 614 -11.37 1.80 12.35
CA LEU A 614 -10.04 1.29 12.68
C LEU A 614 -10.11 0.23 13.76
N THR A 615 -9.49 -0.92 13.49
CA THR A 615 -9.31 -1.97 14.49
C THR A 615 -7.84 -2.37 14.46
N ALA A 616 -7.31 -2.79 15.60
CA ALA A 616 -5.89 -3.13 15.69
C ALA A 616 -5.60 -4.20 16.74
N SER A 617 -4.39 -4.76 16.65
CA SER A 617 -3.91 -5.74 17.61
C SER A 617 -2.39 -5.85 17.49
N VAL A 618 -1.76 -6.45 18.50
CA VAL A 618 -0.31 -6.58 18.54
C VAL A 618 0.14 -8.04 18.62
N THR A 619 1.13 -8.40 17.83
CA THR A 619 1.70 -9.75 17.87
C THR A 619 3.06 -9.73 18.58
N GLY A 620 3.35 -10.80 19.32
CA GLY A 620 4.56 -10.88 20.12
C GLY A 620 4.48 -9.97 21.33
N SER A 621 3.33 -10.02 22.01
CA SER A 621 2.94 -8.97 22.98
C SER A 621 3.81 -8.87 24.23
N PRO A 622 4.14 -10.00 24.89
CA PRO A 622 4.89 -9.82 26.14
C PRO A 622 6.25 -9.18 25.91
N LEU A 623 6.36 -7.90 26.25
CA LEU A 623 7.61 -7.15 26.08
C LEU A 623 8.62 -7.54 27.16
N LEU A 624 9.76 -8.07 26.74
CA LEU A 624 10.80 -8.50 27.68
C LEU A 624 11.65 -7.32 28.13
N VAL A 625 11.75 -7.13 29.44
CA VAL A 625 12.49 -6.02 30.01
C VAL A 625 13.99 -6.20 29.81
N GLY A 626 14.65 -5.14 29.36
CA GLY A 626 16.08 -5.18 29.08
C GLY A 626 16.40 -6.01 27.86
N ALA A 627 15.49 -6.00 26.89
CA ALA A 627 15.63 -6.81 25.68
C ALA A 627 15.56 -5.95 24.43
N ASP A 628 15.70 -6.59 23.29
CA ASP A 628 15.66 -5.90 22.00
C ASP A 628 14.36 -6.25 21.28
N ASN A 629 13.24 -5.92 21.94
CA ASN A 629 11.92 -6.30 21.45
C ASN A 629 11.62 -5.77 20.06
N VAL A 630 10.79 -6.51 19.32
CA VAL A 630 10.33 -6.08 18.01
C VAL A 630 8.86 -6.47 17.83
N LEU A 631 7.96 -5.57 18.22
CA LEU A 631 6.53 -5.78 18.07
C LEU A 631 6.11 -5.61 16.62
N GLU A 632 4.98 -6.21 16.25
CA GLU A 632 4.36 -5.96 14.96
C GLU A 632 2.92 -5.53 15.18
N LEU A 633 2.64 -4.27 14.86
CA LEU A 633 1.28 -3.74 14.98
C LEU A 633 0.47 -4.17 13.76
N GLN A 634 -0.59 -4.93 13.97
CA GLN A 634 -1.50 -5.32 12.89
C GLN A 634 -2.80 -4.55 13.03
N MET A 635 -3.17 -3.83 11.98
CA MET A 635 -4.29 -2.91 12.06
C MET A 635 -5.01 -2.80 10.72
N ASP A 636 -6.34 -2.89 10.78
CA ASP A 636 -7.21 -2.85 9.61
C ASP A 636 -7.98 -1.53 9.58
N ALA A 637 -7.73 -0.73 8.54
CA ALA A 637 -8.36 0.57 8.37
C ALA A 637 -9.36 0.51 7.23
N ALA A 638 -10.55 1.07 7.44
CA ALA A 638 -11.59 1.05 6.42
C ALA A 638 -12.45 2.31 6.45
N ASN A 639 -12.99 2.68 5.29
CA ASN A 639 -13.93 3.80 5.18
C ASN A 639 -15.24 3.30 4.58
N GLU A 640 -16.29 3.31 5.38
CA GLU A 640 -17.62 2.90 4.93
C GLU A 640 -18.47 4.11 4.54
N GLY A 641 -17.83 5.29 4.52
CA GLY A 641 -18.49 6.52 4.10
C GLY A 641 -17.87 7.03 2.82
N GLU A 642 -17.95 8.34 2.61
CA GLU A 642 -17.48 8.94 1.36
C GLU A 642 -16.00 9.27 1.43
N GLY A 643 -15.43 9.68 0.31
CA GLY A 643 -13.98 9.89 0.17
C GLY A 643 -13.32 10.73 1.25
N ALA A 644 -12.19 10.25 1.77
CA ALA A 644 -11.41 10.97 2.76
C ALA A 644 -10.14 11.50 2.13
N TYR A 645 -9.99 12.82 2.09
CA TYR A 645 -8.86 13.43 1.41
C TYR A 645 -7.60 13.39 2.29
N GLU A 646 -6.45 13.20 1.66
CA GLU A 646 -5.18 13.07 2.37
C GLU A 646 -5.33 12.18 3.59
N ALA A 647 -5.90 10.99 3.39
CA ALA A 647 -6.10 10.04 4.48
C ALA A 647 -4.76 9.46 4.90
N GLU A 648 -4.55 9.33 6.20
CA GLU A 648 -3.31 8.79 6.74
C GLU A 648 -3.48 8.19 8.13
N LEU A 649 -2.78 7.10 8.39
CA LEU A 649 -2.77 6.49 9.71
C LEU A 649 -1.76 7.21 10.59
N ALA A 650 -2.16 7.49 11.82
CA ALA A 650 -1.29 8.19 12.77
C ALA A 650 -1.07 7.33 14.01
N VAL A 651 0.11 6.73 14.11
CA VAL A 651 0.45 5.89 15.25
C VAL A 651 1.39 6.63 16.19
N HIS A 652 0.93 6.86 17.42
CA HIS A 652 1.75 7.51 18.44
C HIS A 652 2.57 6.47 19.20
N LEU A 653 3.89 6.58 19.10
CA LEU A 653 4.80 5.64 19.74
C LEU A 653 5.08 6.06 21.18
N PRO A 654 5.37 5.09 22.06
CA PRO A 654 5.86 5.39 23.40
C PRO A 654 7.35 5.74 23.40
N GLN A 655 7.89 6.05 24.59
CA GLN A 655 9.28 6.47 24.72
C GLN A 655 10.29 5.47 24.16
N GLY A 656 10.02 4.19 24.35
CA GLY A 656 10.97 3.14 23.94
C GLY A 656 10.87 2.72 22.49
N ALA A 657 9.74 3.01 21.84
CA ALA A 657 9.44 2.47 20.52
C ALA A 657 10.08 3.27 19.37
N HIS A 658 10.47 2.55 18.32
CA HIS A 658 11.03 3.17 17.11
C HIS A 658 10.47 2.50 15.87
N TYR A 659 10.06 3.30 14.89
CA TYR A 659 9.51 2.78 13.63
C TYR A 659 10.59 2.10 12.83
N MET A 660 10.31 0.88 12.36
CA MET A 660 11.25 0.14 11.54
C MET A 660 10.78 0.11 10.10
N ARG A 661 9.62 -0.50 9.87
CA ARG A 661 9.11 -0.76 8.54
C ARG A 661 7.61 -0.93 8.58
N ALA A 662 6.95 -0.75 7.44
CA ALA A 662 5.51 -0.95 7.32
C ALA A 662 5.12 -1.63 6.00
N LEU A 663 4.04 -2.39 6.04
CA LEU A 663 3.52 -3.08 4.85
C LEU A 663 1.99 -3.02 4.82
N SER A 664 1.43 -3.32 3.65
CA SER A 664 -0.02 -3.34 3.48
C SER A 664 -0.45 -4.40 2.47
N ASN A 665 -1.74 -4.72 2.47
CA ASN A 665 -2.30 -5.79 1.63
C ASN A 665 -3.09 -5.26 0.43
N VAL A 666 -2.43 -4.46 -0.41
CA VAL A 666 -3.06 -3.89 -1.60
C VAL A 666 -2.26 -4.25 -2.86
N GLU A 667 -2.80 -5.18 -3.65
CA GLU A 667 -2.12 -5.61 -4.88
C GLY A 668 -0.55 -1.22 -5.38
N PHE A 669 -0.48 -1.18 -4.04
N PHE A 669 -0.08 -1.62 -4.20
CA PHE A 669 0.68 -0.64 -3.34
CA PHE A 669 0.62 -0.72 -3.31
C PHE A 669 1.10 -1.56 -2.18
C PHE A 669 1.13 -1.52 -2.12
N GLU A 670 2.31 -2.11 -2.27
CA GLU A 670 2.82 -3.07 -1.29
C GLU A 670 3.39 -2.37 -0.04
N ARG A 671 4.44 -1.58 -0.22
CA ARG A 671 5.03 -0.82 0.88
CA ARG A 671 5.03 -0.82 0.89
C ARG A 671 4.37 0.54 1.00
N LEU A 672 4.11 0.97 2.24
CA LEU A 672 3.47 2.26 2.49
C LEU A 672 4.48 3.39 2.55
N ILE A 673 4.04 4.59 2.17
CA ILE A 673 4.85 5.79 2.31
C ILE A 673 4.68 6.35 3.72
N CYS A 674 5.57 5.95 4.63
CA CYS A 674 5.51 6.39 6.02
C CYS A 674 6.60 7.39 6.34
N ASN A 675 6.30 8.32 7.24
CA ASN A 675 7.23 9.34 7.66
C ASN A 675 7.11 9.60 9.16
N GLN A 676 8.16 9.30 9.91
CA GLN A 676 8.15 9.48 11.35
C GLN A 676 8.30 10.96 11.70
N LYS A 677 7.31 11.49 12.40
CA LYS A 677 7.27 12.90 12.76
C LYS A 677 7.50 13.05 14.27
N LYS A 678 8.62 13.66 14.62
CA LYS A 678 8.98 13.91 16.02
C LYS A 678 8.56 15.32 16.42
N GLU A 679 7.91 16.03 15.49
CA GLU A 679 7.43 17.39 15.72
C GLU A 679 6.36 17.41 16.80
N ASN A 680 5.47 16.43 16.77
CA ASN A 680 4.45 16.27 17.82
C ASN A 680 5.14 15.93 19.14
N GLU A 681 4.55 16.39 20.24
CA GLU A 681 5.14 16.20 21.58
C GLU A 681 5.74 14.79 21.75
N THR A 682 5.02 13.79 21.24
CA THR A 682 5.51 12.41 21.26
C THR A 682 5.88 11.95 19.84
N ARG A 683 6.63 10.85 19.77
CA ARG A 683 7.06 10.30 18.48
C ARG A 683 5.86 9.73 17.74
N VAL A 684 5.59 10.26 16.54
CA VAL A 684 4.43 9.84 15.76
C VAL A 684 4.85 9.34 14.38
N VAL A 685 4.21 8.26 13.93
CA VAL A 685 4.43 7.74 12.58
C VAL A 685 3.18 7.93 11.75
N LEU A 686 3.34 8.54 10.57
CA LEU A 686 2.22 8.83 9.68
C LEU A 686 2.40 8.15 8.33
N CYS A 687 1.49 7.24 7.99
CA CYS A 687 1.52 6.54 6.70
C CYS A 687 0.31 6.91 5.87
N GLU A 688 0.55 7.18 4.58
CA GLU A 688 -0.51 7.59 3.66
C GLU A 688 -1.44 6.42 3.33
N LEU A 689 -2.75 6.64 3.51
CA LEU A 689 -3.75 5.61 3.23
C LEU A 689 -4.47 5.84 1.90
N GLY A 690 -4.41 7.06 1.37
CA GLY A 690 -5.02 7.37 0.08
C GLY A 690 -5.54 8.78 -0.02
N ASN A 691 -5.50 9.33 -1.23
CA ASN A 691 -5.88 10.70 -1.48
C ASN A 691 -6.75 10.81 -2.74
N PRO A 692 -8.06 10.57 -2.60
CA PRO A 692 -8.78 10.23 -1.39
C PRO A 692 -8.72 8.74 -1.06
N MET A 693 -9.14 8.39 0.15
CA MET A 693 -9.40 7.01 0.53
C MET A 693 -10.86 6.74 0.16
N LYS A 694 -11.07 6.04 -0.96
CA LYS A 694 -12.40 5.87 -1.53
C LYS A 694 -13.39 5.15 -0.61
N LYS A 695 -14.67 5.23 -0.97
CA LYS A 695 -15.74 4.57 -0.23
C LYS A 695 -15.57 3.06 -0.30
N ASN A 696 -15.85 2.39 0.82
CA ASN A 696 -15.70 0.94 0.94
C ASN A 696 -14.27 0.45 0.71
N ALA A 697 -13.30 1.35 0.85
CA ALA A 697 -11.89 0.98 0.78
C ALA A 697 -11.47 0.42 2.13
N GLN A 698 -10.67 -0.64 2.12
CA GLN A 698 -10.25 -1.29 3.36
C GLN A 698 -8.80 -1.77 3.28
N ILE A 699 -7.92 -1.06 3.98
CA ILE A 699 -6.49 -1.36 3.97
C ILE A 699 -6.05 -2.01 5.28
N GLY A 700 -5.42 -3.17 5.16
CA GLY A 700 -4.77 -3.82 6.30
C GLY A 700 -3.31 -3.40 6.34
N ILE A 701 -2.84 -3.02 7.52
CA ILE A 701 -1.47 -2.54 7.66
C ILE A 701 -0.70 -3.33 8.71
N ALA A 702 0.50 -3.76 8.34
CA ALA A 702 1.41 -4.42 9.28
C ALA A 702 2.65 -3.55 9.44
N MET A 703 2.92 -3.13 10.67
CA MET A 703 4.03 -2.24 10.96
C MET A 703 4.94 -2.84 12.03
N LEU A 704 6.21 -3.04 11.67
CA LEU A 704 7.23 -3.48 12.64
C LEU A 704 7.71 -2.28 13.45
N VAL A 705 7.88 -2.49 14.75
CA VAL A 705 8.27 -1.43 15.66
C VAL A 705 9.19 -2.00 16.74
N SER A 706 10.41 -1.49 16.80
CA SER A 706 11.38 -1.94 17.80
C SER A 706 11.24 -1.15 19.10
N VAL A 707 10.69 -1.80 20.12
CA VAL A 707 10.60 -1.20 21.44
C VAL A 707 11.94 -1.38 22.15
N GLY A 708 12.76 -0.34 22.11
CA GLY A 708 14.11 -0.39 22.69
C GLY A 708 14.12 -0.40 24.21
N ASN A 709 15.32 -0.34 24.77
CA ASN A 709 15.52 -0.43 26.21
C ASN A 709 14.86 0.71 26.97
N LEU A 710 13.72 0.40 27.61
CA LEU A 710 13.06 1.35 28.48
C LEU A 710 12.91 0.68 29.85
N GLU A 711 13.81 1.03 30.76
CA GLU A 711 13.86 0.40 32.08
C GLU A 711 12.86 1.06 33.03
N GLU A 712 12.38 2.23 32.66
CA GLU A 712 11.42 2.97 33.46
C GLU A 712 10.11 3.15 32.69
N ALA A 713 9.64 2.07 32.08
CA ALA A 713 8.40 2.07 31.31
C ALA A 713 7.19 1.74 32.19
N GLY A 714 7.40 0.87 33.16
CA GLY A 714 6.34 0.45 34.07
C GLY A 714 5.82 -0.93 33.71
N GLU A 715 4.64 -1.26 34.21
CA GLU A 715 4.04 -2.58 33.97
C GLU A 715 3.57 -2.77 32.53
N SER A 716 3.32 -1.66 31.82
CA SER A 716 2.92 -1.73 30.41
C SER A 716 3.18 -0.41 29.70
N VAL A 717 3.24 -0.47 28.37
CA VAL A 717 3.38 0.73 27.55
C VAL A 717 2.17 0.87 26.64
N SER A 718 1.82 2.11 26.30
CA SER A 718 0.62 2.40 25.54
C SER A 718 0.91 2.88 24.11
N PHE A 719 0.29 2.22 23.15
CA PHE A 719 0.29 2.67 21.76
C PHE A 719 -1.07 3.28 21.44
N GLN A 720 -1.07 4.34 20.63
CA GLN A 720 -2.30 5.02 20.25
C GLN A 720 -2.34 5.16 18.73
N LEU A 721 -3.47 4.76 18.14
CA LEU A 721 -3.61 4.72 16.69
C LEU A 721 -4.89 5.43 16.26
N GLN A 722 -4.83 6.13 15.13
CA GLN A 722 -5.99 6.83 14.58
C GLN A 722 -5.78 7.16 13.11
N ILE A 723 -6.87 7.12 12.34
CA ILE A 723 -6.84 7.55 10.94
C ILE A 723 -7.29 9.01 10.86
N ARG A 724 -6.50 9.83 10.18
CA ARG A 724 -6.80 11.25 10.04
C ARG A 724 -7.02 11.63 8.58
N SER A 725 -7.86 12.63 8.35
CA SER A 725 -8.09 13.18 7.02
C SER A 725 -8.24 14.69 7.10
N LYS A 726 -8.34 15.33 5.93
CA LYS A 726 -8.43 16.78 5.83
C LYS A 726 -9.85 17.30 5.63
N ASN A 727 -10.83 16.39 5.63
CA ASN A 727 -12.22 16.78 5.38
C ASN A 727 -12.78 17.67 6.48
N SER A 728 -13.84 18.41 6.17
CA SER A 728 -14.48 19.32 7.13
C SER A 728 -15.40 18.57 8.09
N GLN A 729 -16.16 17.63 7.54
CA GLN A 729 -17.10 16.84 8.33
C GLN A 729 -16.51 15.46 8.63
N ASN A 730 -16.65 15.04 9.88
CA ASN A 730 -16.25 13.70 10.30
C ASN A 730 -14.90 13.26 9.72
N PRO A 731 -13.82 13.99 10.06
CA PRO A 731 -12.52 13.79 9.45
C PRO A 731 -11.74 12.58 9.98
N ASN A 732 -11.84 12.33 11.28
CA ASN A 732 -11.00 11.32 11.92
C ASN A 732 -11.78 10.11 12.42
N SER A 733 -11.10 8.97 12.46
CA SER A 733 -11.66 7.75 13.04
C SER A 733 -11.53 7.82 14.56
N LYS A 734 -12.15 6.87 15.25
CA LYS A 734 -12.01 6.77 16.70
C LYS A 734 -10.56 6.44 17.07
N ILE A 735 -10.19 6.76 18.30
CA ILE A 735 -8.84 6.52 18.79
C ILE A 735 -8.72 5.13 19.40
N VAL A 736 -7.94 4.28 18.76
CA VAL A 736 -7.69 2.94 19.27
C VAL A 736 -6.42 2.93 20.13
N LEU A 737 -6.56 2.46 21.36
CA LEU A 737 -5.41 2.35 22.27
C LEU A 737 -5.05 0.90 22.52
N LEU A 738 -3.76 0.59 22.46
CA LEU A 738 -3.26 -0.76 22.73
C LEU A 738 -2.29 -0.72 23.90
N ASP A 739 -2.60 -1.49 24.94
CA ASP A 739 -1.73 -1.59 26.10
C ASP A 739 -0.96 -2.90 26.08
N VAL A 740 0.28 -2.84 25.61
CA VAL A 740 1.15 -4.01 25.57
C VAL A 740 1.85 -4.17 26.92
N PRO A 741 1.72 -5.35 27.55
CA PRO A 741 2.27 -5.59 28.87
C PRO A 741 3.79 -5.81 28.87
N VAL A 742 4.44 -5.47 29.98
CA VAL A 742 5.89 -5.56 30.11
C VAL A 742 6.27 -6.44 31.30
N ARG A 743 7.08 -7.47 31.04
CA ARG A 743 7.52 -8.40 32.08
C ARG A 743 8.96 -8.86 31.82
N ALA A 744 9.78 -8.92 32.87
CA ALA A 744 11.17 -9.32 32.76
C ALA A 744 11.33 -10.84 32.78
N GLU A 745 -6.74 1.54 34.69
CA GLU A 745 -7.01 0.12 34.72
C GLU A 745 -8.52 -0.12 34.78
N ALA A 746 -8.96 -1.25 34.25
CA ALA A 746 -10.37 -1.63 34.28
C ALA A 746 -10.50 -3.13 34.53
N GLN A 747 -11.58 -3.52 35.21
CA GLN A 747 -11.85 -4.91 35.53
C GLN A 747 -13.31 -5.22 35.30
N VAL A 748 -13.61 -5.78 34.14
CA VAL A 748 -14.96 -6.17 33.79
C VAL A 748 -15.16 -7.63 34.16
N GLU A 749 -16.27 -7.93 34.84
CA GLU A 749 -16.61 -9.30 35.20
C GLU A 749 -17.83 -9.77 34.41
N LEU A 750 -17.75 -11.00 33.91
CA LEU A 750 -18.86 -11.62 33.21
C LEU A 750 -19.38 -12.79 34.03
N ARG A 751 -20.67 -12.76 34.35
CA ARG A 751 -21.30 -13.84 35.11
C ARG A 751 -22.45 -14.45 34.30
N GLY A 752 -22.79 -15.70 34.60
CA GLY A 752 -23.87 -16.37 33.91
C GLY A 752 -24.56 -17.43 34.76
N ASN A 753 -25.86 -17.61 34.52
CA ASN A 753 -26.64 -18.66 35.18
C ASN A 753 -27.91 -18.96 34.39
N SER A 754 -28.43 -20.18 34.56
CA SER A 754 -29.63 -20.60 33.86
C SER A 754 -30.85 -20.58 34.79
N PHE A 755 -32.02 -20.38 34.21
CA PHE A 755 -33.26 -20.31 34.97
C PHE A 755 -34.36 -21.08 34.24
N PRO A 756 -34.74 -22.24 34.78
CA PRO A 756 -34.25 -22.85 36.02
C PRO A 756 -32.87 -23.48 35.87
N ALA A 757 -32.32 -23.97 36.98
CA ALA A 757 -31.04 -24.66 36.97
C ALA A 757 -31.22 -26.06 36.40
N SER A 758 -31.91 -26.91 37.16
CA SER A 758 -32.28 -28.24 36.69
C SER A 758 -33.68 -28.18 36.11
N LEU A 759 -34.01 -29.15 35.27
CA LEU A 759 -35.31 -29.18 34.61
C LEU A 759 -35.73 -30.62 34.30
N VAL A 760 -36.68 -31.13 35.08
CA VAL A 760 -37.26 -32.46 34.82
C VAL A 760 -38.43 -32.32 33.85
N VAL A 761 -38.72 -33.40 33.13
CA VAL A 761 -39.73 -33.36 32.08
C VAL A 761 -40.82 -34.41 32.27
N ALA A 762 -42.05 -34.06 31.90
CA ALA A 762 -43.19 -34.98 31.96
C ALA A 762 -43.27 -35.80 30.67
N ALA A 763 -44.24 -36.71 30.62
CA ALA A 763 -44.40 -37.63 29.49
C ALA A 763 -44.63 -36.90 28.16
N SER A 775 -48.26 -28.18 24.09
CA SER A 775 -47.64 -27.96 22.78
C SER A 775 -46.18 -27.55 22.94
N TRP A 776 -45.96 -26.48 23.70
CA TRP A 776 -44.61 -25.99 23.97
C TRP A 776 -43.94 -26.82 25.05
N GLY A 777 -42.65 -27.08 24.90
CA GLY A 777 -41.86 -27.74 25.93
C GLY A 777 -41.57 -26.78 27.08
N PRO A 778 -40.81 -27.25 28.08
CA PRO A 778 -40.49 -26.41 29.24
C PRO A 778 -39.52 -25.29 28.88
N LYS A 779 -39.74 -24.11 29.45
CA LYS A 779 -38.91 -22.94 29.13
C LYS A 779 -37.60 -23.01 29.88
N VAL A 780 -36.56 -22.40 29.30
CA VAL A 780 -35.25 -22.28 29.93
C VAL A 780 -34.64 -20.95 29.53
N GLU A 781 -34.04 -20.24 30.49
CA GLU A 781 -33.37 -18.96 30.21
C GLU A 781 -31.91 -19.02 30.61
N HIS A 782 -31.04 -18.49 29.76
CA HIS A 782 -29.63 -18.33 30.08
C HIS A 782 -29.30 -16.84 30.11
N THR A 783 -28.94 -16.34 31.30
CA THR A 783 -28.74 -14.92 31.50
C THR A 783 -27.28 -14.60 31.85
N TYR A 784 -26.66 -13.76 31.02
CA TYR A 784 -25.31 -13.27 31.28
C TYR A 784 -25.36 -11.84 31.78
N GLU A 785 -24.39 -11.46 32.61
CA GLU A 785 -24.30 -10.08 33.11
C GLU A 785 -22.86 -9.57 33.07
N LEU A 786 -22.69 -8.31 32.69
CA LEU A 786 -21.38 -7.66 32.69
C LEU A 786 -21.35 -6.56 33.76
N HIS A 787 -20.20 -6.41 34.41
CA HIS A 787 -20.03 -5.43 35.48
C HIS A 787 -18.63 -4.84 35.47
N ASN A 788 -18.54 -3.56 35.11
CA ASN A 788 -17.29 -2.81 35.18
C ASN A 788 -17.05 -2.38 36.62
N ASN A 789 -16.18 -3.11 37.31
CA ASN A 789 -15.85 -2.80 38.70
C ASN A 789 -14.63 -1.89 38.81
N GLY A 790 -13.64 -2.13 37.94
CA GLY A 790 -12.36 -1.42 38.00
C GLY A 790 -12.48 0.08 37.83
N PRO A 791 -11.43 0.83 38.20
CA PRO A 791 -11.47 2.29 38.24
C PRO A 791 -11.79 2.95 36.91
N GLY A 792 -11.15 2.49 35.84
CA GLY A 792 -11.26 3.14 34.54
C GLY A 792 -12.54 2.84 33.78
N THR A 793 -12.99 3.81 33.00
CA THR A 793 -14.12 3.61 32.10
C THR A 793 -13.65 2.82 30.90
N VAL A 794 -14.58 2.07 30.30
CA VAL A 794 -14.26 1.24 29.14
C VAL A 794 -15.18 1.58 27.97
N ASN A 795 -14.59 1.64 26.78
CA ASN A 795 -15.32 1.95 25.55
C ASN A 795 -15.17 0.83 24.53
N GLY A 796 -16.19 0.65 23.71
CA GLY A 796 -16.17 -0.39 22.68
C GLY A 796 -16.13 -1.79 23.26
N LEU A 797 -17.13 -2.12 24.06
CA LEU A 797 -17.25 -3.45 24.65
C LEU A 797 -18.08 -4.35 23.76
N HIS A 798 -17.47 -5.44 23.28
CA HIS A 798 -18.15 -6.37 22.39
C HIS A 798 -18.38 -7.72 23.08
N LEU A 799 -19.62 -8.18 23.08
CA LEU A 799 -19.99 -9.46 23.69
C LEU A 799 -20.55 -10.40 22.65
N SER A 800 -20.07 -11.65 22.65
CA SER A 800 -20.52 -12.65 21.69
C SER A 800 -20.97 -13.92 22.41
N ILE A 801 -22.26 -14.24 22.30
CA ILE A 801 -22.82 -15.43 22.95
C ILE A 801 -23.02 -16.54 21.94
N HIS A 802 -22.61 -17.75 22.32
CA HIS A 802 -22.76 -18.93 21.46
C HIS A 802 -23.84 -19.85 22.04
N LEU A 803 -24.93 -19.99 21.30
CA LEU A 803 -26.07 -20.80 21.72
C LEU A 803 -26.22 -22.02 20.80
N PRO A 804 -26.44 -23.21 21.38
CA PRO A 804 -26.49 -24.44 20.60
C PRO A 804 -27.73 -24.57 19.73
N GLY A 805 -27.54 -24.90 18.46
CA GLY A 805 -28.65 -25.09 17.53
C GLY A 805 -29.09 -23.78 16.89
N GLN A 806 -29.76 -23.88 15.75
CA GLN A 806 -30.23 -22.70 15.02
C GLN A 806 -31.76 -22.64 15.00
N SER A 807 -32.38 -23.10 16.09
CA SER A 807 -33.84 -23.11 16.24
C SER A 807 -34.55 -23.84 15.10
N GLN A 808 -33.98 -24.97 14.71
CA GLN A 808 -34.52 -25.76 13.61
C GLN A 808 -35.37 -26.91 14.15
N PRO A 809 -36.25 -27.49 13.31
CA PRO A 809 -37.07 -28.61 13.78
C PRO A 809 -36.24 -29.83 14.20
N SER A 810 -34.99 -29.89 13.75
CA SER A 810 -34.08 -30.97 14.12
C SER A 810 -33.30 -30.65 15.40
N ASP A 811 -33.25 -29.38 15.80
CA ASP A 811 -32.53 -28.97 17.00
C ASP A 811 -33.31 -29.29 18.27
N LEU A 812 -32.62 -29.23 19.41
CA LEU A 812 -33.22 -29.56 20.70
C LEU A 812 -33.83 -28.32 21.35
N LEU A 813 -33.18 -27.18 21.18
CA LEU A 813 -33.66 -25.91 21.74
C LEU A 813 -34.24 -25.01 20.66
N TYR A 814 -35.30 -24.30 21.02
CA TYR A 814 -35.87 -23.28 20.17
C TYR A 814 -35.73 -21.92 20.86
N ILE A 815 -34.94 -21.04 20.27
CA ILE A 815 -34.67 -19.73 20.86
C ILE A 815 -35.81 -18.77 20.56
N LEU A 816 -36.49 -18.31 21.61
CA LEU A 816 -37.62 -17.39 21.47
C LEU A 816 -37.17 -15.96 21.26
N ASP A 817 -36.52 -15.40 22.28
CA ASP A 817 -36.22 -13.98 22.30
C ASP A 817 -34.91 -13.71 23.02
N ILE A 818 -34.28 -12.60 22.65
CA ILE A 818 -33.08 -12.13 23.33
C ILE A 818 -33.42 -10.76 23.93
N GLN A 819 -33.14 -10.60 25.21
CA GLN A 819 -33.52 -9.38 25.94
C GLN A 819 -32.29 -8.71 26.56
N PRO A 820 -31.60 -7.85 25.78
CA PRO A 820 -30.46 -7.11 26.31
C PRO A 820 -30.89 -5.88 27.10
N GLN A 821 -30.04 -5.43 28.03
CA GLN A 821 -30.34 -4.27 28.86
C GLN A 821 -29.07 -3.47 29.18
N GLY A 822 -29.27 -2.21 29.54
CA GLY A 822 -28.16 -1.32 29.88
C GLY A 822 -27.49 -0.70 28.67
N GLY A 823 -28.27 -0.36 27.66
CA GLY A 823 -27.76 0.26 26.44
C GLY A 823 -27.00 -0.69 25.53
N LEU A 824 -27.23 -1.98 25.70
CA LEU A 824 -26.56 -3.01 24.92
C LEU A 824 -27.48 -3.44 23.78
N GLN A 825 -26.92 -3.53 22.57
CA GLN A 825 -27.69 -3.93 21.39
C GLN A 825 -27.10 -5.19 20.78
N CYS A 826 -27.93 -6.18 20.51
CA CYS A 826 -27.47 -7.49 20.05
C CYS A 826 -28.08 -7.90 18.71
N PHE A 827 -27.32 -8.69 17.95
CA PHE A 827 -27.75 -9.18 16.65
C PHE A 827 -27.42 -10.67 16.52
N PRO A 828 -28.47 -11.52 16.49
CA PRO A 828 -28.26 -12.96 16.38
C PRO A 828 -28.00 -13.42 14.96
N GLN A 829 -27.28 -14.53 14.82
CA GLN A 829 -26.96 -15.09 13.51
C GLN A 829 -26.79 -16.61 13.63
N PRO A 830 -27.73 -17.40 13.07
CA PRO A 830 -28.91 -16.97 12.32
C PRO A 830 -29.98 -16.36 13.22
N PRO A 831 -31.07 -15.86 12.63
CA PRO A 831 -32.15 -15.28 13.42
C PRO A 831 -32.72 -16.27 14.43
N VAL A 832 -33.22 -15.76 15.55
CA VAL A 832 -33.92 -16.58 16.53
C VAL A 832 -35.43 -16.47 16.29
N ASN A 833 -36.16 -17.49 16.70
CA ASN A 833 -37.61 -17.55 16.49
C ASN A 833 -38.00 -17.27 15.05
N PRO A 834 -37.72 -18.21 14.13
CA PRO A 834 -38.11 -18.06 12.74
C PRO A 834 -39.63 -18.04 12.53
N LEU A 835 -40.39 -18.61 13.46
CA LEU A 835 -41.85 -18.57 13.42
C LEU A 835 -42.34 -17.25 14.02
N LYS A 836 -43.65 -17.12 14.22
CA LYS A 836 -44.21 -15.93 14.87
C LYS A 836 -43.95 -16.00 16.38
N VAL A 837 -44.98 -16.26 17.19
CA VAL A 837 -44.83 -16.57 18.61
C VAL A 837 -44.41 -15.38 19.48
N ASP A 838 -44.81 -15.40 20.76
CA ASP A 838 -44.44 -14.37 21.72
C ASP A 838 -43.16 -14.75 22.48
N TRP A 839 -42.81 -13.96 23.49
CA TRP A 839 -41.63 -14.24 24.31
N ASP A 874 -24.89 -42.15 30.51
CA ASP A 874 -23.97 -41.05 30.76
C ASP A 874 -24.57 -39.73 30.31
N PRO A 875 -24.04 -38.61 30.84
CA PRO A 875 -24.57 -37.29 30.47
C PRO A 875 -24.17 -36.86 29.07
N VAL A 876 -25.17 -36.58 28.23
CA VAL A 876 -24.94 -36.13 26.86
C VAL A 876 -24.70 -34.62 26.84
N LEU A 877 -23.48 -34.21 26.53
CA LEU A 877 -23.13 -32.79 26.52
C LEU A 877 -23.59 -32.13 25.23
N VAL A 878 -24.76 -31.50 25.28
CA VAL A 878 -25.30 -30.74 24.15
C VAL A 878 -24.76 -29.33 24.19
N SER A 879 -23.76 -29.06 23.36
CA SER A 879 -23.11 -27.75 23.34
C SER A 879 -22.93 -27.25 21.92
N CYS A 880 -22.48 -26.01 21.81
CA CYS A 880 -22.24 -25.38 20.51
C CYS A 880 -21.12 -26.07 19.73
N ASP A 881 -20.24 -26.77 20.43
CA ASP A 881 -19.16 -27.52 19.79
C ASP A 881 -19.68 -28.71 19.00
N SER A 882 -20.81 -29.27 19.43
CA SER A 882 -21.40 -30.44 18.79
C SER A 882 -22.23 -30.04 17.56
N ALA A 883 -23.36 -29.38 17.81
CA ALA A 883 -24.33 -29.07 16.77
C ALA A 883 -24.10 -27.67 16.18
N PRO A 884 -24.90 -27.28 15.17
CA PRO A 884 -24.84 -25.92 14.64
C PRO A 884 -25.11 -24.88 15.73
N CYS A 885 -24.78 -23.62 15.46
CA CYS A 885 -24.76 -22.61 16.51
C CYS A 885 -25.33 -21.26 16.10
N THR A 886 -26.03 -20.62 17.03
CA THR A 886 -26.54 -19.27 16.83
C THR A 886 -25.68 -18.28 17.61
N VAL A 887 -24.77 -17.60 16.91
CA VAL A 887 -23.89 -16.64 17.54
C VAL A 887 -24.55 -15.27 17.65
N VAL A 888 -24.85 -14.87 18.88
CA VAL A 888 -25.39 -13.54 19.17
C VAL A 888 -24.24 -12.60 19.50
N GLN A 889 -24.16 -11.48 18.77
CA GLN A 889 -23.11 -10.50 18.99
C GLN A 889 -23.70 -9.17 19.46
N CYS A 890 -23.11 -8.61 20.52
CA CYS A 890 -23.62 -7.37 21.11
C CYS A 890 -22.55 -6.28 21.14
N ASP A 891 -22.99 -5.04 21.34
CA ASP A 891 -22.11 -3.89 21.36
C ASP A 891 -22.53 -2.90 22.43
N LEU A 892 -21.54 -2.34 23.13
CA LEU A 892 -21.78 -1.27 24.10
C LEU A 892 -20.71 -0.21 23.91
N GLN A 893 -21.15 1.02 23.67
CA GLN A 893 -20.27 2.11 23.27
C GLN A 893 -19.42 2.63 24.42
N GLU A 894 -19.96 2.57 25.64
CA GLU A 894 -19.30 3.11 26.81
C GLU A 894 -19.90 2.54 28.09
N MET A 895 -19.05 2.33 29.10
CA MET A 895 -19.49 1.74 30.36
C MET A 895 -18.69 2.35 31.52
N ALA A 896 -19.38 3.09 32.38
CA ALA A 896 -18.75 3.79 33.49
C ALA A 896 -18.46 2.85 34.66
N ARG A 897 -17.86 3.40 35.71
CA ARG A 897 -17.53 2.63 36.91
C ARG A 897 -18.80 2.23 37.65
N GLY A 898 -18.89 0.96 38.04
CA GLY A 898 -20.05 0.45 38.75
C GLY A 898 -21.27 0.18 37.87
N GLN A 899 -21.16 0.53 36.59
CA GLN A 899 -22.26 0.35 35.64
C GLN A 899 -22.39 -1.11 35.27
N ARG A 900 -23.60 -1.54 34.92
CA ARG A 900 -23.87 -2.92 34.58
C ARG A 900 -24.66 -3.05 33.28
N ALA A 901 -24.71 -4.27 32.76
CA ALA A 901 -25.47 -4.57 31.56
C ALA A 901 -25.66 -6.08 31.50
N MET A 902 -26.87 -6.51 31.15
CA MET A 902 -27.18 -7.93 31.12
C MET A 902 -27.98 -8.31 29.86
N VAL A 903 -27.81 -9.56 29.44
CA VAL A 903 -28.56 -10.11 28.32
C VAL A 903 -29.17 -11.43 28.74
N THR A 904 -30.47 -11.56 28.53
CA THR A 904 -31.18 -12.79 28.86
C THR A 904 -31.66 -13.46 27.58
N VAL A 905 -31.27 -14.72 27.39
CA VAL A 905 -31.70 -15.49 26.23
C VAL A 905 -32.82 -16.45 26.64
N LEU A 906 -33.96 -16.34 25.97
CA LEU A 906 -35.11 -17.18 26.28
C LEU A 906 -35.25 -18.29 25.26
N ALA A 907 -35.62 -19.49 25.73
CA ALA A 907 -35.79 -20.64 24.86
C ALA A 907 -36.64 -21.72 25.52
N PHE A 908 -36.97 -22.75 24.75
CA PHE A 908 -37.63 -23.93 25.30
C PHE A 908 -37.28 -25.18 24.50
N LEU A 909 -37.49 -26.34 25.10
CA LEU A 909 -37.13 -27.60 24.47
C LEU A 909 -38.14 -27.98 23.40
N TRP A 910 -37.65 -28.60 22.34
CA TRP A 910 -38.48 -29.10 21.27
C TRP A 910 -38.78 -30.56 21.54
N LEU A 911 -39.99 -30.85 22.00
CA LEU A 911 -40.35 -32.17 22.51
C LEU A 911 -40.02 -33.31 21.54
N PRO A 912 -40.36 -33.16 20.25
CA PRO A 912 -40.02 -34.20 19.29
C PRO A 912 -38.52 -34.53 19.27
N SER A 913 -37.67 -33.50 19.30
CA SER A 913 -36.23 -33.69 19.34
C SER A 913 -35.81 -34.32 20.66
N LEU A 914 -36.45 -33.91 21.75
CA LEU A 914 -36.10 -34.39 23.08
C LEU A 914 -36.41 -35.88 23.24
N TYR A 915 -37.49 -36.34 22.62
CA TYR A 915 -37.89 -37.74 22.76
C TYR A 915 -37.24 -38.67 21.73
N GLN A 916 -36.45 -38.09 20.83
CA GLN A 916 -35.39 -38.85 20.16
C GLN A 916 -34.31 -39.01 21.22
N ARG A 917 -33.99 -40.25 21.57
CA ARG A 917 -33.21 -40.55 22.78
C ARG A 917 -34.07 -40.30 24.02
N PRO A 918 -35.12 -41.12 24.22
CA PRO A 918 -36.07 -40.91 25.32
C PRO A 918 -35.57 -41.31 26.72
N LEU A 919 -34.33 -41.78 26.82
CA LEU A 919 -33.76 -42.19 28.10
C LEU A 919 -32.37 -41.58 28.36
N ASP A 920 -32.08 -40.46 27.71
CA ASP A 920 -30.77 -39.81 27.87
C ASP A 920 -30.82 -38.68 28.88
N GLN A 921 -29.66 -38.34 29.44
CA GLN A 921 -29.52 -37.23 30.37
C GLN A 921 -28.76 -36.11 29.66
N PHE A 922 -29.47 -35.03 29.34
CA PHE A 922 -28.88 -33.94 28.55
C PHE A 922 -28.36 -32.81 29.44
N VAL A 923 -27.34 -32.11 28.93
CA VAL A 923 -26.77 -30.93 29.59
C VAL A 923 -26.57 -29.82 28.57
N LEU A 924 -27.44 -28.81 28.62
CA LEU A 924 -27.40 -27.71 27.65
C LEU A 924 -26.36 -26.67 28.05
N GLN A 925 -25.38 -26.46 27.18
CA GLN A 925 -24.27 -25.57 27.47
C GLN A 925 -24.23 -24.39 26.50
N SER A 926 -23.96 -23.21 27.05
CA SER A 926 -23.73 -22.02 26.24
C SER A 926 -22.39 -21.41 26.65
N HIS A 927 -21.83 -20.56 25.80
CA HIS A 927 -20.55 -19.94 26.07
C HIS A 927 -20.55 -18.49 25.62
N ALA A 928 -19.86 -17.64 26.37
CA ALA A 928 -19.83 -16.21 26.07
C ALA A 928 -18.41 -15.64 26.20
N TRP A 929 -17.99 -14.91 25.16
CA TRP A 929 -16.70 -14.22 25.17
CA TRP A 929 -16.70 -14.22 25.17
C TRP A 929 -16.94 -12.71 25.18
N PHE A 930 -16.00 -11.97 25.77
CA PHE A 930 -16.10 -10.52 25.79
C PHE A 930 -14.72 -9.86 25.75
N ASN A 931 -14.67 -8.63 25.26
CA ASN A 931 -13.45 -7.84 25.25
C ASN A 931 -13.77 -6.36 25.19
N VAL A 932 -12.75 -5.52 25.32
CA VAL A 932 -12.89 -4.07 25.30
C VAL A 932 -11.92 -3.46 24.31
N SER A 933 -12.38 -2.43 23.61
CA SER A 933 -11.57 -1.77 22.58
C SER A 933 -10.50 -0.86 23.20
N SER A 934 -10.93 0.13 23.96
CA SER A 934 -10.01 1.10 24.57
C SER A 934 -10.62 1.75 25.81
N LEU A 935 -9.79 2.51 26.52
CA LEU A 935 -10.24 3.30 27.65
C LEU A 935 -10.00 4.78 27.33
N PRO A 936 -10.97 5.64 27.63
CA PRO A 936 -10.85 7.06 27.28
C PRO A 936 -9.97 7.84 28.25
N TYR A 937 -8.65 7.77 28.05
CA TYR A 937 -7.71 8.44 28.94
C TYR A 937 -6.43 8.84 28.21
N ALA A 938 -5.58 9.62 28.89
CA ALA A 938 -4.35 10.13 28.29
C ALA A 938 -3.36 9.01 28.00
N VAL A 939 -2.77 8.44 29.05
CA VAL A 939 -1.78 7.38 28.89
C VAL A 939 -2.09 6.23 29.85
N PRO A 940 -2.85 5.23 29.38
CA PRO A 940 -3.17 4.06 30.17
C PRO A 940 -2.57 2.75 29.65
N PRO A 941 -1.24 2.59 29.74
CA PRO A 941 -0.61 1.36 29.27
C PRO A 941 -0.66 0.23 30.32
N LEU A 942 -1.75 -0.51 30.35
CA LEU A 942 -1.86 -1.68 31.24
C LEU A 942 -2.33 -2.91 30.48
N SER A 943 -3.64 -3.12 30.43
CA SER A 943 -4.21 -4.29 29.78
C SER A 943 -5.72 -4.13 29.59
N LEU A 944 -6.18 -4.33 28.37
CA LEU A 944 -7.60 -4.19 28.06
C LEU A 944 -8.37 -5.37 28.64
N PRO A 945 -9.51 -5.10 29.31
CA PRO A 945 -10.30 -6.18 29.90
C PRO A 945 -10.73 -7.23 28.89
N ARG A 946 -10.69 -8.50 29.30
CA ARG A 946 -11.18 -9.60 28.49
C ARG A 946 -11.62 -10.74 29.41
N GLY A 947 -12.35 -11.69 28.87
CA GLY A 947 -12.77 -12.85 29.65
C GLY A 947 -13.81 -13.70 28.95
N GLU A 948 -14.34 -14.67 29.69
CA GLU A 948 -15.30 -15.61 29.16
C GLU A 948 -16.15 -16.20 30.29
N ALA A 949 -17.33 -16.68 29.93
CA ALA A 949 -18.22 -17.30 30.90
C ALA A 949 -18.96 -18.46 30.25
N GLN A 950 -19.68 -19.22 31.06
CA GLN A 950 -20.29 -20.46 30.61
C GLN A 950 -21.48 -20.81 31.50
N VAL A 951 -22.60 -21.15 30.89
CA VAL A 951 -23.82 -21.50 31.61
C VAL A 951 -24.30 -22.90 31.25
N TRP A 952 -24.59 -23.71 32.26
CA TRP A 952 -25.10 -25.06 32.06
C TRP A 952 -26.54 -25.17 32.51
N THR A 953 -27.27 -26.08 31.88
CA THR A 953 -28.62 -26.45 32.32
C THR A 953 -28.75 -27.94 32.10
N GLN A 954 -29.10 -28.67 33.15
CA GLN A 954 -29.24 -30.12 33.04
C GLN A 954 -30.71 -30.52 32.89
N LEU A 955 -30.95 -31.60 32.14
CA LEU A 955 -32.28 -32.13 31.95
C LEU A 955 -32.36 -33.52 32.56
N LEU A 956 -33.48 -33.79 33.25
CA LEU A 956 -33.65 -35.06 33.97
C LEU A 956 -34.91 -35.79 33.53
N ARG A 957 -34.87 -37.12 33.67
CA ARG A 957 -35.98 -37.98 33.26
C ARG A 957 -36.95 -38.21 34.43
N ALA A 958 -38.23 -37.95 34.19
CA ALA A 958 -39.26 -38.11 35.20
C ALA A 958 -40.36 -39.04 34.70
N CYS A 959 -41.12 -39.61 35.65
CA CYS A 959 -42.20 -40.54 35.34
C CYS A 959 -43.52 -40.04 35.91
N GLY B 1 -46.90 22.05 -18.99
CA GLY B 1 -47.02 22.07 -20.48
C GLY B 1 -45.67 22.12 -21.17
N PRO B 2 -45.67 22.21 -22.51
CA PRO B 2 -44.42 22.30 -23.28
C PRO B 2 -43.64 23.57 -22.98
N ASN B 3 -42.31 23.45 -22.94
CA ASN B 3 -41.46 24.60 -22.67
C ASN B 3 -40.02 24.38 -23.15
N ILE B 4 -39.21 25.42 -23.03
CA ILE B 4 -37.82 25.41 -23.47
C ILE B 4 -37.02 24.22 -22.92
N CYS B 5 -37.35 23.80 -21.70
CA CYS B 5 -36.64 22.69 -21.06
C CYS B 5 -36.91 21.36 -21.76
N THR B 6 -38.18 21.06 -21.98
CA THR B 6 -38.59 19.77 -22.53
C THR B 6 -38.09 19.55 -23.95
N THR B 7 -38.38 20.52 -24.81
CA THR B 7 -38.10 20.38 -26.24
C THR B 7 -36.73 20.96 -26.62
N ARG B 8 -35.70 20.57 -25.89
CA ARG B 8 -34.33 20.96 -26.23
C ARG B 8 -33.35 19.92 -25.69
N GLY B 9 -32.78 20.18 -24.51
CA GLY B 9 -31.75 19.32 -23.95
C GLY B 9 -32.32 18.21 -23.09
N VAL B 10 -32.65 17.09 -23.72
CA VAL B 10 -33.12 15.91 -23.01
C VAL B 10 -32.10 14.78 -23.14
N SER B 11 -30.83 15.13 -22.98
CA SER B 11 -29.73 14.17 -23.08
C SER B 11 -29.10 13.91 -21.72
N SER B 12 -28.62 14.97 -21.07
CA SER B 12 -27.94 14.83 -19.79
C SER B 12 -28.50 15.80 -18.75
N CYS B 13 -28.06 15.64 -17.51
CA CYS B 13 -28.47 16.55 -16.43
C CYS B 13 -27.80 17.90 -16.59
N GLN B 14 -26.55 17.91 -17.03
CA GLN B 14 -25.80 19.16 -17.18
C GLN B 14 -26.36 20.02 -18.31
N GLN B 15 -26.68 19.39 -19.44
CA GLN B 15 -27.30 20.12 -20.56
C GLN B 15 -28.61 20.76 -20.15
N CYS B 16 -29.39 20.03 -19.35
CA CYS B 16 -30.68 20.51 -18.89
C CYS B 16 -30.54 21.83 -18.15
N LEU B 17 -29.58 21.90 -17.23
CA LEU B 17 -29.33 23.12 -16.47
C LEU B 17 -28.84 24.25 -17.37
N ALA B 18 -28.08 23.90 -18.41
CA ALA B 18 -27.53 24.88 -19.33
C ALA B 18 -28.59 25.49 -20.25
N VAL B 19 -29.73 24.81 -20.40
CA VAL B 19 -30.80 25.30 -21.26
C VAL B 19 -31.42 26.61 -20.73
N SER B 20 -31.68 26.66 -19.43
CA SER B 20 -32.29 27.83 -18.81
C SER B 20 -32.22 27.72 -17.28
N PRO B 21 -32.19 28.88 -16.58
CA PRO B 21 -32.20 28.89 -15.12
C PRO B 21 -33.46 28.28 -14.49
N MET B 22 -34.54 28.19 -15.25
CA MET B 22 -35.79 27.65 -14.73
C MET B 22 -35.93 26.14 -14.92
N CYS B 23 -34.98 25.52 -15.62
CA CYS B 23 -35.04 24.09 -15.88
C CYS B 23 -34.53 23.25 -14.72
N ALA B 24 -35.34 22.27 -14.31
CA ALA B 24 -34.94 21.31 -13.30
C ALA B 24 -34.79 19.93 -13.95
N TRP B 25 -34.06 19.05 -13.29
CA TRP B 25 -33.79 17.71 -13.80
C TRP B 25 -34.15 16.65 -12.75
N CYS B 26 -34.75 15.57 -13.22
CA CYS B 26 -35.19 14.47 -12.35
C CYS B 26 -34.35 13.23 -12.60
N SER B 27 -33.68 12.74 -11.56
CA SER B 27 -32.80 11.58 -11.67
C SER B 27 -33.47 10.28 -11.22
N ASP B 28 -34.76 10.38 -10.87
CA ASP B 28 -35.51 9.23 -10.37
C ASP B 28 -35.67 8.17 -11.47
N GLU B 29 -35.14 6.98 -11.20
CA GLU B 29 -35.21 5.88 -12.17
C GLU B 29 -36.64 5.37 -12.35
N ALA B 30 -37.50 5.64 -11.37
CA ALA B 30 -38.89 5.20 -11.40
C ALA B 30 -39.77 6.09 -12.30
N LEU B 31 -39.23 7.21 -12.76
CA LEU B 31 -39.98 8.12 -13.63
C LEU B 31 -40.53 7.38 -14.85
N PRO B 32 -41.83 7.58 -15.16
CA PRO B 32 -42.44 6.91 -16.32
C PRO B 32 -41.63 7.11 -17.60
N LEU B 33 -41.42 6.03 -18.34
CA LEU B 33 -40.65 6.08 -19.58
C LEU B 33 -41.42 6.87 -20.64
N GLY B 34 -41.02 8.13 -20.85
CA GLY B 34 -41.70 9.00 -21.81
C GLY B 34 -41.80 10.42 -21.31
N SER B 35 -42.29 10.58 -20.07
CA SER B 35 -42.41 11.89 -19.45
C SER B 35 -41.08 12.64 -19.50
N PRO B 36 -41.13 13.97 -19.62
CA PRO B 36 -39.90 14.74 -19.78
C PRO B 36 -39.07 14.77 -18.50
N ARG B 37 -37.80 14.39 -18.61
CA ARG B 37 -36.90 14.36 -17.47
C ARG B 37 -36.40 15.78 -17.15
N CYS B 38 -36.26 16.59 -18.20
CA CYS B 38 -35.84 17.98 -18.06
C CYS B 38 -37.05 18.89 -18.25
N ASP B 39 -37.53 19.47 -17.15
CA ASP B 39 -38.73 20.31 -17.17
C ASP B 39 -38.68 21.29 -15.99
N LEU B 40 -39.78 22.01 -15.77
CA LEU B 40 -39.90 22.86 -14.60
C LEU B 40 -40.09 22.01 -13.35
N LYS B 41 -39.64 22.52 -12.21
CA LYS B 41 -39.75 21.78 -10.96
C LYS B 41 -41.20 21.39 -10.67
N GLU B 42 -42.12 22.31 -10.91
CA GLU B 42 -43.54 22.06 -10.64
C GLU B 42 -44.07 20.91 -11.49
N ASN B 43 -43.60 20.81 -12.74
CA ASN B 43 -44.03 19.75 -13.64
C ASN B 43 -43.42 18.39 -13.30
N LEU B 44 -42.17 18.38 -12.86
CA LEU B 44 -41.53 17.14 -12.41
C LEU B 44 -42.27 16.59 -11.19
N LEU B 45 -42.59 17.46 -10.25
CA LEU B 45 -43.31 17.08 -9.05
C LEU B 45 -44.71 16.54 -9.38
N LYS B 46 -45.37 17.14 -10.36
CA LYS B 46 -46.69 16.68 -10.79
C LYS B 46 -46.65 15.31 -11.46
N ASP B 47 -45.45 14.86 -11.85
CA ASP B 47 -45.22 13.47 -12.26
C ASP B 47 -44.55 12.68 -11.14
N ASN B 48 -44.76 13.13 -9.91
CA ASN B 48 -44.27 12.44 -8.71
C ASN B 48 -42.78 12.07 -8.77
N CYS B 49 -41.95 12.99 -9.26
CA CYS B 49 -40.52 12.78 -9.22
C CYS B 49 -40.04 12.88 -7.78
N ALA B 50 -39.13 11.98 -7.39
CA ALA B 50 -38.59 11.96 -6.04
C ALA B 50 -37.91 13.29 -5.71
N PRO B 51 -38.47 14.04 -4.74
CA PRO B 51 -37.92 15.34 -4.38
C PRO B 51 -36.40 15.36 -4.21
N GLU B 52 -35.85 14.39 -3.47
CA GLU B 52 -34.40 14.34 -3.26
C GLU B 52 -33.63 14.03 -4.55
N SER B 53 -34.33 13.46 -5.54
CA SER B 53 -33.76 13.19 -6.85
C SER B 53 -33.80 14.40 -7.78
N ILE B 54 -34.55 15.43 -7.42
CA ILE B 54 -34.67 16.62 -8.27
C ILE B 54 -33.42 17.49 -8.16
N GLU B 55 -32.80 17.74 -9.31
CA GLU B 55 -31.67 18.66 -9.41
C GLU B 55 -32.19 20.01 -9.88
N PHE B 56 -32.27 20.96 -8.96
CA PHE B 56 -32.72 22.31 -9.29
C PHE B 56 -32.05 23.32 -8.38
N PRO B 57 -49.72 0.88 -18.64
CA PRO B 57 -48.42 0.27 -18.88
C PRO B 57 -47.61 0.21 -17.60
N VAL B 58 -46.77 -0.82 -17.49
CA VAL B 58 -45.91 -0.99 -16.34
C VAL B 58 -44.46 -1.05 -16.81
N SER B 59 -43.59 -0.31 -16.12
CA SER B 59 -42.17 -0.28 -16.47
C SER B 59 -41.56 -1.65 -16.22
N GLU B 60 -40.60 -2.04 -17.07
CA GLU B 60 -39.96 -3.35 -16.95
C GLU B 60 -38.50 -3.33 -17.40
N ALA B 61 -37.81 -4.43 -17.14
CA ALA B 61 -36.41 -4.59 -17.54
C ALA B 61 -36.15 -6.00 -18.06
N ARG B 62 -36.42 -6.21 -19.35
CA ARG B 62 -36.23 -7.50 -19.97
C ARG B 62 -34.75 -7.78 -20.26
N VAL B 63 -34.25 -8.88 -19.75
CA VAL B 63 -32.87 -9.30 -20.01
C VAL B 63 -32.74 -9.82 -21.44
N LEU B 64 -31.84 -9.23 -22.21
CA LEU B 64 -31.59 -9.67 -23.58
C LEU B 64 -30.49 -10.72 -23.61
N GLU B 65 -29.34 -10.40 -23.01
CA GLU B 65 -28.22 -11.32 -22.94
C GLU B 65 -27.92 -11.67 -21.48
N ASP B 66 -27.71 -12.95 -21.23
CA ASP B 66 -27.46 -13.43 -19.87
C ASP B 66 -26.53 -14.63 -19.87
N ARG B 67 -25.30 -14.42 -20.32
CA ARG B 67 -24.28 -15.45 -20.29
C ARG B 67 -23.73 -15.58 -18.87
N PRO B 68 -23.72 -16.80 -18.32
CA PRO B 68 -23.10 -17.02 -17.01
C PRO B 68 -21.61 -16.68 -17.00
N LEU B 69 -21.09 -16.35 -15.84
CA LEU B 69 -19.69 -15.92 -15.69
C LEU B 69 -18.73 -17.12 -15.79
N SER B 70 -17.50 -16.84 -16.20
CA SER B 70 -16.51 -17.88 -16.42
C SER B 70 -15.80 -18.28 -15.14
N ASP B 71 -15.30 -19.52 -15.10
CA ASP B 71 -14.58 -20.04 -13.94
C ASP B 71 -13.07 -19.92 -14.11
N LYS B 72 -12.61 -19.92 -15.35
CA LYS B 72 -11.18 -19.84 -15.68
C LYS B 72 -10.99 -19.00 -16.94
N GLY B 73 -10.03 -18.07 -16.88
CA GLY B 73 -9.72 -17.21 -18.03
C GLY B 73 -8.83 -17.91 -19.05
N SER B 74 -9.39 -18.93 -19.71
CA SER B 74 -8.64 -19.75 -20.66
C SER B 74 -9.54 -20.32 -21.74
N GLN B 79 -15.56 -17.37 -25.11
CA GLN B 79 -14.75 -16.27 -24.62
C GLN B 79 -15.12 -15.93 -23.18
N VAL B 80 -14.15 -15.40 -22.44
CA VAL B 80 -14.32 -15.14 -21.01
C VAL B 80 -15.39 -14.07 -20.75
N THR B 81 -16.24 -14.31 -19.76
CA THR B 81 -17.26 -13.36 -19.37
C THR B 81 -17.11 -13.00 -17.89
N GLN B 82 -17.07 -11.70 -17.61
CA GLN B 82 -16.90 -11.20 -16.24
C GLN B 82 -18.00 -10.22 -15.80
N VAL B 83 -18.96 -9.96 -16.68
CA VAL B 83 -20.10 -9.11 -16.36
C VAL B 83 -21.39 -9.74 -16.89
N SER B 84 -22.28 -10.11 -15.97
CA SER B 84 -23.56 -10.71 -16.35
C SER B 84 -24.69 -10.06 -15.53
N PRO B 85 -25.79 -9.65 -16.21
CA PRO B 85 -26.07 -9.77 -17.63
C PRO B 85 -25.31 -8.76 -18.48
N GLN B 86 -25.18 -9.05 -19.78
CA GLN B 86 -24.42 -8.22 -20.69
C GLN B 86 -25.26 -7.10 -21.30
N ARG B 87 -26.53 -7.40 -21.58
CA ARG B 87 -27.44 -6.41 -22.16
C ARG B 87 -28.84 -6.54 -21.56
N ILE B 88 -29.47 -5.40 -21.31
CA ILE B 88 -30.82 -5.36 -20.76
C ILE B 88 -31.65 -4.28 -21.46
N ALA B 89 -32.83 -4.68 -21.93
CA ALA B 89 -33.76 -3.74 -22.53
C ALA B 89 -34.66 -3.18 -21.45
N LEU B 90 -34.35 -1.96 -21.01
CA LEU B 90 -35.16 -1.28 -20.00
C LEU B 90 -36.28 -0.51 -20.69
N ARG B 91 -37.42 -0.40 -20.01
CA ARG B 91 -38.57 0.32 -20.56
C ARG B 91 -39.37 0.99 -19.44
N LEU B 92 -39.41 2.32 -19.45
CA LEU B 92 -40.00 3.10 -18.36
C LEU B 92 -41.16 3.98 -18.82
N ARG B 93 -42.02 4.33 -17.87
CA ARG B 93 -43.12 5.26 -18.10
C ARG B 93 -42.82 6.58 -17.37
N PRO B 94 -43.60 7.65 -17.63
CA PRO B 94 -43.28 8.99 -17.12
C PRO B 94 -42.99 9.07 -15.61
N ASP B 95 -41.86 9.69 -15.26
CA ASP B 95 -41.45 9.89 -13.86
C ASP B 95 -41.35 8.59 -13.06
N ASP B 96 -41.13 7.48 -13.75
CA ASP B 96 -41.12 6.18 -13.10
C ASP B 96 -39.70 5.62 -13.06
N SER B 97 -39.46 4.71 -12.11
CA SER B 97 -38.16 4.10 -11.95
C SER B 97 -38.25 2.60 -12.16
N LYS B 98 -37.11 1.95 -12.26
CA LYS B 98 -37.04 0.49 -12.36
C LYS B 98 -35.66 0.03 -11.93
N ASN B 99 -35.61 -1.02 -11.12
CA ASN B 99 -34.35 -1.53 -10.61
C ASN B 99 -33.97 -2.85 -11.25
N PHE B 100 -32.66 -3.12 -11.25
CA PHE B 100 -32.12 -4.34 -11.85
C PHE B 100 -30.72 -4.60 -11.29
N SER B 101 -30.31 -5.87 -11.30
CA SER B 101 -29.02 -6.26 -10.73
C SER B 101 -27.97 -6.50 -11.80
N ILE B 102 -26.71 -6.43 -11.38
CA ILE B 102 -25.58 -6.76 -12.25
C ILE B 102 -24.56 -7.51 -11.41
N GLN B 103 -23.87 -8.48 -12.01
CA GLN B 103 -22.95 -9.33 -11.27
C GLN B 103 -21.55 -9.29 -11.87
N VAL B 104 -20.67 -8.54 -11.22
CA VAL B 104 -19.27 -8.45 -11.62
C VAL B 104 -18.48 -9.52 -10.89
N ARG B 105 -17.47 -10.07 -11.57
CA ARG B 105 -16.69 -11.17 -11.01
C ARG B 105 -15.37 -11.28 -11.77
N GLN B 106 -14.26 -11.20 -11.03
CA GLN B 106 -12.95 -11.28 -11.65
C GLN B 106 -12.52 -12.73 -11.82
N VAL B 107 -12.43 -13.14 -13.07
CA VAL B 107 -12.04 -14.52 -13.38
C VAL B 107 -10.61 -14.78 -12.94
N GLU B 108 -10.35 -16.02 -12.54
CA GLU B 108 -9.03 -16.42 -12.10
C GLU B 108 -8.14 -16.69 -13.31
N ASP B 109 -6.85 -16.38 -13.18
CA ASP B 109 -5.87 -16.63 -14.23
C ASP B 109 -6.21 -15.90 -15.53
N TYR B 110 -10.70 -7.71 -18.84
CA TYR B 110 -10.17 -6.44 -19.32
C TYR B 110 -9.06 -6.71 -20.34
N PRO B 111 -8.97 -5.89 -21.40
CA PRO B 111 -7.93 -6.11 -22.42
C PRO B 111 -6.50 -6.04 -21.85
N VAL B 112 -5.60 -6.82 -22.43
CA VAL B 112 -4.23 -6.94 -21.93
C VAL B 112 -3.19 -6.78 -23.04
N ASP B 113 -2.10 -6.08 -22.72
CA ASP B 113 -0.94 -5.96 -23.61
C ASP B 113 0.24 -6.67 -22.99
N ILE B 114 1.10 -7.26 -23.83
CA ILE B 114 2.28 -7.96 -23.34
C ILE B 114 3.52 -7.69 -24.19
N TYR B 115 4.41 -6.84 -23.69
CA TYR B 115 5.69 -6.60 -24.35
C TYR B 115 6.77 -7.43 -23.69
N TYR B 116 7.60 -8.08 -24.52
CA TYR B 116 8.56 -9.07 -24.05
C TYR B 116 10.00 -8.54 -24.13
N LEU B 117 10.42 -7.82 -23.10
CA LEU B 117 11.80 -7.35 -23.01
C LEU B 117 12.72 -8.50 -22.68
N MET B 118 13.58 -8.86 -23.64
CA MET B 118 14.42 -10.04 -23.49
C MET B 118 15.92 -9.72 -23.55
N ASP B 119 16.64 -10.23 -22.55
CA ASP B 119 18.09 -10.23 -22.58
C ASP B 119 18.53 -11.19 -23.66
N LEU B 120 19.35 -10.70 -24.59
CA LEU B 120 19.87 -11.52 -25.67
C LEU B 120 21.39 -11.55 -25.68
N SER B 121 21.99 -11.66 -24.49
CA SER B 121 23.42 -11.89 -24.39
C SER B 121 23.69 -13.37 -24.61
N TYR B 122 24.96 -13.77 -24.70
CA TYR B 122 25.31 -15.11 -25.16
C TYR B 122 24.64 -16.25 -24.38
N SER B 123 24.45 -16.06 -23.06
CA SER B 123 23.87 -17.10 -22.21
C SER B 123 22.40 -17.38 -22.51
N MET B 124 21.75 -16.48 -23.25
CA MET B 124 20.33 -16.60 -23.57
C MET B 124 20.11 -17.16 -24.97
N LYS B 125 21.10 -17.89 -25.49
CA LYS B 125 20.98 -18.52 -26.81
C LYS B 125 19.96 -19.64 -26.78
N ASP B 126 20.08 -20.52 -25.80
CA ASP B 126 19.14 -21.63 -25.62
C ASP B 126 17.74 -21.16 -25.28
N ASP B 127 17.63 -19.96 -24.71
CA ASP B 127 16.34 -19.38 -24.36
C ASP B 127 15.53 -18.99 -25.59
N LEU B 128 16.21 -18.63 -26.67
CA LEU B 128 15.54 -18.33 -27.92
C LEU B 128 14.90 -19.58 -28.53
N TRP B 129 15.56 -20.72 -28.35
CA TRP B 129 15.06 -21.99 -28.91
C TRP B 129 13.77 -22.42 -28.23
N SER B 130 13.69 -22.24 -26.92
CA SER B 130 12.51 -22.63 -26.14
C SER B 130 11.38 -21.61 -26.25
N ILE B 131 11.69 -20.43 -26.80
CA ILE B 131 10.70 -19.37 -27.00
C ILE B 131 10.15 -19.35 -28.43
N GLN B 132 10.65 -20.25 -29.28
CA GLN B 132 10.32 -20.27 -30.71
C GLN B 132 8.81 -20.16 -30.99
N ASN B 133 8.00 -20.86 -30.21
CA ASN B 133 6.55 -20.92 -30.45
C ASN B 133 5.72 -20.25 -29.37
N LEU B 134 6.37 -19.54 -28.45
CA LEU B 134 5.66 -18.68 -27.51
C LEU B 134 4.93 -17.63 -28.35
N GLY B 135 3.80 -17.15 -27.84
CA GLY B 135 2.99 -16.16 -28.56
C GLY B 135 1.64 -16.75 -28.94
N THR B 136 1.68 -17.81 -29.75
CA THR B 136 0.48 -18.55 -30.09
C THR B 136 0.08 -19.41 -28.90
N LYS B 137 1.06 -20.10 -28.33
CA LYS B 137 0.86 -20.88 -27.11
C LYS B 137 0.48 -19.96 -25.94
N LEU B 138 1.07 -18.77 -25.93
CA LEU B 138 0.71 -17.75 -24.95
C LEU B 138 -0.72 -17.25 -25.17
N ALA B 139 -1.09 -17.08 -26.44
CA ALA B 139 -2.45 -16.67 -26.79
C ALA B 139 -3.46 -17.68 -26.27
N THR B 140 -3.28 -18.94 -26.65
CA THR B 140 -4.20 -20.02 -26.27
C THR B 140 -4.57 -19.97 -24.79
N GLN B 141 -3.59 -19.74 -23.93
CA GLN B 141 -3.83 -19.69 -22.49
C GLN B 141 -4.45 -18.35 -22.09
N MET B 142 -4.00 -17.27 -22.73
CA MET B 142 -4.48 -15.93 -22.41
C MET B 142 -5.91 -15.69 -22.88
N ARG B 143 -6.33 -16.40 -23.92
CA ARG B 143 -7.69 -16.29 -24.44
C ARG B 143 -8.74 -16.64 -23.40
N LYS B 144 -8.36 -17.44 -22.41
CA LYS B 144 -9.24 -17.77 -21.29
C LYS B 144 -9.41 -16.58 -20.34
N LEU B 145 -8.32 -15.85 -20.11
CA LEU B 145 -8.31 -14.71 -19.18
C LEU B 145 -8.89 -13.43 -19.79
N THR B 146 -8.75 -13.25 -21.09
CA THR B 146 -9.23 -12.04 -21.76
C THR B 146 -9.76 -12.32 -23.16
N SER B 147 -10.63 -11.43 -23.66
CA SER B 147 -11.17 -11.53 -25.01
C SER B 147 -10.31 -10.75 -26.01
N ASN B 148 -9.76 -9.63 -25.56
CA ASN B 148 -8.89 -8.80 -26.39
C ASN B 148 -7.45 -8.89 -25.90
N LEU B 149 -6.50 -9.07 -26.82
CA LEU B 149 -5.09 -9.22 -26.47
C LEU B 149 -4.15 -8.85 -27.63
N ARG B 150 -3.14 -8.06 -27.32
CA ARG B 150 -2.07 -7.75 -28.28
C ARG B 150 -0.70 -7.98 -27.62
N ILE B 151 0.24 -8.48 -28.42
CA ILE B 151 1.56 -8.85 -27.90
C ILE B 151 2.67 -8.26 -28.76
N GLY B 152 3.81 -7.96 -28.12
CA GLY B 152 4.97 -7.42 -28.81
C GLY B 152 6.27 -7.97 -28.24
N PHE B 153 7.38 -7.60 -28.86
CA PHE B 153 8.68 -8.13 -28.47
C PHE B 153 9.75 -7.03 -28.49
N GLY B 154 10.67 -7.11 -27.55
CA GLY B 154 11.83 -6.23 -27.50
C GLY B 154 13.08 -7.04 -27.22
N ALA B 155 14.25 -6.41 -27.34
CA ALA B 155 15.51 -7.10 -27.11
C ALA B 155 16.57 -6.12 -26.67
N PHE B 156 17.50 -6.59 -25.83
CA PHE B 156 18.55 -5.74 -25.29
C PHE B 156 19.77 -6.54 -24.83
N VAL B 157 20.93 -5.88 -24.85
CA VAL B 157 22.15 -6.44 -24.29
C VAL B 157 22.78 -5.45 -23.31
N ASP B 158 23.47 -4.44 -23.83
CA ASP B 158 24.10 -3.43 -22.98
C ASP B 158 24.63 -2.31 -23.88
N LYS B 159 25.13 -1.24 -23.28
CA LYS B 159 25.63 -0.10 -24.04
C LYS B 159 26.81 -0.51 -24.93
N PRO B 160 20.66 -0.29 -15.39
CA PRO B 160 22.04 -0.23 -14.88
C PRO B 160 22.36 1.05 -14.09
N VAL B 161 21.85 1.14 -12.87
CA VAL B 161 22.09 2.31 -12.02
C VAL B 161 21.80 1.98 -10.56
N SER B 162 22.55 2.58 -9.64
CA SER B 162 22.31 2.42 -8.22
C SER B 162 20.89 2.84 -7.85
N PRO B 163 20.21 2.07 -6.97
CA PRO B 163 20.67 0.89 -6.24
C PRO B 163 20.33 -0.45 -6.91
N TYR B 164 19.97 -0.42 -8.20
CA TYR B 164 19.67 -1.66 -8.89
C TYR B 164 20.96 -2.42 -9.20
N MET B 165 22.01 -1.69 -9.55
CA MET B 165 23.31 -2.29 -9.81
C MET B 165 24.31 -1.95 -8.70
N TYR B 166 25.27 -2.84 -8.51
CA TYR B 166 26.36 -2.61 -7.56
C TYR B 166 27.37 -1.65 -8.21
N ILE B 167 27.83 -0.66 -7.45
CA ILE B 167 28.72 0.37 -7.97
C ILE B 167 30.06 0.49 -7.24
N SER B 168 30.37 -0.48 -6.39
CA SER B 168 31.65 -0.53 -5.70
C SER B 168 32.02 -1.98 -5.38
N PRO B 169 33.31 -2.31 -5.42
CA PRO B 169 34.43 -1.45 -5.78
C PRO B 169 34.43 -1.12 -7.26
N PRO B 170 35.38 -0.28 -7.72
CA PRO B 170 35.51 0.07 -9.14
C PRO B 170 35.53 -1.14 -10.08
N GLU B 171 36.04 -2.27 -9.60
CA GLU B 171 36.09 -3.50 -10.40
C GLU B 171 34.70 -4.13 -10.54
N ALA B 172 33.81 -3.87 -9.59
CA ALA B 172 32.45 -4.39 -9.65
C ALA B 172 31.68 -3.89 -10.87
N LEU B 173 31.99 -2.67 -11.31
CA LEU B 173 31.36 -2.10 -12.49
C LEU B 173 31.77 -2.83 -13.77
N GLU B 174 32.97 -3.41 -13.75
CA GLU B 174 33.46 -4.21 -14.87
C GLU B 174 32.95 -5.65 -14.76
N ASN B 175 32.87 -6.14 -13.52
CA ASN B 175 32.43 -7.51 -13.26
C ASN B 175 31.61 -7.59 -11.97
N PRO B 176 30.27 -7.57 -12.10
CA PRO B 176 29.36 -7.69 -10.95
C PRO B 176 29.59 -8.94 -10.08
N CYS B 177 30.25 -9.95 -10.63
CA CYS B 177 30.61 -11.15 -9.87
C CYS B 177 32.05 -11.06 -9.38
N TYR B 178 32.42 -9.94 -8.78
CA TYR B 178 33.79 -9.70 -8.35
C TYR B 178 34.13 -10.51 -7.09
N ASP B 179 33.25 -10.48 -6.11
CA ASP B 179 33.47 -11.21 -4.86
C ASP B 179 33.35 -12.73 -5.03
N MET B 180 32.62 -13.16 -6.05
CA MET B 180 32.53 -14.58 -6.39
C MET B 180 33.69 -14.95 -7.30
N LYS B 181 33.99 -16.25 -7.37
CA LYS B 181 35.14 -16.73 -8.15
C LYS B 181 34.98 -16.45 -9.65
N THR B 182 33.81 -16.78 -10.19
CA THR B 182 33.53 -16.58 -11.61
C THR B 182 33.36 -15.10 -11.95
N THR B 183 33.35 -14.80 -13.24
CA THR B 183 33.19 -13.42 -13.72
C THR B 183 32.01 -13.32 -14.70
N CYS B 184 31.11 -12.38 -14.44
CA CYS B 184 29.90 -12.22 -15.26
C CYS B 184 29.87 -10.86 -15.97
N LEU B 185 28.95 -10.73 -16.93
CA LEU B 185 28.85 -9.53 -17.77
C LEU B 185 28.54 -8.28 -16.95
N PRO B 186 28.90 -7.10 -17.48
CA PRO B 186 28.40 -5.86 -16.90
C PRO B 186 26.90 -5.75 -17.09
N MET B 187 26.89 -5.92 -31.11
CA MET B 187 26.25 -5.57 -29.84
C MET B 187 25.27 -4.41 -29.98
N PHE B 188 24.15 -4.49 -29.27
CA PHE B 188 23.14 -3.43 -29.28
C PHE B 188 22.61 -3.16 -27.87
N GLY B 189 22.31 -1.89 -27.59
CA GLY B 189 21.77 -1.49 -26.29
C GLY B 189 20.35 -1.96 -26.09
N TYR B 190 19.47 -1.53 -27.00
CA TYR B 190 18.08 -1.97 -27.00
C TYR B 190 17.48 -1.72 -28.37
N LYS B 191 16.78 -2.72 -28.91
CA LYS B 191 16.07 -2.54 -30.17
C LYS B 191 14.63 -2.98 -30.05
N HIS B 192 13.72 -2.16 -30.56
CA HIS B 192 12.32 -2.52 -30.68
C HIS B 192 12.22 -3.44 -31.89
N VAL B 193 11.33 -4.44 -31.81
CA VAL B 193 11.20 -5.44 -32.86
C VAL B 193 9.77 -5.55 -33.38
N LEU B 194 8.84 -5.88 -32.49
CA LEU B 194 7.45 -6.05 -32.87
C LEU B 194 6.52 -5.16 -32.05
N THR B 195 5.92 -4.18 -32.71
CA THR B 195 4.89 -3.35 -32.10
C THR B 195 3.70 -4.22 -31.69
N LEU B 196 3.07 -3.90 -30.57
CA LEU B 196 1.92 -4.66 -30.09
C LEU B 196 0.92 -4.88 -31.22
N THR B 197 0.74 -6.14 -31.60
CA THR B 197 -0.17 -6.49 -32.69
C THR B 197 -1.08 -7.66 -32.33
N ASP B 198 -2.27 -7.69 -32.93
CA ASP B 198 -3.23 -8.75 -32.67
C ASP B 198 -2.80 -10.10 -33.25
N GLN B 199 -2.05 -10.06 -34.35
CA GLN B 199 -1.54 -11.28 -34.97
C GLN B 199 -0.46 -11.92 -34.11
N VAL B 200 -0.87 -12.88 -33.28
CA VAL B 200 0.05 -13.56 -32.37
C VAL B 200 1.11 -14.38 -33.12
N THR B 201 0.76 -14.86 -34.31
CA THR B 201 1.66 -15.68 -35.10
C THR B 201 2.88 -14.91 -35.59
N ARG B 202 2.75 -13.59 -35.74
CA ARG B 202 3.86 -12.76 -36.19
C ARG B 202 4.96 -12.65 -35.13
N PHE B 203 4.59 -12.75 -33.86
CA PHE B 203 5.56 -12.79 -32.77
C PHE B 203 6.49 -13.98 -32.96
N ASN B 204 5.90 -15.14 -33.23
CA ASN B 204 6.65 -16.37 -33.45
C ASN B 204 7.55 -16.26 -34.69
N GLU B 205 7.05 -15.54 -35.69
CA GLU B 205 7.80 -15.33 -36.93
C GLU B 205 9.04 -14.49 -36.67
N GLU B 206 8.88 -13.48 -35.82
CA GLU B 206 9.96 -12.54 -35.52
C GLU B 206 10.99 -13.12 -34.55
N VAL B 207 10.55 -13.94 -33.59
CA VAL B 207 11.46 -14.50 -32.60
C VAL B 207 12.51 -15.42 -33.22
N LYS B 208 12.12 -16.08 -34.31
CA LYS B 208 13.03 -16.98 -35.01
C LYS B 208 14.07 -16.21 -35.83
N LYS B 209 13.74 -14.96 -36.18
CA LYS B 209 14.66 -14.09 -36.91
C LYS B 209 15.70 -13.44 -35.99
N GLN B 210 15.47 -13.51 -34.67
CA GLN B 210 16.36 -12.91 -33.70
C GLN B 210 17.57 -13.81 -33.39
N SER B 211 18.64 -13.18 -32.91
CA SER B 211 19.82 -13.92 -32.47
C SER B 211 20.55 -13.12 -31.38
N VAL B 212 21.39 -13.81 -30.62
CA VAL B 212 22.07 -13.19 -29.48
C VAL B 212 23.33 -12.42 -29.91
N SER B 213 23.92 -11.72 -28.94
CA SER B 213 25.23 -11.10 -29.10
C SER B 213 26.04 -11.40 -27.84
N ARG B 214 27.22 -10.77 -27.72
CA ARG B 214 28.10 -11.03 -26.59
C ARG B 214 28.66 -9.74 -26.02
N ASN B 215 28.97 -9.77 -24.73
CA ASN B 215 29.51 -8.59 -24.02
C ASN B 215 30.38 -9.03 -22.85
N ARG B 216 31.11 -8.07 -22.27
CA ARG B 216 32.11 -8.40 -21.25
C ARG B 216 31.54 -8.60 -19.84
N ASP B 217 30.98 -7.53 -19.26
CA ASP B 217 30.59 -7.56 -17.85
C ASP B 217 29.23 -8.20 -17.63
N ALA B 218 29.05 -8.78 -16.45
CA ALA B 218 27.85 -9.56 -16.12
C ALA B 218 26.58 -8.70 -16.05
N PRO B 219 26.65 -7.53 -15.39
CA PRO B 219 25.48 -6.65 -15.39
C PRO B 219 25.09 -6.21 -16.80
N GLU B 220 23.82 -5.89 -17.00
CA GLU B 220 23.29 -5.57 -18.32
C GLU B 220 22.50 -4.27 -18.34
N GLY B 221 22.22 -3.79 -19.55
CA GLY B 221 21.47 -2.56 -19.73
C GLY B 221 19.99 -2.82 -19.91
N GLY B 222 19.40 -3.55 -18.95
CA GLY B 222 17.98 -3.85 -18.99
C GLY B 222 17.11 -2.67 -18.60
N PHE B 223 17.60 -1.87 -17.67
CA PHE B 223 16.87 -0.70 -17.18
C PHE B 223 16.80 0.41 -18.24
N ASP B 224 17.80 0.46 -19.12
CA ASP B 224 17.72 1.31 -20.32
C ASP B 224 16.57 0.85 -21.21
N ALA B 225 16.46 -0.46 -21.37
CA ALA B 225 15.38 -1.04 -22.16
C ALA B 225 14.03 -0.72 -21.52
N ILE B 226 13.88 -1.06 -20.25
CA ILE B 226 12.62 -0.85 -19.53
C ILE B 226 12.18 0.62 -19.60
N MET B 227 13.14 1.53 -19.51
CA MET B 227 12.85 2.96 -19.62
C MET B 227 12.24 3.26 -20.99
N GLN B 228 12.96 2.89 -22.04
CA GLN B 228 12.52 3.17 -23.41
C GLN B 228 11.21 2.47 -23.73
N ALA B 229 11.08 1.22 -23.28
CA ALA B 229 9.85 0.48 -23.44
C ALA B 229 8.66 1.24 -22.85
N THR B 230 8.88 1.90 -21.71
CA THR B 230 7.83 2.66 -21.04
C THR B 230 7.54 4.00 -21.72
N VAL B 231 8.59 4.80 -21.92
CA VAL B 231 8.41 6.18 -22.36
C VAL B 231 8.06 6.32 -23.85
N CYS B 232 8.45 5.35 -24.67
CA CYS B 232 8.10 5.37 -26.09
C CYS B 232 6.70 4.79 -26.31
N ASP B 233 5.68 5.57 -25.98
CA ASP B 233 4.29 5.11 -26.07
C ASP B 233 3.91 4.69 -27.49
N GLU B 234 4.08 5.61 -28.43
CA GLU B 234 3.57 5.46 -29.78
C GLU B 234 4.26 4.35 -30.57
N LYS B 235 5.53 4.09 -30.28
CA LYS B 235 6.27 3.04 -30.98
C LYS B 235 5.91 1.65 -30.46
N ILE B 236 5.84 1.51 -29.13
CA ILE B 236 5.47 0.24 -28.52
C ILE B 236 3.98 -0.05 -28.76
N GLY B 237 3.15 0.97 -28.59
CA GLY B 237 1.73 0.86 -28.93
C GLY B 237 0.86 0.36 -27.79
N TRP B 238 1.07 0.90 -26.59
CA TRP B 238 0.24 0.56 -25.45
C TRP B 238 -1.17 1.11 -25.66
N ARG B 239 -2.19 0.29 -25.39
CA ARG B 239 -3.57 0.74 -25.45
C ARG B 239 -3.91 1.58 -24.23
N ASN B 240 -4.74 2.60 -24.40
CA ASN B 240 -5.16 3.45 -23.29
C ASN B 240 -6.02 2.68 -22.29
N ASP B 241 -7.03 1.98 -22.80
CA ASP B 241 -7.90 1.16 -21.97
C ASP B 241 -7.50 -0.31 -22.06
N ALA B 242 -6.43 -0.67 -21.36
CA ALA B 242 -5.95 -2.04 -21.34
C ALA B 242 -4.88 -2.25 -20.28
N SER B 243 -4.74 -3.48 -19.82
CA SER B 243 -3.70 -3.85 -18.88
C SER B 243 -2.35 -3.85 -19.60
N HIS B 244 -1.31 -3.38 -18.93
CA HIS B 244 0.01 -3.27 -19.53
C HIS B 244 1.04 -4.12 -18.79
N LEU B 245 1.29 -5.31 -19.31
CA LEU B 245 2.31 -6.19 -18.75
C LEU B 245 3.62 -6.05 -19.52
N LEU B 246 4.69 -5.74 -18.79
CA LEU B 246 6.02 -5.64 -19.36
C LEU B 246 6.87 -6.77 -18.81
N VAL B 247 7.14 -7.76 -19.65
CA VAL B 247 7.88 -8.94 -19.24
C VAL B 247 9.37 -8.72 -19.45
N PHE B 248 10.14 -8.85 -18.38
CA PHE B 248 11.56 -8.52 -18.39
C PHE B 248 12.38 -9.77 -18.01
N THR B 249 12.78 -10.53 -19.03
CA THR B 249 13.53 -11.76 -18.81
C THR B 249 15.04 -11.51 -18.87
N THR B 250 15.74 -11.95 -17.82
CA THR B 250 17.20 -11.81 -17.76
C THR B 250 17.77 -12.78 -16.74
N ASP B 251 19.05 -13.14 -16.91
CA ASP B 251 19.70 -14.11 -16.03
C ASP B 251 20.89 -13.53 -15.27
N ALA B 252 17.05 -14.43 -12.02
CA ALA B 252 17.96 -13.53 -11.31
C ALA B 252 17.35 -12.14 -11.13
N LYS B 253 18.11 -11.26 -10.47
CA LYS B 253 17.68 -9.88 -10.22
C LYS B 253 17.44 -9.15 -11.53
N THR B 254 16.92 -7.93 -11.42
CA THR B 254 16.71 -7.06 -12.58
C THR B 254 17.28 -5.67 -12.32
N HIS B 255 17.87 -5.08 -13.36
CA HIS B 255 18.42 -3.74 -13.28
C HIS B 255 17.30 -2.71 -13.23
N ILE B 256 17.52 -1.64 -12.47
CA ILE B 256 16.56 -0.55 -12.36
C ILE B 256 17.22 0.73 -12.87
N ALA B 257 16.44 1.81 -12.96
CA ALA B 257 16.97 3.09 -13.43
C ALA B 257 18.04 3.61 -12.47
N LEU B 258 19.08 4.23 -13.02
CA LEU B 258 20.27 4.71 -12.30
C LEU B 258 21.41 3.66 -12.18
N ASP B 259 21.13 2.41 -12.55
CA ASP B 259 22.18 1.39 -12.64
C ASP B 259 23.10 1.63 -13.84
N GLY B 260 22.58 2.28 -14.87
CA GLY B 260 23.29 2.47 -16.12
C GLY B 260 24.53 3.34 -16.02
N ARG B 261 24.62 4.13 -14.95
CA ARG B 261 25.80 4.96 -14.72
C ARG B 261 27.07 4.13 -14.63
N LEU B 262 26.96 2.88 -14.19
CA LEU B 262 28.11 1.97 -14.16
C LEU B 262 28.59 1.59 -15.57
N ALA B 263 27.72 1.69 -16.57
CA ALA B 263 28.11 1.49 -17.96
C ALA B 263 28.25 2.84 -18.69
N GLY B 264 28.43 3.92 -17.93
CA GLY B 264 28.57 5.25 -18.51
C GLY B 264 27.31 5.79 -19.17
N ILE B 265 26.15 5.29 -18.76
CA ILE B 265 24.88 5.76 -19.31
C ILE B 265 24.10 6.55 -18.26
N VAL B 266 23.78 7.79 -18.59
CA VAL B 266 22.99 8.65 -17.69
C VAL B 266 21.68 9.13 -18.33
N GLN B 267 21.63 9.26 -19.65
CA GLN B 267 20.42 9.67 -20.33
C GLN B 267 19.22 8.89 -19.81
N PRO B 268 18.24 9.57 -19.19
CA PRO B 268 17.09 8.87 -18.62
C PRO B 268 16.21 8.20 -19.67
N ASN B 269 15.48 7.17 -19.23
CA ASN B 269 14.57 6.45 -20.10
C ASN B 269 13.39 7.34 -20.50
N ASP B 270 13.08 7.36 -21.78
CA ASP B 270 12.04 8.24 -22.33
C ASP B 270 10.70 7.54 -22.54
N GLY B 271 10.64 6.25 -22.26
CA GLY B 271 9.42 5.47 -22.43
C GLY B 271 8.93 5.40 -23.87
N GLN B 272 9.84 5.54 -24.82
CA GLN B 272 9.51 5.49 -26.25
C GLN B 272 9.95 4.16 -26.82
N CYS B 273 9.36 3.79 -27.95
CA CYS B 273 9.70 2.56 -28.64
C CYS B 273 10.92 2.79 -29.55
N HIS B 274 11.93 1.94 -29.39
CA HIS B 274 13.15 2.03 -30.19
C HIS B 274 13.53 0.65 -30.72
N VAL B 275 12.56 0.00 -31.36
CA VAL B 275 12.77 -1.31 -31.95
C VAL B 275 12.31 -1.28 -33.40
N GLY B 276 13.24 -0.97 -34.30
CA GLY B 276 12.92 -0.81 -35.73
C GLY B 276 12.70 -2.11 -36.48
N SER B 277 13.02 -2.10 -37.77
CA SER B 277 12.77 -3.25 -38.62
C SER B 277 13.69 -4.43 -38.31
N ASP B 278 14.80 -4.18 -37.61
CA ASP B 278 15.73 -5.24 -37.23
C ASP B 278 15.34 -5.91 -35.90
N ASN B 279 14.24 -5.45 -35.30
CA ASN B 279 13.68 -6.06 -34.10
C ASN B 279 14.65 -6.15 -32.93
N HIS B 280 15.43 -5.09 -32.73
CA HIS B 280 16.33 -4.99 -31.60
C HIS B 280 16.11 -3.65 -30.91
N TYR B 281 16.21 -3.65 -29.58
CA TYR B 281 16.17 -2.41 -28.81
C TYR B 281 17.47 -1.66 -29.11
N SER B 282 17.37 -0.65 -29.96
CA SER B 282 18.54 0.08 -30.43
C SER B 282 19.14 1.00 -29.35
N ALA B 283 18.28 1.54 -28.50
CA ALA B 283 18.72 2.50 -27.48
C ALA B 283 19.30 1.84 -26.23
N SER B 284 19.44 0.51 -26.27
CA SER B 284 19.97 -0.26 -25.15
C SER B 284 21.30 0.28 -24.63
N THR B 285 22.19 0.66 -25.54
CA THR B 285 23.53 1.07 -25.18
C THR B 285 23.67 2.58 -24.90
N THR B 286 22.59 3.33 -25.17
CA THR B 286 22.64 4.79 -25.05
C THR B 286 21.69 5.37 -24.01
N MET B 287 20.71 4.58 -23.58
CA MET B 287 19.67 5.06 -22.67
C MET B 287 19.64 4.21 -21.40
N ASP B 288 19.28 4.83 -20.28
CA ASP B 288 19.25 4.16 -19.00
C ASP B 288 18.03 3.24 -18.88
N TYR B 289 18.11 2.27 -17.97
CA TYR B 289 16.99 1.39 -17.67
C TYR B 289 15.81 2.22 -17.22
N PRO B 290 14.58 1.70 -17.37
CA PRO B 290 13.44 2.44 -16.88
C PRO B 290 13.33 2.35 -15.37
N SER B 291 12.72 3.37 -14.76
CA SER B 291 12.43 3.34 -13.34
C SER B 291 11.18 2.52 -13.11
N LEU B 292 10.91 2.18 -11.85
CA LEU B 292 9.75 1.37 -11.51
C LEU B 292 8.45 2.11 -11.82
N GLY B 293 8.42 3.42 -11.54
CA GLY B 293 7.24 4.24 -11.78
C GLY B 293 6.92 4.44 -13.25
N LEU B 294 7.96 4.69 -14.06
CA LEU B 294 7.78 4.91 -15.49
C LEU B 294 7.28 3.66 -16.20
N MET B 295 7.77 2.50 -15.78
CA MET B 295 7.35 1.23 -16.34
C MET B 295 5.89 0.95 -15.96
N THR B 296 5.56 1.20 -14.69
CA THR B 296 4.21 1.01 -14.19
C THR B 296 3.19 1.85 -14.93
N GLU B 297 3.57 3.07 -15.31
CA GLU B 297 2.67 3.96 -16.03
C GLU B 297 2.29 3.36 -17.38
N LYS B 298 3.29 2.86 -18.12
CA LYS B 298 3.09 2.32 -19.45
C LYS B 298 2.28 1.02 -19.39
N LEU B 299 2.58 0.19 -18.39
CA LEU B 299 1.81 -1.03 -18.15
C LEU B 299 0.32 -0.73 -17.96
N SER B 300 0.03 0.36 -17.26
CA SER B 300 -1.35 0.76 -17.00
C SER B 300 -2.03 1.27 -18.26
N GLN B 301 -1.36 2.19 -18.97
CA GLN B 301 -1.91 2.79 -20.17
C GLN B 301 -2.25 1.75 -21.23
N LYS B 302 -1.37 0.77 -21.38
CA LYS B 302 -1.53 -0.25 -22.42
C LYS B 302 -2.28 -1.49 -21.92
N ASN B 303 1.22 3.57 -16.49
CA ASN B 303 0.42 2.44 -15.99
C ASN B 303 0.97 1.10 -16.46
N ILE B 304 2.27 0.89 -16.28
CA ILE B 304 2.93 -0.34 -16.68
C ILE B 304 3.18 -1.23 -15.46
N ASN B 305 2.86 -2.52 -15.59
CA ASN B 305 3.16 -3.50 -14.57
C ASN B 305 4.39 -4.31 -14.97
N LEU B 306 5.52 -3.97 -14.38
CA LEU B 306 6.80 -4.58 -14.74
C LEU B 306 6.97 -5.93 -14.07
N ILE B 307 7.16 -6.97 -14.89
CA ILE B 307 7.33 -8.33 -14.39
C ILE B 307 8.80 -8.76 -14.49
N PHE B 308 9.43 -8.99 -13.33
CA PHE B 308 10.81 -9.45 -13.28
C PHE B 308 10.90 -10.97 -13.41
N ALA B 309 11.00 -11.46 -14.64
CA ALA B 309 11.14 -12.89 -14.89
C ALA B 309 12.62 -13.27 -14.92
N VAL B 310 13.18 -13.64 -13.77
CA VAL B 310 14.63 -13.84 -13.64
C VAL B 310 15.01 -15.19 -13.03
N THR B 311 16.24 -15.63 -13.33
CA THR B 311 16.74 -16.92 -12.86
C THR B 311 17.08 -16.90 -11.38
N GLU B 312 17.11 -18.09 -10.77
CA GLU B 312 17.28 -18.22 -9.32
C GLU B 312 18.52 -17.51 -8.77
N ASN B 313 19.64 -17.65 -9.46
CA ASN B 313 20.89 -17.00 -9.06
C ASN B 313 20.72 -15.53 -8.68
N VAL B 314 19.82 -14.84 -9.38
CA VAL B 314 19.65 -13.40 -9.22
C VAL B 314 18.22 -13.01 -8.78
N VAL B 315 17.48 -13.95 -8.22
CA VAL B 315 16.10 -13.69 -7.80
C VAL B 315 16.00 -12.69 -6.65
N ASN B 316 16.73 -12.94 -5.58
CA ASN B 316 16.68 -12.07 -4.40
C ASN B 316 17.00 -10.61 -4.74
N LEU B 317 17.90 -10.41 -5.70
CA LEU B 317 18.23 -9.08 -6.19
C LEU B 317 16.99 -8.37 -6.71
N TYR B 318 16.32 -9.00 -7.68
N TYR B 318 16.12 -8.99 -9.29
CA TYR B 318 15.17 -8.40 -8.35
CA TYR B 318 15.12 -8.52 -10.26
C TYR B 318 13.92 -8.39 -7.48
C TYR B 318 13.69 -8.82 -9.80
N GLN B 319 13.83 -9.33 -6.54
N GLN B 319 13.52 -9.85 -8.98
CA GLN B 319 12.74 -9.30 -5.55
CA GLN B 319 12.22 -10.12 -8.37
C GLN B 319 12.88 -8.07 -4.66
C GLN B 319 11.84 -8.97 -7.43
N ASN B 320 14.11 -7.72 -4.31
N ASN B 320 12.84 -8.45 -6.70
CA ASN B 320 14.38 -6.52 -3.53
CA ASN B 320 12.62 -7.31 -5.82
C ASN B 320 14.12 -5.23 -4.31
C ASN B 320 12.36 -6.01 -6.59
N TYR B 321 14.19 -5.30 -5.63
N TYR B 321 12.83 -5.93 -7.83
CA TYR B 321 13.81 -4.16 -6.47
CA TYR B 321 12.49 -4.80 -8.69
C TYR B 321 12.30 -4.01 -6.50
C TYR B 321 11.05 -4.90 -9.17
N SER B 322 11.58 -5.13 -6.56
N SER B 322 10.61 -6.11 -9.49
CA SER B 322 10.13 -5.10 -6.60
CA SER B 322 9.25 -6.34 -9.97
C SER B 322 9.52 -4.52 -5.32
C SER B 322 8.20 -5.99 -8.90
N GLU B 323 10.26 -4.60 -4.22
CA GLU B 323 9.84 -4.01 -2.96
C GLU B 323 9.71 -2.50 -3.11
N LEU B 324 10.72 -1.89 -3.74
CA LEU B 324 10.72 -0.46 -3.98
C LEU B 324 9.77 -0.04 -5.10
N ILE B 325 9.64 -0.87 -6.13
CA ILE B 325 8.83 -0.53 -7.30
C ILE B 325 7.41 -1.10 -7.23
N PRO B 326 6.40 -0.23 -7.09
CA PRO B 326 5.03 -0.71 -6.95
C PRO B 326 4.42 -1.19 -8.27
N GLY B 327 3.51 -2.15 -8.18
CA GLY B 327 2.86 -2.71 -9.37
C GLY B 327 3.68 -3.77 -10.07
N THR B 328 4.77 -4.21 -9.41
CA THR B 328 5.66 -5.20 -9.99
C THR B 328 5.48 -6.57 -9.37
N THR B 329 6.09 -7.57 -10.01
CA THR B 329 6.06 -8.94 -9.51
CA THR B 329 6.07 -8.95 -9.51
C THR B 329 7.28 -9.68 -10.04
N VAL B 330 7.73 -10.68 -9.29
CA VAL B 330 8.89 -11.47 -9.70
C VAL B 330 8.44 -12.89 -10.03
N GLY B 331 9.12 -13.51 -10.99
CA GLY B 331 8.85 -14.89 -11.38
C GLY B 331 10.13 -15.64 -11.62
N VAL B 332 10.24 -16.83 -11.02
CA VAL B 332 11.46 -17.63 -11.15
C VAL B 332 11.51 -18.28 -12.53
N LEU B 333 12.32 -17.71 -13.41
CA LEU B 333 12.53 -18.24 -14.74
C LEU B 333 13.54 -19.37 -14.68
N SER B 334 13.36 -20.39 -15.51
CA SER B 334 14.34 -21.45 -15.63
C SER B 334 15.49 -20.95 -16.50
N MET B 335 16.62 -21.66 -16.47
CA MET B 335 17.82 -21.23 -17.19
C MET B 335 17.66 -21.26 -18.72
N ASP B 336 16.66 -21.98 -19.21
CA ASP B 336 16.38 -22.04 -20.64
C ASP B 336 15.08 -21.31 -21.01
N SER B 337 14.48 -20.64 -20.02
CA SER B 337 13.20 -19.93 -20.22
C SER B 337 12.11 -20.84 -20.78
N SER B 338 12.08 -22.09 -20.31
CA SER B 338 11.11 -23.08 -20.79
C SER B 338 9.79 -23.01 -20.02
N ASN B 339 9.77 -22.26 -18.93
CA ASN B 339 8.56 -22.13 -18.11
C ASN B 339 8.01 -20.71 -18.12
N VAL B 340 8.43 -19.91 -19.10
CA VAL B 340 8.01 -18.52 -19.19
C VAL B 340 6.50 -18.39 -19.47
N LEU B 341 5.96 -19.32 -20.25
CA LEU B 341 4.53 -19.31 -20.59
C LEU B 341 3.65 -19.30 -19.36
N GLN B 342 3.93 -20.22 -18.43
CA GLN B 342 3.17 -20.32 -17.19
C GLN B 342 3.52 -19.18 -16.24
N LEU B 343 4.77 -18.72 -16.28
CA LEU B 343 5.22 -17.63 -15.40
C LEU B 343 4.40 -16.35 -15.62
N ILE B 344 4.10 -16.05 -16.88
CA ILE B 344 3.31 -14.86 -17.21
C ILE B 344 1.88 -14.99 -16.69
N VAL B 345 1.26 -16.14 -16.95
CA VAL B 345 -0.09 -16.43 -16.48
C VAL B 345 -0.17 -16.25 -14.96
N ASP B 346 0.81 -16.79 -14.25
CA ASP B 346 0.85 -16.68 -12.80
C ASP B 346 1.10 -15.24 -12.35
N ALA B 347 1.94 -14.53 -13.09
CA ALA B 347 2.27 -13.15 -12.77
C ALA B 347 1.05 -12.24 -12.93
N TYR B 348 0.27 -12.48 -13.98
CA TYR B 348 -0.93 -11.67 -14.26
C TYR B 348 -1.93 -11.80 -13.11
N GLY B 349 -2.22 -13.04 -12.72
CA GLY B 349 -3.12 -13.28 -11.60
C GLY B 349 -2.58 -12.71 -10.30
N LYS B 350 -1.26 -12.70 -10.15
CA LYS B 350 -0.62 -12.16 -8.96
C LYS B 350 -0.69 -10.64 -8.94
N ILE B 351 -0.35 -10.00 -10.06
CA ILE B 351 -0.42 -8.54 -10.17
C ILE B 351 -1.84 -8.06 -9.88
N ARG B 352 -2.83 -8.78 -10.42
CA ARG B 352 -4.22 -8.43 -10.22
C ARG B 352 -4.76 -8.90 -8.86
N SER B 353 -3.96 -9.63 -8.09
CA SER B 353 -4.32 -9.99 -6.73
C SER B 353 -4.37 -8.76 -5.84
N LYS B 354 -10.26 -4.66 -5.47
CA LYS B 354 -11.41 -3.79 -5.60
C LYS B 354 -12.16 -4.03 -6.90
N VAL B 355 -13.47 -3.85 -6.85
CA VAL B 355 -14.31 -3.86 -8.05
C VAL B 355 -15.21 -2.63 -8.03
N GLU B 356 -14.85 -1.62 -8.81
CA GLU B 356 -15.61 -0.37 -8.85
C GLU B 356 -16.35 -0.23 -10.18
N LEU B 357 -17.59 0.25 -10.11
CA LEU B 357 -18.41 0.42 -11.30
C LEU B 357 -18.37 1.85 -11.82
N GLU B 358 -18.35 1.99 -13.14
CA GLU B 358 -18.42 3.28 -13.79
C GLU B 358 -19.54 3.31 -14.81
N VAL B 359 -20.27 4.41 -14.85
CA VAL B 359 -21.36 4.60 -15.80
C VAL B 359 -20.81 5.37 -16.99
N ARG B 360 -21.33 5.09 -18.19
CA ARG B 360 -20.82 5.71 -19.40
C ARG B 360 -21.96 6.17 -20.31
N ASP B 361 -21.86 7.40 -20.81
CA ASP B 361 -22.83 7.97 -21.75
C ASP B 361 -24.26 7.95 -21.22
N LEU B 362 -24.43 8.29 -19.94
CA LEU B 362 -25.75 8.35 -19.33
C LEU B 362 -26.46 9.63 -19.80
N PRO B 363 -27.67 9.49 -20.36
CA PRO B 363 -28.44 10.67 -20.76
C PRO B 363 -28.84 11.57 -19.60
N GLU B 364 -29.02 12.85 -19.88
CA GLU B 364 -29.36 13.84 -18.86
C GLU B 364 -30.65 13.47 -18.13
N GLU B 365 -31.63 12.96 -18.88
CA GLU B 365 -32.96 12.67 -18.35
C GLU B 365 -32.97 11.54 -17.32
N LEU B 366 -31.97 10.66 -17.38
CA LEU B 366 -31.89 9.53 -16.46
C LEU B 366 -31.03 9.83 -15.24
N SER B 367 -31.35 9.17 -14.13
CA SER B 367 -30.57 9.25 -12.89
C SER B 367 -30.48 7.85 -12.29
N LEU B 368 -29.35 7.52 -11.68
CA LEU B 368 -29.08 6.15 -11.23
C LEU B 368 -28.74 6.04 -9.74
N SER B 369 -29.22 4.97 -9.11
N SER B 369 -29.22 4.98 -9.10
CA SER B 369 -28.96 4.69 -7.69
CA SER B 369 -28.97 4.70 -7.68
C SER B 369 -28.41 3.28 -7.52
C SER B 369 -28.42 3.29 -7.52
N PHE B 370 -27.42 3.12 -6.64
N PHE B 370 -27.42 3.13 -6.64
CA PHE B 370 -26.72 1.85 -6.48
CA PHE B 370 -26.73 1.85 -6.47
C PHE B 370 -26.74 1.34 -5.04
C PHE B 370 -26.74 1.34 -5.04
N ASN B 371 -26.99 0.04 -4.89
N ASN B 371 -27.00 0.05 -4.89
CA ASN B 371 -26.76 -0.67 -3.64
CA ASN B 371 -26.77 -0.66 -3.63
C ASN B 371 -25.79 -1.81 -3.90
C ASN B 371 -25.80 -1.80 -3.89
N ALA B 372 -24.75 -1.92 -3.07
N ALA B 372 -24.76 -1.91 -3.06
CA ALA B 372 -23.70 -2.91 -3.28
CA ALA B 372 -23.71 -2.90 -3.28
C ALA B 372 -23.86 -4.11 -2.35
C ALA B 372 -23.87 -4.10 -2.35
N THR B 373 -23.50 -5.30 -2.85
N THR B 373 -23.51 -5.29 -2.85
CA THR B 373 -23.49 -6.52 -2.04
CA THR B 373 -23.50 -6.51 -2.05
C THR B 373 -22.16 -7.25 -2.26
C THR B 373 -22.17 -7.25 -2.25
N CYS B 374 -21.29 -7.17 -1.25
CA CYS B 374 -19.94 -7.71 -1.37
C CYS B 374 -19.84 -9.10 -0.73
N LEU B 375 -18.80 -9.32 0.08
CA LEU B 375 -18.63 -10.60 0.78
C LEU B 375 -19.78 -10.83 1.75
N ASN B 376 -20.14 -12.09 1.96
CA ASN B 376 -21.37 -12.46 2.66
C ASN B 376 -22.56 -11.85 1.93
N ASN B 377 -23.64 -11.56 2.66
CA ASN B 377 -24.78 -10.85 2.08
C ASN B 377 -24.95 -9.47 2.70
N GLU B 378 -23.84 -8.86 3.11
CA GLU B 378 -23.88 -7.53 3.70
C GLU B 378 -24.17 -6.50 2.61
N VAL B 379 -25.44 -6.14 2.46
CA VAL B 379 -25.84 -5.13 1.49
C VAL B 379 -25.55 -3.73 2.04
N ILE B 380 -24.83 -2.94 1.25
CA ILE B 380 -24.47 -1.57 1.63
C ILE B 380 -25.09 -0.59 0.65
N PRO B 381 -26.22 0.05 1.05
CA PRO B 381 -26.88 1.00 0.17
C PRO B 381 -26.00 2.18 -0.24
N GLY B 382 -26.28 2.74 -1.41
CA GLY B 382 -25.58 3.93 -1.88
C GLY B 382 -24.11 3.71 -2.18
N LEU B 383 -23.77 2.50 -2.63
CA LEU B 383 -22.38 2.16 -2.90
C LEU B 383 -22.27 1.38 -4.21
N LYS B 384 -21.25 1.71 -5.01
CA LYS B 384 -21.00 1.01 -6.27
C LYS B 384 -19.57 0.47 -6.31
N SER B 385 -19.11 -0.04 -5.18
CA SER B 385 -17.76 -0.57 -5.06
C SER B 385 -17.63 -1.56 -3.91
N CYS B 386 -16.81 -2.59 -4.13
CA CYS B 386 -16.50 -3.57 -3.10
C CYS B 386 -14.99 -3.70 -3.03
N MET B 387 -14.47 -3.88 -1.81
CA MET B 387 -13.03 -4.05 -1.62
C MET B 387 -12.76 -5.16 -0.61
N GLY B 388 -11.49 -5.54 -0.49
CA GLY B 388 -11.09 -6.64 0.37
C GLY B 388 -11.43 -7.99 -0.23
N LEU B 389 -11.45 -8.04 -1.57
CA LEU B 389 -11.79 -9.26 -2.29
C LEU B 389 -10.54 -9.98 -2.76
N LYS B 390 -10.71 -11.22 -3.21
CA LYS B 390 -9.63 -12.00 -3.79
C LYS B 390 -10.01 -12.45 -5.18
N ILE B 391 -9.01 -12.66 -6.04
CA ILE B 391 -9.24 -13.07 -7.41
C ILE B 391 -10.10 -14.33 -7.46
N GLY B 392 -11.28 -14.21 -8.08
CA GLY B 392 -12.22 -15.33 -8.17
C GLY B 392 -13.54 -15.03 -7.47
N ASP B 393 -13.50 -14.17 -6.46
CA ASP B 393 -14.70 -13.79 -5.72
C ASP B 393 -15.72 -13.14 -6.64
N THR B 394 -16.99 -13.16 -6.21
CA THR B 394 -18.08 -12.65 -7.02
C THR B 394 -18.98 -11.72 -6.19
N VAL B 395 -19.41 -10.63 -6.81
CA VAL B 395 -20.28 -9.66 -6.14
C VAL B 395 -21.39 -9.19 -7.07
N SER B 396 -22.40 -8.55 -6.50
CA SER B 396 -23.55 -8.07 -7.25
C SER B 396 -23.97 -6.67 -6.80
N PHE B 397 -24.47 -5.88 -7.75
CA PHE B 397 -24.91 -4.51 -7.49
C PHE B 397 -26.35 -4.31 -7.95
N SER B 398 -27.19 -3.76 -7.09
CA SER B 398 -28.57 -3.43 -7.45
C SER B 398 -28.66 -1.99 -7.96
N ILE B 399 -29.01 -1.83 -9.24
CA ILE B 399 -29.04 -0.52 -9.87
C ILE B 399 -30.47 -0.09 -10.19
N GLU B 400 -30.82 1.14 -9.82
CA GLU B 400 -32.15 1.69 -10.11
C GLU B 400 -32.03 2.86 -11.08
N ALA B 401 -32.86 2.86 -12.12
CA ALA B 401 -32.84 3.90 -13.14
C ALA B 401 -34.18 4.62 -13.20
N LYS B 402 -34.22 5.84 -12.70
CA LYS B 402 -35.41 6.68 -12.79
C LYS B 402 -35.28 7.66 -13.95
N VAL B 403 -36.40 7.97 -14.60
CA VAL B 403 -36.44 9.01 -15.63
C VAL B 403 -37.19 10.22 -15.09
N ARG B 404 -36.85 11.40 -15.61
CA ARG B 404 -37.54 12.62 -15.25
C ARG B 404 -38.44 13.04 -16.40
N GLY B 405 -39.75 13.04 -16.15
CA GLY B 405 -40.72 13.39 -17.18
C GLY B 405 -40.75 12.36 -18.30
N CYS B 406 -40.78 12.85 -19.53
CA CYS B 406 -40.79 11.99 -20.71
C CYS B 406 -40.02 12.62 -21.86
N PRO B 407 -38.86 12.05 -22.22
CA PRO B 407 -38.02 12.62 -23.29
C PRO B 407 -38.63 12.49 -24.68
N GLN B 408 -38.38 13.48 -25.53
CA GLN B 408 -38.82 13.45 -26.93
C GLN B 408 -38.16 12.29 -27.67
N GLU B 409 -36.83 12.24 -27.62
CA GLU B 409 -36.09 11.16 -28.25
C GLU B 409 -36.57 9.84 -27.66
N LYS B 410 -37.08 8.96 -28.53
CA LYS B 410 -37.80 7.77 -28.10
C LYS B 410 -36.89 6.66 -27.56
N GLU B 411 -35.66 6.59 -28.06
CA GLU B 411 -34.73 5.55 -27.64
C GLU B 411 -33.39 6.12 -27.20
N LYS B 412 -32.92 5.68 -26.05
CA LYS B 412 -31.60 6.08 -25.52
C LYS B 412 -30.90 4.85 -24.93
N SER B 413 -29.58 4.95 -24.77
CA SER B 413 -28.80 3.85 -24.23
C SER B 413 -27.56 4.34 -23.47
N PHE B 414 -27.13 3.56 -22.50
CA PHE B 414 -25.93 3.85 -21.72
C PHE B 414 -25.26 2.55 -21.30
N THR B 415 -24.11 2.65 -20.64
CA THR B 415 -23.33 1.48 -20.27
C THR B 415 -22.81 1.53 -18.84
N ILE B 416 -23.25 0.58 -18.01
CA ILE B 416 -22.66 0.37 -16.70
C ILE B 416 -21.50 -0.60 -16.87
N LYS B 417 -20.34 -0.24 -16.34
CA LYS B 417 -19.09 -0.91 -16.65
C LYS B 417 -18.20 -0.96 -15.42
N PRO B 418 -17.47 -2.08 -15.21
CA PRO B 418 -16.48 -2.13 -14.15
C PRO B 418 -15.19 -1.41 -14.56
N VAL B 419 -14.56 -0.73 -13.61
CA VAL B 419 -13.34 0.02 -13.91
C VAL B 419 -12.20 -0.93 -14.29
N GLY B 420 -11.57 -0.64 -15.43
CA GLY B 420 -10.40 -1.39 -15.88
C GLY B 420 -10.69 -2.69 -16.60
N PHE B 421 -11.96 -2.97 -16.90
CA PHE B 421 -12.33 -4.19 -17.62
C PHE B 421 -13.14 -3.91 -18.88
N LYS B 422 -12.91 -4.73 -19.91
CA LYS B 422 -13.57 -4.60 -21.21
C LYS B 422 -15.05 -4.93 -21.11
N ASP B 423 -15.37 -5.96 -20.33
CA ASP B 423 -16.75 -6.43 -20.19
C ASP B 423 -17.61 -5.32 -19.59
N SER B 424 -18.89 -5.30 -19.96
CA SER B 424 -19.79 -4.27 -19.49
C SER B 424 -21.26 -4.68 -19.65
N LEU B 425 -22.14 -3.87 -19.09
CA LEU B 425 -23.58 -4.08 -19.21
C LEU B 425 -24.20 -2.88 -19.93
N ILE B 426 -24.67 -3.11 -21.15
CA ILE B 426 -25.32 -2.07 -21.94
C ILE B 426 -26.81 -2.07 -21.64
N VAL B 427 -27.34 -0.90 -21.29
CA VAL B 427 -28.75 -0.77 -20.96
C VAL B 427 -29.46 0.07 -22.02
N GLN B 428 -30.34 -0.58 -22.78
CA GLN B 428 -31.15 0.10 -23.77
C GLN B 428 -32.46 0.56 -23.14
N VAL B 429 -32.69 1.87 -23.13
CA VAL B 429 -33.87 2.43 -22.50
C VAL B 429 -34.91 2.81 -23.56
N THR B 430 -36.18 2.55 -23.24
CA THR B 430 -37.29 2.95 -24.09
C THR B 430 -38.35 3.65 -23.24
N PHE B 431 -38.90 4.74 -23.74
CA PHE B 431 -39.87 5.54 -23.01
C PHE B 431 -41.28 5.33 -23.56
N ASP B 432 -42.14 4.75 -22.73
CA ASP B 432 -43.53 4.48 -23.11
C ASP B 432 -44.44 5.50 -22.44
N CYS B 433 -44.73 6.59 -23.15
CA CYS B 433 -45.58 7.66 -22.61
C CYS B 433 -46.91 7.78 -23.33
N ASP B 434 -17.93 18.00 -26.78
CA ASP B 434 -18.54 17.23 -25.71
C ASP B 434 -19.23 15.98 -26.26
N CYS B 435 -19.21 14.91 -25.48
CA CYS B 435 -19.90 13.68 -25.82
C CYS B 435 -21.38 13.79 -25.42
N ALA B 436 -22.23 13.02 -26.10
CA ALA B 436 -23.66 13.02 -25.81
C ALA B 436 -23.96 12.36 -24.47
N CYS B 437 -23.13 11.39 -24.08
CA CYS B 437 -23.35 10.63 -22.85
C CYS B 437 -22.93 11.38 -21.58
N GLN B 438 -22.32 12.54 -21.73
CA GLN B 438 -22.02 13.40 -20.59
C GLN B 438 -23.30 13.95 -19.97
N ALA B 439 -24.26 14.30 -20.82
CA ALA B 439 -25.56 14.81 -20.36
C ALA B 439 -26.23 13.81 -19.42
N GLN B 440 -26.06 12.52 -19.70
CA GLN B 440 -26.60 11.46 -18.85
C GLN B 440 -25.55 10.98 -17.84
N ALA B 441 -24.79 11.90 -17.29
CA ALA B 441 -23.78 11.57 -16.29
C ALA B 441 -24.44 11.24 -14.96
N GLU B 442 -23.65 10.70 -14.03
CA GLU B 442 -24.15 10.30 -12.72
C GLU B 442 -23.05 10.47 -11.67
N PRO B 443 -23.02 11.63 -11.01
CA PRO B 443 -22.01 11.90 -9.99
C PRO B 443 -22.36 11.21 -8.67
N ASN B 444 -21.36 11.02 -7.81
CA ASN B 444 -21.56 10.32 -6.54
C ASN B 444 -22.27 9.00 -6.75
N SER B 445 -21.87 8.27 -7.80
CA SER B 445 -22.58 7.06 -8.20
C SER B 445 -22.26 5.89 -7.28
N HIS B 446 -23.23 4.99 -7.13
CA HIS B 446 -23.04 3.75 -6.38
C HIS B 446 -22.05 2.82 -7.09
N ARG B 447 -21.92 3.00 -8.40
CA ARG B 447 -21.04 2.16 -9.22
C ARG B 447 -19.56 2.44 -8.96
N CYS B 448 -19.24 3.64 -8.50
CA CYS B 448 -17.85 4.04 -8.25
C CYS B 448 -17.53 4.10 -6.75
N ASN B 449 -17.54 2.94 -6.10
CA ASN B 449 -17.14 2.81 -4.70
C ASN B 449 -17.93 3.75 -3.77
N ASN B 450 -19.24 3.54 -3.70
CA ASN B 450 -20.13 4.35 -2.86
C ASN B 450 -19.87 5.84 -3.02
N GLY B 451 -19.88 6.32 -4.26
CA GLY B 451 -19.78 7.75 -4.56
C GLY B 451 -18.40 8.33 -4.38
N ASN B 452 -17.39 7.66 -4.95
N ASN B 452 -17.39 7.66 -4.95
CA ASN B 452 -16.03 8.20 -5.00
CA ASN B 452 -16.04 8.20 -5.00
C ASN B 452 -15.64 8.57 -6.42
C ASN B 452 -15.64 8.57 -6.42
N GLY B 453 -16.62 8.67 -7.31
N GLY B 453 -16.63 8.67 -7.30
CA GLY B 453 -16.38 9.06 -8.69
CA GLY B 453 -16.37 9.06 -8.69
C GLY B 453 -17.66 9.19 -9.48
C GLY B 453 -17.66 9.19 -9.48
N THR B 454 -17.62 10.01 -10.53
N THR B 454 -17.62 10.01 -10.52
CA THR B 454 -18.77 10.19 -11.40
CA THR B 454 -18.77 10.19 -11.40
C THR B 454 -18.77 9.12 -12.47
C THR B 454 -18.77 9.12 -12.46
N PHE B 455 -19.94 8.54 -12.72
N PHE B 455 -19.94 8.54 -12.72
CA PHE B 455 -20.07 7.50 -13.74
CA PHE B 455 -20.07 7.50 -13.74
C PHE B 455 -20.71 8.09 -15.00
C PHE B 455 -20.71 8.09 -15.00
N GLU B 456 -19.87 8.42 -15.97
CA GLU B 456 -20.35 8.89 -17.28
C GLU B 456 -19.73 8.05 -18.39
N CYS B 457 -20.55 7.69 -19.37
CA CYS B 457 -20.09 6.99 -20.57
C CYS B 457 -19.36 5.68 -20.26
N GLY B 458 -19.88 4.93 -19.30
CA GLY B 458 -19.35 3.60 -18.99
C GLY B 458 -17.98 3.58 -18.32
N VAL B 459 -17.66 4.64 -17.59
CA VAL B 459 -16.36 4.74 -16.91
C VAL B 459 -16.47 5.57 -15.63
N CYS B 460 -15.76 5.13 -14.60
CA CYS B 460 -15.69 5.88 -13.35
C CYS B 460 -14.61 6.95 -13.42
N ARG B 461 -15.02 8.19 -13.21
CA ARG B 461 -14.09 9.31 -13.08
C ARG B 461 -13.86 9.56 -11.60
N CYS B 462 -12.80 8.98 -11.05
CA CYS B 462 -12.58 8.96 -9.61
C CYS B 462 -12.20 10.31 -9.05
N GLY B 463 -12.72 10.61 -7.86
CA GLY B 463 -12.39 11.84 -7.16
C GLY B 463 -11.00 11.77 -6.54
N PRO B 464 -10.56 12.86 -5.89
CA PRO B 464 -9.22 12.93 -5.31
C PRO B 464 -8.89 11.76 -4.40
N GLY B 465 -7.77 11.10 -4.67
CA GLY B 465 -7.27 10.04 -3.80
C GLY B 465 -7.43 8.63 -4.33
N TRP B 466 -8.58 8.35 -4.95
CA TRP B 466 -8.90 6.99 -5.40
C TRP B 466 -8.63 6.77 -6.89
N LEU B 467 -8.24 5.53 -7.21
CA LEU B 467 -7.97 5.12 -8.59
C LEU B 467 -8.58 3.74 -8.85
N GLY B 468 -8.55 3.30 -10.11
CA GLY B 468 -9.06 1.99 -10.49
C GLY B 468 -10.27 2.08 -11.41
N SER B 469 -10.78 0.92 -11.81
CA SER B 469 -11.92 0.86 -12.72
C SER B 469 -13.24 1.27 -12.05
N GLN B 470 -13.32 1.05 -10.73
CA GLN B 470 -14.49 1.48 -9.95
C GLN B 470 -14.07 2.34 -8.76
N CYS B 471 -12.85 2.85 -8.78
CA CYS B 471 -12.29 3.65 -7.67
C CYS B 471 -12.11 2.83 -6.41
N GLU B 472 -11.42 1.70 -6.52
CA GLU B 472 -11.23 0.80 -5.39
C GLU B 472 -10.18 1.33 -4.42
N CYS B 473 -2.10 -2.38 -8.97
CA CYS B 473 -2.16 -2.77 -7.56
C CYS B 473 -0.82 -2.63 -6.86
N SER B 474 -0.88 -2.39 -5.54
CA SER B 474 0.30 -2.29 -4.71
C SER B 474 0.48 -3.56 -3.89
N GLU B 475 -0.59 -3.97 -3.19
CA GLU B 475 -0.55 -5.17 -2.38
C GLU B 475 -1.93 -5.84 -2.30
N GLU B 476 -2.85 -5.21 -1.58
CA GLU B 476 -4.20 -5.74 -1.39
C GLU B 476 -4.19 -7.17 -0.86
N GLN B 483 -5.67 -12.50 -8.28
CA GLN B 483 -6.15 -13.87 -8.13
C GLN B 483 -6.07 -14.61 -9.47
N ASP B 484 -4.91 -15.17 -9.76
CA ASP B 484 -4.66 -15.84 -11.04
C ASP B 484 -3.72 -17.03 -10.86
N GLU B 485 -3.42 -17.71 -11.95
CA GLU B 485 -2.57 -18.90 -11.93
C GLU B 485 -1.09 -18.56 -11.76
N CYS B 486 -0.57 -18.79 -10.57
CA CYS B 486 0.87 -18.69 -10.29
C CYS B 486 1.49 -20.08 -10.23
N SER B 487 0.99 -20.98 -11.08
CA SER B 487 1.54 -22.35 -11.17
C SER B 487 1.05 -23.01 -12.46
N PRO B 488 1.76 -24.05 -12.94
CA PRO B 488 1.34 -24.75 -14.16
C PRO B 488 0.01 -25.47 -14.00
N ARG B 489 -0.13 -26.25 -12.92
CA ARG B 489 -1.35 -26.99 -12.65
C ARG B 489 -2.00 -26.50 -11.37
N GLU B 490 -3.21 -26.99 -11.10
CA GLU B 490 -3.94 -26.63 -9.89
C GLU B 490 -3.38 -27.35 -8.66
N GLY B 491 -3.03 -28.62 -8.84
CA GLY B 491 -2.49 -29.43 -7.75
C GLY B 491 -1.08 -29.05 -7.33
N GLN B 492 -0.30 -28.53 -8.27
CA GLN B 492 1.08 -28.13 -7.99
C GLN B 492 1.14 -26.83 -7.19
N PRO B 493 2.20 -26.67 -6.37
CA PRO B 493 2.27 -25.56 -5.41
C PRO B 493 2.50 -24.20 -6.05
N VAL B 494 2.52 -23.16 -5.22
CA VAL B 494 2.56 -21.78 -5.70
C VAL B 494 3.99 -21.27 -5.82
N CYS B 495 4.32 -20.72 -6.99
CA CYS B 495 5.65 -20.15 -7.27
C CYS B 495 6.81 -21.05 -6.84
N SER B 496 6.62 -22.37 -6.97
CA SER B 496 7.63 -23.35 -6.56
C SER B 496 8.18 -23.09 -5.15
N GLN B 497 7.35 -22.52 -4.29
CA GLN B 497 7.76 -22.09 -2.96
C GLN B 497 9.06 -21.28 -2.96
N ARG B 498 9.23 -20.47 -4.00
CA ARG B 498 10.40 -19.59 -4.11
C ARG B 498 10.01 -18.13 -4.31
N GLY B 499 8.71 -17.84 -4.28
CA GLY B 499 8.23 -16.49 -4.48
C GLY B 499 6.90 -16.24 -3.80
N GLU B 500 6.27 -15.12 -4.16
CA GLU B 500 4.97 -14.74 -3.62
C GLU B 500 4.06 -14.33 -4.76
N CYS B 501 2.88 -14.94 -4.81
CA CYS B 501 1.91 -14.64 -5.87
C CYS B 501 1.16 -13.35 -5.56
N LEU B 502 1.82 -12.22 -5.79
CA LEU B 502 1.23 -10.91 -5.54
C LEU B 502 0.74 -10.30 -6.85
N CYS B 503 -0.53 -9.90 -6.88
CA CYS B 503 -1.18 -9.36 -8.08
C CYS B 503 -1.18 -10.35 -9.24
N GLY B 504 -1.38 -11.63 -8.94
CA GLY B 504 -1.39 -12.68 -9.96
C GLY B 504 -0.09 -12.74 -10.73
N GLN B 505 1.02 -12.79 -9.98
CA GLN B 505 2.35 -12.67 -10.57
C GLN B 505 3.39 -13.01 -9.50
N CYS B 506 4.17 -14.06 -9.75
CA CYS B 506 5.19 -14.50 -8.79
C CYS B 506 6.28 -13.45 -8.66
N VAL B 507 6.56 -13.04 -7.42
CA VAL B 507 7.72 -12.22 -7.12
C VAL B 507 8.65 -13.06 -6.28
N CYS B 508 9.78 -13.45 -6.87
CA CYS B 508 10.68 -14.42 -6.25
C CYS B 508 11.40 -13.87 -5.03
N HIS B 509 11.77 -14.76 -4.12
CA HIS B 509 12.50 -14.38 -2.92
C HIS B 509 13.94 -14.04 -3.28
N SER B 510 14.60 -13.29 -2.40
CA SER B 510 16.02 -13.03 -2.55
C SER B 510 16.82 -14.25 -2.11
N SER B 511 18.11 -14.25 -2.40
CA SER B 511 18.99 -15.33 -1.96
C SER B 511 20.42 -14.83 -1.82
N ASP B 512 21.17 -15.45 -0.90
CA ASP B 512 22.56 -15.09 -0.66
C ASP B 512 23.46 -15.53 -1.82
N PHE B 513 23.08 -16.60 -2.50
CA PHE B 513 23.92 -17.21 -3.53
C PHE B 513 23.80 -16.52 -4.89
N GLY B 514 22.59 -16.08 -5.24
CA GLY B 514 22.39 -15.38 -6.51
C GLY B 514 20.95 -14.96 -6.72
N LYS B 515 20.50 -14.98 -7.97
CA LYS B 515 19.17 -14.50 -8.32
C LYS B 515 18.23 -15.65 -8.71
N ILE B 516 16.97 -15.54 -8.30
CA ILE B 516 15.93 -16.50 -8.66
C ILE B 516 14.94 -15.85 -9.62
N THR B 517 14.80 -16.43 -10.81
CA THR B 517 13.97 -15.86 -11.86
C THR B 517 12.98 -16.89 -12.39
N GLY B 518 12.15 -16.47 -13.35
CA GLY B 518 11.18 -17.35 -13.98
C GLY B 518 9.76 -16.94 -13.69
N LYS B 519 8.83 -17.48 -14.47
CA LYS B 519 7.41 -17.19 -14.30
C LYS B 519 6.88 -17.76 -12.98
N TYR B 520 7.45 -18.89 -12.57
CA TYR B 520 7.07 -19.53 -11.31
C TYR B 520 8.28 -19.69 -10.39
N CYS B 521 9.27 -18.80 -10.54
CA CYS B 521 10.51 -18.85 -9.75
C CYS B 521 11.20 -20.21 -9.83
N GLU B 522 11.05 -20.89 -10.97
CA GLU B 522 11.59 -22.23 -11.13
C GLU B 522 13.07 -22.20 -11.52
N CYS B 523 11.04 -24.15 -12.00
CA CYS B 523 11.18 -25.58 -11.82
C CYS B 523 12.62 -25.99 -11.62
N ASP B 524 12.83 -26.91 -10.67
CA ASP B 524 14.15 -27.45 -10.38
C ASP B 524 14.18 -28.92 -10.78
N ASP B 525 15.36 -29.51 -10.74
CA ASP B 525 15.54 -30.93 -11.07
C ASP B 525 16.34 -31.64 -9.97
N PHE B 526 16.45 -31.02 -8.80
CA PHE B 526 17.31 -31.54 -7.74
C PHE B 526 17.02 -30.97 -6.34
N SER B 527 15.80 -30.48 -6.14
CA SER B 527 15.43 -29.88 -4.85
C SER B 527 14.38 -30.74 -4.13
N CYS B 528 14.19 -31.96 -4.61
CA CYS B 528 13.19 -32.87 -4.04
C CYS B 528 13.61 -33.33 -2.64
N VAL B 529 12.64 -33.90 -1.93
CA VAL B 529 12.85 -34.35 -0.57
C VAL B 529 13.67 -35.64 -0.54
N ARG B 530 14.50 -35.80 0.49
CA ARG B 530 15.34 -36.99 0.64
C ARG B 530 14.86 -37.86 1.78
N TYR B 531 15.15 -39.16 1.70
CA TYR B 531 14.75 -40.12 2.73
C TYR B 531 15.96 -40.55 3.55
N LYS B 532 16.94 -41.17 2.90
CA LYS B 532 18.19 -41.56 3.54
C LYS B 532 19.35 -41.23 2.60
N GLY B 533 19.62 -39.94 2.45
CA GLY B 533 20.63 -39.48 1.50
C GLY B 533 20.27 -39.83 0.07
N GLU B 534 18.98 -40.05 -0.18
CA GLU B 534 18.48 -40.49 -1.48
C GLU B 534 17.31 -39.62 -1.91
N MET B 535 17.44 -38.96 -3.05
CA MET B 535 16.37 -38.11 -3.57
C MET B 535 15.22 -38.98 -4.06
N CYS B 536 14.02 -38.69 -3.55
CA CYS B 536 12.84 -39.54 -3.76
C CYS B 536 13.11 -40.99 -3.36
N SER B 537 13.96 -41.18 -2.34
CA SER B 537 14.32 -42.51 -1.84
C SER B 537 14.93 -43.41 -2.91
N GLY B 538 15.43 -42.82 -3.99
CA GLY B 538 15.90 -43.58 -5.14
C GLY B 538 14.81 -44.37 -5.83
N HIS B 539 13.56 -43.96 -5.64
CA HIS B 539 12.40 -44.65 -6.21
C HIS B 539 11.51 -43.69 -6.98
N GLY B 540 12.11 -42.66 -7.57
CA GLY B 540 11.35 -41.68 -8.34
C GLY B 540 12.23 -40.58 -8.89
N GLN B 541 11.78 -39.99 -10.00
CA GLN B 541 12.52 -38.91 -10.64
C GLN B 541 11.99 -37.58 -10.12
N CYS B 542 12.90 -36.62 -9.90
CA CYS B 542 12.54 -35.31 -9.39
C CYS B 542 12.08 -34.42 -10.54
N SER B 543 10.92 -33.78 -10.36
CA SER B 543 10.35 -32.93 -11.40
C SER B 543 9.71 -31.68 -10.80
N CYS B 544 10.39 -30.55 -10.95
CA CYS B 544 9.88 -29.26 -10.48
C CYS B 544 9.58 -29.29 -8.97
N GLY B 545 10.44 -29.97 -8.22
CA GLY B 545 10.32 -30.03 -6.76
C GLY B 545 9.52 -31.21 -6.23
N ASP B 546 8.74 -31.85 -7.10
CA ASP B 546 7.86 -32.95 -6.69
C ASP B 546 8.37 -34.29 -7.21
N CYS B 547 8.31 -35.31 -6.35
CA CYS B 547 8.71 -36.66 -6.72
C CYS B 547 7.62 -37.37 -7.51
N LEU B 548 7.96 -37.80 -8.72
CA LEU B 548 7.10 -38.70 -9.48
C LEU B 548 7.59 -40.12 -9.21
N CYS B 549 6.86 -40.84 -8.37
CA CYS B 549 7.28 -42.18 -7.94
C CYS B 549 7.12 -43.21 -9.05
N ASP B 550 7.83 -44.32 -8.91
CA ASP B 550 7.77 -45.41 -9.86
C ASP B 550 6.50 -46.23 -9.64
N SER B 551 6.31 -47.27 -10.46
CA SER B 551 5.06 -48.04 -10.43
C SER B 551 4.76 -48.71 -9.10
N ASP B 552 5.82 -49.16 -8.41
CA ASP B 552 5.65 -49.91 -7.15
C ASP B 552 6.11 -49.15 -5.91
N TRP B 553 5.98 -47.82 -5.93
CA TRP B 553 6.25 -46.99 -4.76
C TRP B 553 5.31 -45.79 -4.74
N THR B 554 4.90 -45.39 -3.54
CA THR B 554 3.93 -44.31 -3.38
C THR B 554 4.36 -43.37 -2.26
N GLY B 555 3.62 -42.28 -2.09
CA GLY B 555 3.88 -41.33 -1.01
C GLY B 555 4.71 -40.15 -1.48
N TYR B 556 4.78 -39.13 -0.63
CA TYR B 556 5.49 -37.89 -0.93
C TYR B 556 7.01 -38.08 -1.06
N TYR B 557 7.52 -39.13 -0.42
CA TYR B 557 8.95 -39.44 -0.46
C TYR B 557 9.27 -40.60 -1.39
N CYS B 558 10.99 -42.16 -1.54
CA CYS B 558 12.26 -41.85 -0.86
C CYS B 558 12.19 -40.55 -0.06
N ASN B 559 13.54 -36.50 1.42
N ASN B 559 11.08 -40.31 0.62
CA ASN B 559 13.54 -35.55 2.53
CA ASN B 559 10.96 -39.13 1.48
C ASN B 559 13.12 -36.16 3.87
C ASN B 559 10.70 -39.46 2.95
N CYS B 560 12.95 -37.48 3.90
N CYS B 560 10.76 -40.75 3.29
CA CYS B 560 12.65 -38.20 5.12
CA CYS B 560 10.62 -41.19 4.67
C CYS B 560 13.89 -38.93 5.62
C CYS B 560 11.99 -41.58 5.23
N THR B 561 14.46 -38.46 6.72
N THR B 561 12.51 -40.77 6.14
CA THR B 561 15.70 -39.03 7.24
CA THR B 561 13.85 -40.99 6.69
C THR B 561 15.51 -40.45 7.75
C THR B 561 13.92 -42.26 7.54
N THR B 562 16.58 -41.23 7.73
N THR B 562 15.11 -42.84 7.61
CA THR B 562 16.58 -42.56 8.31
CA THR B 562 15.35 -43.99 8.47
C THR B 562 16.90 -42.50 9.79
C THR B 562 15.71 -43.52 9.88
N ARG B 563 16.09 -42.24 10.00
CA ARG B 563 16.51 -41.68 11.28
C ARG B 563 15.40 -41.72 12.32
N THR B 564 15.81 -41.82 13.58
CA THR B 564 14.90 -41.77 14.71
C THR B 564 15.46 -40.85 15.80
N ASP B 565 16.30 -39.89 15.39
CA ASP B 565 16.94 -38.96 16.32
C ASP B 565 15.91 -38.02 16.91
N THR B 566 15.07 -37.45 16.04
CA THR B 566 14.04 -36.51 16.44
C THR B 566 12.88 -37.20 17.17
N CYS B 567 12.75 -38.51 16.99
CA CYS B 567 11.69 -39.28 17.64
C CYS B 567 11.91 -39.48 19.14
N MET B 568 13.16 -39.55 19.57
CA MET B 568 13.47 -39.80 20.97
C MET B 568 13.37 -38.52 21.79
N SER B 569 13.04 -38.67 23.07
CA SER B 569 12.91 -37.55 24.00
C SER B 569 13.89 -37.68 25.16
N SER B 570 13.91 -36.68 26.03
CA SER B 570 14.77 -36.69 27.21
C SER B 570 14.49 -37.91 28.09
N ASN B 571 13.26 -38.41 28.01
CA ASN B 571 12.86 -39.64 28.69
C ASN B 571 13.91 -40.74 28.59
N GLY B 572 14.19 -41.19 27.37
CA GLY B 572 15.16 -42.27 27.15
C GLY B 572 14.76 -43.19 26.01
N LEU B 573 13.48 -43.56 25.96
CA LEU B 573 12.97 -44.41 24.91
C LEU B 573 12.40 -43.56 23.77
N LEU B 574 12.20 -44.20 22.61
CA LEU B 574 11.66 -43.51 21.45
C LEU B 574 10.19 -43.16 21.66
N CYS B 575 9.81 -41.95 21.24
CA CYS B 575 8.45 -41.44 21.42
C CYS B 575 8.01 -41.57 22.88
N SER B 576 8.83 -41.01 23.77
CA SER B 576 8.59 -41.06 25.20
C SER B 576 8.19 -42.48 25.62
N GLY B 577 6.93 -42.67 25.99
CA GLY B 577 6.44 -43.99 26.35
C GLY B 577 6.16 -44.79 25.09
N ARG B 578 4.89 -44.82 24.70
CA ARG B 578 4.48 -45.55 23.49
C ARG B 578 4.25 -44.60 22.33
N GLY B 579 4.48 -45.12 21.13
CA GLY B 579 4.37 -44.34 19.91
C GLY B 579 5.33 -44.88 18.86
N LYS B 580 4.80 -45.23 17.70
CA LYS B 580 5.63 -45.72 16.61
C LYS B 580 6.31 -44.55 15.90
N CYS B 581 7.62 -44.59 15.80
CA CYS B 581 8.37 -43.59 15.07
C CYS B 581 8.30 -43.88 13.57
N GLU B 582 7.90 -42.89 12.78
CA GLU B 582 7.77 -43.04 11.34
C GLU B 582 8.25 -41.79 10.62
N CYS B 583 9.34 -41.94 9.85
CA CYS B 583 9.89 -40.85 9.04
C CYS B 583 10.33 -39.66 9.89
N GLY B 584 10.92 -39.96 11.04
CA GLY B 584 11.42 -38.92 11.95
C GLY B 584 10.32 -38.25 12.77
N SER B 585 9.11 -38.76 12.68
CA SER B 585 7.98 -38.21 13.42
C SER B 585 7.21 -39.31 14.11
N CYS B 586 6.86 -39.08 15.37
CA CYS B 586 6.16 -40.08 16.16
C CYS B 586 4.70 -40.21 15.75
N VAL B 587 4.17 -41.41 15.85
CA VAL B 587 2.74 -41.65 15.71
C VAL B 587 2.26 -42.23 17.04
N CYS B 588 1.65 -41.38 17.86
CA CYS B 588 1.34 -41.74 19.24
C CYS B 588 0.23 -42.79 19.33
N ILE B 589 0.54 -43.89 20.02
CA ILE B 589 -0.40 -45.01 20.16
C ILE B 589 -1.14 -44.95 21.49
N GLN B 590 -0.42 -44.68 22.56
CA GLN B 590 -1.00 -44.54 23.89
C GLN B 590 -2.22 -43.62 23.83
N PRO B 591 -3.41 -44.16 24.11
CA PRO B 591 -4.63 -43.36 24.02
C PRO B 591 -4.54 -42.05 24.81
N GLY B 592 -4.80 -40.92 24.14
CA GLY B 592 -4.81 -39.62 24.78
C GLY B 592 -3.48 -38.90 24.80
N SER B 593 -2.42 -39.56 24.34
CA SER B 593 -1.09 -38.95 24.32
C SER B 593 -0.88 -38.12 23.07
N TYR B 594 -0.10 -37.04 23.20
CA TYR B 594 0.18 -36.15 22.08
C TYR B 594 1.50 -35.41 22.29
N GLY B 595 1.90 -34.62 21.30
CA GLY B 595 3.18 -33.90 21.34
C GLY B 595 4.13 -34.41 20.28
N ASP B 596 5.31 -33.81 20.20
CA ASP B 596 6.31 -34.21 19.20
C ASP B 596 6.80 -35.62 19.46
N THR B 597 7.01 -35.95 20.73
CA THR B 597 7.51 -37.27 21.10
C THR B 597 6.51 -37.99 22.01
N CYS B 598 5.23 -37.68 21.87
CA CYS B 598 4.18 -38.23 22.73
C CYS B 598 4.50 -38.01 24.21
N GLU B 599 5.09 -36.86 24.51
CA GLU B 599 5.51 -36.55 25.88
C GLU B 599 4.35 -36.04 26.72
N LYS B 600 3.38 -35.41 26.08
CA LYS B 600 2.22 -34.83 26.75
C LYS B 600 1.08 -35.84 26.82
N CYS B 601 -1.31 -17.32 18.26
CA CYS B 601 -2.48 -17.27 17.40
C CYS B 601 -3.75 -17.04 18.22
N PRO B 602 -4.08 -15.76 18.49
CA PRO B 602 -5.26 -15.39 19.27
C PRO B 602 -6.57 -15.83 18.63
N THR B 603 -6.65 -15.76 17.31
CA THR B 603 -7.91 -16.05 16.60
C THR B 603 -7.97 -17.47 16.03
N CYS B 604 -7.13 -18.37 16.55
CA CYS B 604 -7.20 -19.78 16.15
C CYS B 604 -8.38 -20.46 16.82
N PRO B 605 -9.08 -21.34 16.09
CA PRO B 605 -10.15 -22.09 16.75
C PRO B 605 -9.57 -22.95 17.85
N ASP B 606 -9.89 -22.61 19.10
CA ASP B 606 -9.30 -23.26 20.28
C ASP B 606 -9.24 -24.78 20.15
N ALA B 607 -8.15 -25.36 20.70
CA ALA B 607 -7.95 -26.80 20.66
C ALA B 607 -9.20 -27.54 21.13
N CYS B 608 -9.89 -26.99 22.12
CA CYS B 608 -11.12 -27.58 22.63
C CYS B 608 -12.30 -27.21 21.72
N THR B 609 -12.20 -27.57 20.45
CA THR B 609 -13.26 -27.31 19.49
C THR B 609 -13.06 -28.15 18.23
N PHE B 610 -12.14 -27.73 17.37
CA PHE B 610 -11.87 -28.45 16.12
C PHE B 610 -10.95 -29.62 16.41
N LYS B 611 -9.91 -29.39 17.20
CA LYS B 611 -8.96 -30.44 17.57
C LYS B 611 -9.49 -31.30 18.72
N LYS B 612 -10.64 -31.92 18.48
CA LYS B 612 -11.21 -32.89 19.41
C LYS B 612 -11.31 -34.25 18.70
N GLU B 613 -10.48 -34.42 17.68
CA GLU B 613 -10.55 -35.59 16.82
C GLU B 613 -9.87 -36.82 17.41
N CYS B 614 -9.33 -36.69 18.63
CA CYS B 614 -8.65 -37.80 19.29
C CYS B 614 -9.63 -38.84 19.82
N VAL B 615 -10.92 -38.51 19.83
CA VAL B 615 -11.98 -39.49 20.05
C VAL B 615 -12.82 -39.59 18.77
N GLU B 616 -12.15 -39.45 17.62
CA GLU B 616 -12.80 -39.50 16.31
C GLU B 616 -11.94 -40.21 15.27
N CYS B 617 -10.69 -39.78 15.13
CA CYS B 617 -9.77 -40.34 14.13
C CYS B 617 -9.29 -41.73 14.54
N LYS B 618 -8.80 -41.85 15.77
CA LYS B 618 -8.24 -43.10 16.26
C LYS B 618 -9.31 -43.94 16.97
N LYS B 619 -9.94 -43.37 17.99
CA LYS B 619 -11.03 -44.03 18.69
C LYS B 619 -12.33 -43.76 17.93
N PHE B 620 -13.04 -44.82 17.56
CA PHE B 620 -14.20 -44.72 16.69
C PHE B 620 -13.82 -43.99 15.40
N ASP B 621 -12.99 -44.65 14.59
CA ASP B 621 -12.41 -44.04 13.38
C ASP B 621 -13.47 -43.40 12.47
N ARG B 622 -13.37 -42.07 12.31
CA ARG B 622 -14.29 -41.32 11.45
C ARG B 622 -13.72 -39.94 11.16
N GLY B 623 -14.10 -39.38 10.00
CA GLY B 623 -13.70 -38.04 9.61
C GLY B 623 -12.53 -38.03 8.64
N ALA B 624 -11.79 -36.92 8.63
CA ALA B 624 -10.63 -36.77 7.74
C ALA B 624 -9.44 -37.58 8.25
N LEU B 625 -8.32 -37.48 7.52
CA LEU B 625 -7.08 -38.18 7.88
C LEU B 625 -7.25 -39.70 7.86
N HIS B 626 -8.14 -40.18 7.00
CA HIS B 626 -8.41 -41.61 6.87
C HIS B 626 -7.58 -42.19 5.73
N ASP B 627 -7.53 -41.48 4.61
CA ASP B 627 -6.74 -41.89 3.45
C ASP B 627 -5.44 -41.08 3.32
N GLU B 628 -5.17 -40.21 4.30
CA GLU B 628 -3.95 -39.41 4.30
C GLU B 628 -3.17 -39.60 5.61
N ASN B 629 -1.84 -39.65 5.50
CA ASN B 629 -0.99 -39.96 6.64
C ASN B 629 -0.83 -38.79 7.61
N THR B 630 -1.88 -38.48 8.36
CA THR B 630 -1.82 -37.43 9.38
C THR B 630 -2.94 -37.58 10.42
N CYS B 631 -3.25 -38.81 10.79
CA CYS B 631 -4.32 -39.08 11.77
C CYS B 631 -3.81 -38.87 13.19
N ASN B 632 -2.80 -39.63 13.57
CA ASN B 632 -2.22 -39.53 14.91
C ASN B 632 -0.90 -38.76 14.91
N ARG B 633 -0.70 -37.91 13.90
CA ARG B 633 0.49 -37.07 13.80
C ARG B 633 0.36 -35.87 14.73
N TYR B 634 -0.70 -35.09 14.55
CA TYR B 634 -1.02 -33.98 15.45
C TYR B 634 -1.57 -34.55 16.75
N CYS B 635 -2.59 -35.38 16.63
CA CYS B 635 -3.19 -36.04 17.79
C CYS B 635 -2.28 -37.13 18.33
N ARG B 636 -1.54 -36.80 19.38
CA ARG B 636 -0.68 -37.77 20.05
C ARG B 636 -0.51 -37.40 21.51
N ASP B 637 -1.63 -37.10 22.17
CA ASP B 637 -1.64 -36.69 23.56
C ASP B 637 -1.94 -37.88 24.48
N GLU B 638 -1.72 -37.69 25.77
CA GLU B 638 -1.96 -38.74 26.75
C GLU B 638 -3.44 -38.87 27.07
N ILE B 639 -4.08 -39.88 26.49
CA ILE B 639 -5.50 -40.12 26.70
C ILE B 639 -5.74 -40.78 28.06
N GLU B 640 -5.78 -39.96 29.11
CA GLU B 640 -6.01 -40.46 30.46
C GLU B 640 -7.50 -40.50 30.75
N SER B 641 -7.99 -41.66 31.19
CA SER B 641 -9.41 -41.88 31.43
C SER B 641 -9.80 -41.61 32.88
N VAL B 642 -9.59 -40.38 33.33
CA VAL B 642 -10.04 -39.96 34.65
C VAL B 642 -11.53 -39.68 34.61
N LYS B 643 -12.19 -39.77 35.77
CA LYS B 643 -13.65 -39.66 35.83
C LYS B 643 -14.09 -38.53 36.75
N GLU B 644 -14.22 -37.34 36.17
CA GLU B 644 -14.75 -36.17 36.87
C GLU B 644 -13.92 -35.77 38.09
N LEU B 645 -12.75 -35.18 37.85
CA LEU B 645 -11.87 -34.69 38.91
C LEU B 645 -12.32 -33.31 39.37
N LYS B 646 -11.98 -32.96 40.61
CA LYS B 646 -12.37 -31.66 41.17
C LYS B 646 -11.49 -30.51 40.64
N ASP B 647 -11.67 -30.18 39.36
CA ASP B 647 -10.96 -29.07 38.75
C ASP B 647 -11.59 -28.75 37.39
N THR B 648 -12.88 -28.40 37.41
CA THR B 648 -13.62 -28.16 36.18
C THR B 648 -13.26 -26.81 35.57
N GLY B 649 -12.14 -26.78 34.86
CA GLY B 649 -11.69 -25.56 34.18
C GLY B 649 -10.88 -24.65 35.10
N LYS B 650 -9.57 -24.87 35.14
CA LYS B 650 -8.67 -24.03 35.93
C LYS B 650 -7.23 -24.14 35.44
N ASP B 651 -6.70 -25.37 35.41
CA ASP B 651 -5.33 -25.61 34.96
C ASP B 651 -5.28 -26.11 33.52
N ALA B 652 -6.21 -25.65 32.69
CA ALA B 652 -6.28 -26.04 31.29
C ALA B 652 -7.42 -25.31 30.57
N VAL B 653 -7.97 -25.94 29.54
CA VAL B 653 -9.14 -25.39 28.83
C VAL B 653 -10.14 -26.52 28.53
N ASN B 654 -11.04 -26.76 29.47
CA ASN B 654 -12.03 -27.83 29.36
C ASN B 654 -13.26 -27.42 28.55
N CYS B 655 -13.91 -28.39 27.92
CA CYS B 655 -15.14 -28.16 27.18
C CYS B 655 -15.86 -29.47 26.91
N THR B 656 -17.03 -29.39 26.28
CA THR B 656 -17.84 -30.57 25.98
C THR B 656 -18.58 -30.38 24.65
N TYR B 657 -18.88 -31.48 23.98
CA TYR B 657 -19.62 -31.44 22.73
C TYR B 657 -20.61 -32.61 22.65
N LYS B 658 -21.44 -32.59 21.61
CA LYS B 658 -22.43 -33.64 21.40
C LYS B 658 -21.89 -34.73 20.50
N ASN B 659 -21.84 -35.96 21.01
CA ASN B 659 -21.28 -37.08 20.26
C ASN B 659 -22.24 -37.62 19.19
N GLU B 660 -21.90 -38.77 18.61
CA GLU B 660 -22.67 -39.37 17.53
C GLU B 660 -24.11 -39.70 17.92
N ASP B 661 -24.32 -40.15 19.15
CA ASP B 661 -25.63 -40.59 19.61
C ASP B 661 -26.33 -39.55 20.51
N ASP B 662 -26.01 -38.27 20.30
CA ASP B 662 -26.63 -37.16 21.05
C ASP B 662 -26.34 -37.22 22.55
N CYS B 663 -25.06 -37.42 22.90
CA CYS B 663 -24.65 -37.48 24.30
C CYS B 663 -23.47 -36.54 24.55
N VAL B 664 -23.36 -36.06 25.78
CA VAL B 664 -22.26 -35.17 26.16
C VAL B 664 -20.97 -35.95 26.35
N VAL B 665 -19.85 -35.34 25.97
CA VAL B 665 -18.53 -35.92 26.17
C VAL B 665 -17.58 -34.89 26.76
N ARG B 666 -17.23 -35.08 28.03
CA ARG B 666 -16.43 -34.10 28.78
C ARG B 666 -14.94 -34.44 28.71
N PHE B 667 -14.10 -33.41 28.56
CA PHE B 667 -12.65 -33.60 28.51
C PHE B 667 -11.91 -32.28 28.76
N GLN B 668 -10.59 -32.35 28.88
CA GLN B 668 -9.77 -31.17 29.18
C GLN B 668 -8.30 -31.37 28.82
N TYR B 669 -7.71 -30.39 28.14
CA TYR B 669 -6.26 -30.35 27.90
C TYR B 669 -5.86 -28.98 27.36
N TYR B 670 -4.73 -28.47 27.83
CA TYR B 670 -4.18 -27.20 27.34
C TYR B 670 -2.76 -26.94 27.86
N GLU B 671 -2.64 -26.48 29.09
CA GLU B 671 -1.35 -26.08 29.66
C GLU B 671 -1.40 -25.98 31.17
N ASP B 672 -0.35 -26.49 31.81
CA ASP B 672 -0.19 -26.38 33.26
C ASP B 672 1.04 -25.51 33.58
N SER B 673 2.19 -25.91 33.03
CA SER B 673 3.42 -25.14 33.15
C SER B 673 4.23 -25.26 31.86
N SER B 674 4.21 -24.19 31.06
CA SER B 674 4.85 -24.16 29.75
C SER B 674 4.00 -24.85 28.69
N GLY B 675 3.70 -26.13 28.92
CA GLY B 675 2.83 -26.88 28.01
C GLY B 675 2.75 -28.35 28.37
N LYS B 676 1.55 -28.83 28.66
CA LYS B 676 1.33 -30.24 28.98
C LYS B 676 0.19 -30.80 28.12
N SER B 677 0.56 -31.55 27.08
CA SER B 677 -0.42 -32.14 26.17
C SER B 677 -0.93 -33.47 26.73
N ILE B 678 -1.81 -33.36 27.73
CA ILE B 678 -2.35 -34.54 28.42
C ILE B 678 -3.88 -34.44 28.49
N LEU B 679 -4.57 -35.33 27.78
CA LEU B 679 -6.03 -35.33 27.76
C LEU B 679 -6.60 -35.94 29.04
N TYR B 680 -7.80 -35.49 29.40
CA TYR B 680 -8.52 -36.01 30.57
C TYR B 680 -9.98 -36.21 30.22
N VAL B 681 -10.24 -37.14 29.29
CA VAL B 681 -11.60 -37.41 28.83
C VAL B 681 -12.31 -38.41 29.76
N VAL B 682 -13.62 -38.20 29.95
CA VAL B 682 -14.40 -39.06 30.83
C VAL B 682 -14.66 -40.43 30.20
N GLU B 683 -15.10 -41.38 31.03
CA GLU B 683 -15.29 -42.76 30.58
C GLU B 683 -16.68 -42.97 29.96
N GLU B 684 -17.73 -42.75 30.75
CA GLU B 684 -19.10 -43.02 30.30
C GLU B 684 -19.80 -41.74 29.88
N PRO B 685 -20.46 -41.75 28.70
CA PRO B 685 -21.21 -40.58 28.25
C PRO B 685 -22.60 -40.51 28.87
N GLU B 686 -23.23 -39.33 28.78
CA GLU B 686 -24.58 -39.13 29.30
C GLU B 686 -25.50 -38.65 28.19
N CYS B 687 -26.45 -39.50 27.83
CA CYS B 687 -27.30 -39.25 26.67
C CYS B 687 -28.68 -38.74 27.05
N CYS B 688 -29.52 -38.49 26.05
CA CYS B 688 -30.86 -37.99 26.24
C CYS B 688 -31.83 -38.77 25.37
N LYS B 689 -33.07 -38.92 25.83
CA LYS B 689 -34.08 -39.72 25.13
C LYS B 689 -34.74 -38.94 24.00
N GLY B 690 -34.93 -37.63 24.21
CA GLY B 690 -35.53 -36.77 23.19
C GLY B 690 -35.37 -35.29 23.50
C1 NAG C . -35.15 -4.98 -7.42
C2 NAG C . -35.80 -5.21 -6.06
C3 NAG C . -36.17 -6.68 -5.80
C4 NAG C . -36.42 -7.54 -7.03
C5 NAG C . -35.65 -7.08 -8.27
C6 NAG C . -36.14 -7.79 -9.53
C7 NAG C . -34.78 -3.45 -4.69
C8 NAG C . -33.83 -3.15 -3.56
N2 NAG C . -34.92 -4.74 -4.99
O3 NAG C . -37.31 -6.70 -4.97
O4 NAG C . -36.04 -8.89 -6.78
O5 NAG C . -35.82 -5.69 -8.42
O6 NAG C . -35.30 -8.88 -9.80
O7 NAG C . -35.36 -2.54 -5.28
C1 NAG C . -37.05 -9.66 -6.10
C2 NAG C . -36.57 -9.95 -4.68
C3 NAG C . -37.65 -10.45 -3.71
C4 NAG C . -39.05 -9.94 -4.01
C5 NAG C . -39.31 -9.89 -5.52
C6 NAG C . -40.70 -9.36 -5.85
C7 NAG C . -34.33 -10.79 -4.12
C8 NAG C . -33.35 -11.91 -4.30
N2 NAG C . -35.50 -10.93 -4.75
O3 NAG C . -37.30 -10.06 -2.40
O4 NAG C . -40.00 -10.79 -3.41
O5 NAG C . -38.33 -9.06 -6.08
O6 NAG C . -40.84 -8.04 -5.38
O7 NAG C . -34.03 -9.82 -3.44
C1 NAG D . 15.06 -9.20 -1.98
C2 NAG D . 16.47 -9.39 -1.45
C3 NAG D . 16.48 -10.39 -0.29
C4 NAG D . 15.45 -10.02 0.76
C5 NAG D . 14.09 -9.82 0.09
C6 NAG D . 13.01 -9.37 1.08
C7 NAG D . 18.08 -8.99 -3.26
C8 NAG D . 17.95 -7.52 -2.99
N2 NAG D . 17.36 -9.83 -2.51
O3 NAG D . 17.76 -10.44 0.29
O4 NAG D . 15.39 -11.04 1.73
O5 NAG D . 14.20 -8.83 -0.92
O6 NAG D . 13.32 -8.08 1.58
O7 NAG D . 18.82 -9.39 -4.16
C1 NAG D . 15.51 -10.50 3.07
C2 NAG D . 15.04 -11.53 4.09
C3 NAG D . 15.22 -11.03 5.52
C4 NAG D . 16.57 -10.35 5.74
C5 NAG D . 16.92 -9.41 4.59
C6 NAG D . 18.33 -8.84 4.72
C7 NAG D . 13.30 -12.95 3.12
C8 NAG D . 11.82 -13.19 2.98
N2 NAG D . 13.66 -11.91 3.86
O3 NAG D . 15.11 -12.13 6.41
O4 NAG D . 16.52 -9.61 6.95
O5 NAG D . 16.83 -10.11 3.37
O6 NAG D . 19.27 -9.89 4.72
O7 NAG D . 14.09 -13.70 2.56
C1 BMA D . 17.25 -10.26 8.02
C2 BMA D . 18.60 -9.56 8.20
C3 BMA D . 19.40 -10.17 9.34
C4 BMA D . 18.53 -10.30 10.59
C5 BMA D . 17.19 -10.96 10.26
C6 BMA D . 16.30 -11.00 11.49
O2 BMA D . 18.40 -8.18 8.44
O3 BMA D . 20.52 -9.36 9.62
O4 BMA D . 19.22 -11.05 11.57
O5 BMA D . 16.55 -10.24 9.24
O6 BMA D . 14.98 -11.36 11.12
C1 MAN D . 21.79 -10.04 9.52
C2 MAN D . 22.16 -10.21 8.03
C3 MAN D . 22.09 -11.63 7.50
C4 MAN D . 22.72 -12.57 8.50
C5 MAN D . 21.91 -12.52 9.78
C6 MAN D . 22.52 -13.46 10.83
O2 MAN D . 23.47 -9.72 7.83
O3 MAN D . 22.79 -11.70 6.27
O4 MAN D . 22.70 -13.88 7.98
O5 MAN D . 21.87 -11.21 10.33
O6 MAN D . 22.10 -14.78 10.59
C1 NAG E . -31.24 0.28 -1.66
C2 NAG E . -32.51 0.26 -2.50
C3 NAG E . -33.67 1.06 -1.90
C4 NAG E . -33.76 0.89 -0.39
C5 NAG E . -32.38 1.01 0.25
C6 NAG E . -32.43 0.84 1.76
C7 NAG E . -31.70 -0.06 -4.78
C8 NAG E . -31.41 0.58 -6.10
N2 NAG E . -32.19 0.74 -3.84
O3 NAG E . -34.88 0.64 -2.49
O4 NAG E . -34.60 1.91 0.14
O5 NAG E . -31.55 0.02 -0.31
O6 NAG E . -33.10 -0.35 2.09
O7 NAG E . -31.47 -1.25 -4.60
C1 NAG E . -35.82 1.36 0.67
C2 NAG E . -36.54 2.42 1.49
C3 NAG E . -37.80 1.83 2.13
C4 NAG E . -38.67 1.19 1.05
C5 NAG E . -37.84 0.26 0.15
C6 NAG E . -38.66 -0.25 -1.03
C7 NAG E . -35.64 4.24 2.88
C8 NAG E . -36.60 5.19 2.20
N2 NAG E . -35.65 2.96 2.52
O3 NAG E . -38.49 2.85 2.80
O4 NAG E . -39.72 0.44 1.62
O5 NAG E . -36.69 0.92 -0.34
O6 NAG E . -39.42 -1.37 -0.63
O7 NAG E . -34.89 4.67 3.74
C1 BMA E . -40.74 1.26 2.21
C2 BMA E . -42.12 0.74 1.79
C3 BMA E . -43.24 1.54 2.48
C4 BMA E . -42.97 1.70 3.97
C5 BMA E . -41.55 2.15 4.24
C6 BMA E . -41.24 2.19 5.74
O2 BMA E . -42.24 -0.63 2.12
O3 BMA E . -44.47 0.89 2.28
O4 BMA E . -43.87 2.64 4.50
O5 BMA E . -40.64 1.27 3.61
O6 BMA E . -41.49 3.48 6.25
C1 NAG F . -15.45 6.21 -0.78
C2 NAG F . -16.39 6.89 0.21
C3 NAG F . -16.06 6.59 1.67
C4 NAG F . -15.59 5.15 1.90
C5 NAG F . -14.60 4.76 0.81
C6 NAG F . -14.07 3.34 0.96
C7 NAG F . -17.39 9.09 -0.20
C8 NAG F . -17.13 10.56 -0.41
N2 NAG F . -16.32 8.34 0.00
O3 NAG F . -17.21 6.82 2.45
O4 NAG F . -14.97 5.02 3.16
O5 NAG F . -15.28 4.86 -0.41
O6 NAG F . -15.13 2.43 0.75
O7 NAG F . -18.54 8.66 -0.24
C1 NAG F . -15.89 4.50 4.16
C2 NAG F . -15.21 3.36 4.93
C3 NAG F . -16.14 2.84 6.03
C4 NAG F . -16.70 3.98 6.86
C5 NAG F . -17.28 5.07 5.97
C6 NAG F . -17.77 6.26 6.79
C7 NAG F . -13.78 1.54 4.15
C8 NAG F . -13.59 0.45 3.12
N2 NAG F . -14.88 2.28 4.03
O3 NAG F . -15.43 1.95 6.86
O4 NAG F . -17.69 3.47 7.73
O5 NAG F . -16.30 5.51 5.06
O6 NAG F . -18.22 7.27 5.92
O7 NAG F . -12.93 1.71 5.02
C1 NAG G . 8.93 -33.79 2.54
C2 NAG G . 8.14 -33.46 3.80
C3 NAG G . 6.65 -33.73 3.65
C4 NAG G . 6.08 -33.34 2.28
C5 NAG G . 7.06 -33.60 1.14
C6 NAG G . 6.61 -32.90 -0.13
C7 NAG G . 9.67 -33.79 5.68
C8 NAG G . 10.12 -34.71 6.79
N2 NAG G . 8.68 -34.24 4.92
O3 NAG G . 5.96 -33.01 4.65
O4 NAG G . 4.91 -34.08 2.04
O5 NAG G . 8.33 -33.11 1.46
O6 NAG G . 6.96 -31.53 -0.07
O7 NAG G . 10.22 -32.69 5.52
C1 NAG G . 3.69 -33.35 2.38
C2 NAG G . 2.64 -33.74 1.34
C3 NAG G . 1.27 -33.15 1.68
C4 NAG G . 0.92 -33.53 3.12
C5 NAG G . 2.03 -33.01 4.03
C6 NAG G . 1.73 -33.24 5.51
C7 NAG G . 3.12 -34.19 -1.00
C8 NAG G . 3.57 -33.62 -2.32
N2 NAG G . 3.05 -33.34 0.01
O3 NAG G . 0.33 -33.68 0.77
O4 NAG G . -0.35 -33.07 3.54
O5 NAG G . 3.25 -33.65 3.69
O6 NAG G . 1.68 -34.63 5.78
O7 NAG G . 2.84 -35.39 -0.91
C1 BMA G . -1.44 -33.97 3.21
C2 BMA G . -1.18 -35.39 3.74
C3 BMA G . -2.35 -36.30 3.41
C4 BMA G . -3.66 -35.70 3.88
C5 BMA G . -3.79 -34.29 3.31
C6 BMA G . -5.10 -33.66 3.75
O2 BMA G . -0.92 -35.38 5.13
O3 BMA G . -2.15 -37.59 3.97
O4 BMA G . -4.75 -36.48 3.45
O5 BMA G . -2.68 -33.52 3.73
O6 BMA G . -6.15 -34.13 2.94
C1 MAN G . -1.77 -38.52 2.94
C2 MAN G . -1.85 -39.94 3.48
C3 MAN G . -0.68 -40.22 4.44
C4 MAN G . 0.65 -39.81 3.82
C5 MAN G . 0.57 -38.37 3.35
C6 MAN G . 1.87 -37.91 2.70
O2 MAN G . -1.81 -40.89 2.43
O3 MAN G . -0.66 -41.59 4.77
O4 MAN G . 1.68 -39.96 4.76
O5 MAN G . -0.49 -38.24 2.40
O6 MAN G . 2.20 -38.74 1.62
C1 MAN G . -3.05 -40.90 1.67
C2 MAN G . -3.50 -42.34 1.47
C3 MAN G . -2.58 -43.08 0.51
C4 MAN G . -2.29 -42.27 -0.75
C5 MAN G . -1.90 -40.85 -0.40
C6 MAN G . -1.72 -40.00 -1.65
O2 MAN G . -4.83 -42.36 1.01
O3 MAN G . -3.20 -44.30 0.14
O4 MAN G . -1.24 -42.87 -1.46
O5 MAN G . -2.91 -40.27 0.41
O6 MAN G . -0.36 -39.73 -1.87
C1 NAG H . 25.88 25.06 -24.01
C2 NAG H . 24.92 25.72 -24.99
C3 NAG H . 24.30 24.67 -25.93
C4 NAG H . 25.37 23.79 -26.54
C5 NAG H . 26.33 23.27 -25.47
C6 NAG H . 27.47 22.44 -26.07
C7 NAG H . 23.83 27.78 -24.25
C8 NAG H . 22.68 28.37 -23.47
N2 NAG H . 23.88 26.45 -24.28
O3 NAG H . 23.58 25.32 -26.95
O4 NAG H . 24.76 22.70 -27.20
O5 NAG H . 26.86 24.36 -24.74
O6 NAG H . 28.25 23.24 -26.93
O7 NAG H . 24.65 28.51 -24.78
C1 NAG I . -4.42 22.60 -5.67
C2 NAG I . -3.67 23.83 -6.22
C3 NAG I . -3.47 23.83 -7.75
C4 NAG I . -3.12 22.44 -8.25
C5 NAG I . -4.24 21.50 -7.84
C6 NAG I . -4.00 20.10 -8.39
C7 NAG I . -4.16 25.69 -4.69
C8 NAG I . -4.94 26.95 -4.50
N2 NAG I . -4.35 25.07 -5.86
O3 NAG I . -2.44 24.72 -8.09
O4 NAG I . -2.99 22.47 -9.66
O5 NAG I . -4.31 21.42 -6.44
O6 NAG I . -3.94 19.19 -7.31
O7 NAG I . -3.41 25.28 -3.82
#